data_7Y0C
#
_entry.id   7Y0C
#
_cell.length_a   79.630
_cell.length_b   148.829
_cell.length_c   157.249
_cell.angle_alpha   90.000
_cell.angle_beta   90.000
_cell.angle_gamma   90.000
#
_symmetry.space_group_name_H-M   'P 21 21 21'
#
loop_
_entity.id
_entity.type
_entity.pdbx_description
1 polymer 'BD55-1403 Fab light chain'
2 polymer 'BD55-1403 Fab heavy chain'
3 polymer 'Spike protein S1'
4 branched beta-D-mannopyranose-(1-4)-2-acetamido-2-deoxy-beta-D-glucopyranose-(1-4)-[alpha-L-fucopyranose-(1-6)]2-acetamido-2-deoxy-beta-D-glucopyranose
5 branched 2-acetamido-2-deoxy-beta-D-glucopyranose-(1-4)-[alpha-L-fucopyranose-(1-6)]2-acetamido-2-deoxy-beta-D-glucopyranose
#
loop_
_entity_poly.entity_id
_entity_poly.type
_entity_poly.pdbx_seq_one_letter_code
_entity_poly.pdbx_strand_id
1 'polypeptide(L)'
;EIVLTQSPGTLSLSPGERATLSCRASQSINSNYLAWYQQKPGQAPRLLIYGASSRATGIPDRFSGSGSGTDFTLTISRLE
PEDFAVYYCQQYGVSPRWTFGQGTKVEIKRTVAAPSVFIFPPSDEQLKSGTASVVCLLNNFYPREAKVQWKVDNALQSGN
SQESVTEQDSKDSTYSLSSTLTLSKADYEKHKVYACEVTHQGLSSPVTKSFNRG
;
B,N
2 'polypeptide(L)'
;QVQLVQSGAEMKKPGSSVKVSCQASGGTFSTYVISWVRQAPGQGLEWMGGIIPIFNTPHYAQKFQGRVTITADESTSTAY
MELSSLTSGDTAVYYCARVSQWELLVYWGQGTLVTVSSASTKGPSVFPLAPSSKSTSGGTAALGCLVKDYFPEPVTVSWN
SGALTSGVHTFPAVLQSSGLYSLSSVVTVPSSSLGTQTYICNVNHKPSNTKVDKKVEP
;
A,M
3 'polypeptide(L)'
;PKITNLCPFDEVFNATRFASVYAWNRKRISNCVADYSVLYNLAPFFTFKCYGVSPTKLNDLCFTNVYADSFVIRGDEVRQ
IAPGQTGNIADYNYKLPDDFTGCVIAWNSNKLDSKVSGNYNYLYRLFRKSNLKPFERDISTEIYQAGNKPCNGVAGFNCY
FPLRSYSFRPTYGVGHQPYRVVVLSFELLHAPATVCGPK
;
E,R
#
loop_
_chem_comp.id
_chem_comp.type
_chem_comp.name
_chem_comp.formula
BMA D-saccharide, beta linking beta-D-mannopyranose 'C6 H12 O6'
FUC L-saccharide, alpha linking alpha-L-fucopyranose 'C6 H12 O5'
NAG D-saccharide, beta linking 2-acetamido-2-deoxy-beta-D-glucopyranose 'C8 H15 N O6'
#
# COMPACT_ATOMS: atom_id res chain seq x y z
N GLU A 1 2.57 -48.81 8.31
CA GLU A 1 3.46 -49.50 7.38
C GLU A 1 3.42 -48.68 6.06
N ILE A 2 4.19 -47.58 6.08
CA ILE A 2 4.41 -46.73 4.93
C ILE A 2 5.63 -47.25 4.19
N VAL A 3 5.61 -47.18 2.87
CA VAL A 3 6.73 -47.55 2.05
C VAL A 3 7.00 -46.38 1.12
N LEU A 4 8.01 -45.57 1.42
CA LEU A 4 8.43 -44.50 0.53
C LEU A 4 9.41 -45.03 -0.51
N THR A 5 9.32 -44.50 -1.71
CA THR A 5 9.99 -45.14 -2.84
C THR A 5 10.54 -44.01 -3.70
N GLN A 6 11.85 -43.86 -3.70
CA GLN A 6 12.47 -42.78 -4.44
C GLN A 6 12.69 -43.17 -5.90
N SER A 7 12.74 -42.16 -6.76
CA SER A 7 12.87 -42.25 -8.21
C SER A 7 13.72 -41.05 -8.60
N PRO A 8 14.69 -41.20 -9.53
CA PRO A 8 15.20 -42.44 -10.09
C PRO A 8 16.09 -43.15 -9.07
N GLY A 9 16.82 -44.19 -9.48
CA GLY A 9 17.87 -44.72 -8.63
C GLY A 9 19.12 -43.85 -8.68
N THR A 10 19.50 -43.42 -9.87
CA THR A 10 20.81 -42.82 -10.06
C THR A 10 20.65 -41.69 -11.06
N LEU A 11 21.24 -40.55 -10.75
CA LEU A 11 21.20 -39.41 -11.64
C LEU A 11 22.63 -38.97 -11.97
N SER A 12 22.97 -39.02 -13.24
CA SER A 12 24.17 -38.40 -13.76
C SER A 12 23.75 -37.13 -14.45
N LEU A 13 24.12 -35.98 -13.92
CA LEU A 13 23.84 -34.80 -14.73
C LEU A 13 25.10 -33.96 -14.74
N SER A 14 25.42 -33.44 -15.91
CA SER A 14 26.50 -32.47 -16.01
C SER A 14 26.12 -31.18 -15.26
N PRO A 15 27.12 -30.42 -14.77
CA PRO A 15 26.81 -29.34 -13.81
C PRO A 15 25.89 -28.26 -14.36
N GLY A 16 25.35 -27.49 -13.43
CA GLY A 16 24.39 -26.44 -13.70
C GLY A 16 23.05 -26.88 -14.24
N GLU A 17 22.61 -28.13 -14.01
CA GLU A 17 21.54 -28.48 -14.90
C GLU A 17 20.38 -28.64 -13.90
N ARG A 18 19.25 -29.22 -14.29
CA ARG A 18 18.08 -29.26 -13.41
C ARG A 18 17.80 -30.65 -12.86
N ALA A 19 18.03 -30.84 -11.55
CA ALA A 19 17.91 -32.13 -10.87
C ALA A 19 16.55 -32.28 -10.19
N THR A 20 15.87 -33.39 -10.45
CA THR A 20 14.49 -33.54 -9.98
C THR A 20 14.31 -34.93 -9.39
N LEU A 21 14.13 -34.99 -8.06
CA LEU A 21 14.06 -36.25 -7.33
C LEU A 21 12.64 -36.44 -6.84
N SER A 22 12.09 -37.60 -7.11
CA SER A 22 10.75 -38.00 -6.71
C SER A 22 10.79 -38.84 -5.44
N CYS A 23 9.71 -38.73 -4.64
CA CYS A 23 9.42 -39.66 -3.57
C CYS A 23 7.92 -39.95 -3.58
N ARG A 24 7.52 -41.24 -3.49
CA ARG A 24 6.14 -41.73 -3.61
C ARG A 24 5.81 -42.52 -2.36
N ALA A 25 4.64 -42.29 -1.79
CA ALA A 25 4.24 -43.13 -0.68
C ALA A 25 3.29 -44.26 -1.10
N SER A 26 3.14 -45.24 -0.20
CA SER A 26 2.19 -46.34 -0.38
C SER A 26 0.82 -46.03 0.21
N GLN A 27 0.65 -44.82 0.73
CA GLN A 27 -0.57 -44.31 1.35
C GLN A 27 -0.48 -42.80 1.18
N SER A 28 -1.45 -42.03 1.68
CA SER A 28 -1.16 -40.61 1.66
C SER A 28 -0.58 -40.18 3.02
N ILE A 29 0.04 -39.00 3.02
CA ILE A 29 0.98 -38.60 4.06
C ILE A 29 0.79 -37.14 4.42
N ASN A 30 0.79 -36.86 5.72
CA ASN A 30 0.48 -35.56 6.29
C ASN A 30 1.34 -34.42 5.73
N SER A 31 2.52 -34.70 5.19
CA SER A 31 3.28 -33.75 4.38
C SER A 31 3.86 -32.59 5.20
N ASN A 32 3.26 -32.27 6.35
CA ASN A 32 4.07 -31.52 7.30
C ASN A 32 5.23 -32.33 7.83
N TYR A 33 5.16 -33.66 7.68
CA TYR A 33 6.03 -34.59 8.35
C TYR A 33 6.83 -35.34 7.30
N LEU A 34 7.38 -34.63 6.34
CA LEU A 34 8.20 -35.26 5.32
C LEU A 34 9.45 -34.42 5.13
N ALA A 35 10.63 -35.08 5.20
CA ALA A 35 11.91 -34.39 5.19
C ALA A 35 12.77 -34.88 4.05
N TRP A 36 13.80 -34.09 3.76
CA TRP A 36 14.81 -34.46 2.77
C TRP A 36 16.20 -34.23 3.35
N TYR A 37 17.04 -35.27 3.25
CA TYR A 37 18.43 -35.27 3.65
C TYR A 37 19.35 -35.43 2.44
N GLN A 38 20.53 -34.81 2.55
CA GLN A 38 21.69 -35.22 1.76
C GLN A 38 22.70 -35.88 2.67
N GLN A 39 23.45 -36.82 2.09
CA GLN A 39 24.53 -37.55 2.77
C GLN A 39 25.73 -37.54 1.86
N LYS A 40 26.72 -36.81 2.20
CA LYS A 40 27.84 -37.20 1.33
C LYS A 40 28.76 -38.19 2.04
N PRO A 41 29.48 -39.11 1.29
CA PRO A 41 30.38 -40.10 1.94
C PRO A 41 31.16 -39.74 3.21
N GLY A 42 31.06 -40.66 4.17
CA GLY A 42 31.70 -40.52 5.46
C GLY A 42 31.18 -39.42 6.34
N GLN A 43 29.94 -38.96 6.12
CA GLN A 43 29.32 -37.95 6.98
C GLN A 43 27.91 -38.37 7.38
N ALA A 44 27.45 -37.81 8.49
CA ALA A 44 26.07 -38.04 8.91
C ALA A 44 25.05 -37.42 7.93
N PRO A 45 23.85 -37.99 7.84
CA PRO A 45 22.79 -37.33 7.07
C PRO A 45 22.61 -35.90 7.55
N ARG A 46 22.39 -35.01 6.59
CA ARG A 46 22.22 -33.59 6.80
C ARG A 46 20.82 -33.17 6.32
N LEU A 47 20.06 -32.53 7.19
CA LEU A 47 18.69 -32.12 6.87
C LEU A 47 18.65 -30.93 5.91
N LEU A 48 17.99 -31.12 4.78
CA LEU A 48 17.80 -30.07 3.78
C LEU A 48 16.42 -29.45 3.90
N ILE A 49 15.40 -30.29 3.81
CA ILE A 49 14.01 -29.88 3.70
C ILE A 49 13.23 -30.58 4.81
N TYR A 50 12.41 -29.80 5.52
CA TYR A 50 11.46 -30.32 6.50
C TYR A 50 10.09 -29.70 6.21
N GLY A 51 9.04 -30.37 6.66
CA GLY A 51 7.67 -29.92 6.42
C GLY A 51 7.29 -29.85 4.96
N ALA A 52 7.84 -30.74 4.17
CA ALA A 52 7.75 -30.81 2.72
C ALA A 52 8.30 -29.59 1.99
N SER A 53 8.31 -28.40 2.61
CA SER A 53 8.55 -27.15 1.89
C SER A 53 9.66 -26.28 2.43
N SER A 54 9.90 -26.31 3.75
CA SER A 54 10.86 -25.43 4.40
C SER A 54 12.31 -25.89 4.19
N ARG A 55 13.19 -24.95 3.87
CA ARG A 55 14.63 -25.17 3.87
C ARG A 55 15.21 -25.07 5.29
N ALA A 56 16.17 -25.91 5.60
CA ALA A 56 16.72 -25.87 6.95
C ALA A 56 17.90 -24.93 7.01
N THR A 57 18.23 -24.51 8.23
CA THR A 57 19.18 -23.42 8.44
C THR A 57 20.50 -23.73 7.71
N GLY A 58 20.98 -22.75 6.93
CA GLY A 58 22.21 -22.88 6.17
C GLY A 58 22.07 -23.49 4.78
N ILE A 59 20.99 -24.22 4.49
CA ILE A 59 20.90 -24.89 3.19
C ILE A 59 20.75 -23.86 2.07
N PRO A 60 21.47 -24.00 0.94
CA PRO A 60 21.42 -22.97 -0.10
C PRO A 60 20.06 -22.83 -0.74
N ASP A 61 19.87 -21.68 -1.40
CA ASP A 61 18.59 -21.39 -2.04
C ASP A 61 18.26 -22.36 -3.15
N ARG A 62 19.26 -22.84 -3.86
CA ARG A 62 18.91 -23.63 -5.05
C ARG A 62 18.33 -25.02 -4.73
N PHE A 63 18.15 -25.37 -3.44
CA PHE A 63 17.41 -26.57 -3.04
C PHE A 63 15.98 -26.21 -2.67
N SER A 64 15.04 -27.12 -2.95
CA SER A 64 13.62 -26.80 -2.81
C SER A 64 12.75 -28.04 -2.88
N GLY A 65 11.80 -28.16 -1.98
CA GLY A 65 10.88 -29.30 -1.95
C GLY A 65 9.43 -28.86 -2.05
N SER A 66 8.63 -29.66 -2.74
CA SER A 66 7.19 -29.44 -2.81
C SER A 66 6.49 -30.79 -2.86
N GLY A 67 5.18 -30.76 -3.03
CA GLY A 67 4.40 -31.97 -3.17
C GLY A 67 3.43 -32.16 -2.02
N SER A 68 2.59 -33.18 -2.16
CA SER A 68 1.54 -33.44 -1.17
C SER A 68 1.03 -34.86 -1.35
N GLY A 69 0.30 -35.32 -0.35
CA GLY A 69 -0.46 -36.55 -0.46
C GLY A 69 0.37 -37.81 -0.63
N THR A 70 0.77 -38.13 -1.86
CA THR A 70 1.48 -39.37 -2.14
C THR A 70 2.70 -39.17 -3.04
N ASP A 71 3.20 -37.94 -3.14
CA ASP A 71 4.04 -37.43 -4.21
C ASP A 71 4.73 -36.11 -3.87
N PHE A 72 6.00 -36.22 -3.52
CA PHE A 72 6.82 -35.16 -2.98
C PHE A 72 8.09 -35.08 -3.80
N THR A 73 8.67 -33.88 -3.86
CA THR A 73 9.71 -33.64 -4.84
C THR A 73 10.77 -32.70 -4.30
N LEU A 74 11.99 -33.20 -4.19
CA LEU A 74 13.16 -32.36 -3.98
C LEU A 74 13.69 -31.93 -5.34
N THR A 75 13.98 -30.64 -5.49
CA THR A 75 14.52 -30.06 -6.72
C THR A 75 15.81 -29.29 -6.43
N ILE A 76 16.87 -29.61 -7.19
CA ILE A 76 18.10 -28.82 -7.20
C ILE A 76 18.13 -28.05 -8.51
N SER A 77 18.20 -26.73 -8.43
CA SER A 77 18.05 -25.91 -9.62
C SER A 77 19.37 -25.79 -10.41
N ARG A 78 20.47 -25.43 -9.73
CA ARG A 78 21.79 -25.14 -10.31
C ARG A 78 22.78 -26.12 -9.72
N LEU A 79 22.85 -27.31 -10.30
CA LEU A 79 23.62 -28.38 -9.70
C LEU A 79 25.10 -28.01 -9.75
N GLU A 80 25.85 -28.25 -8.66
CA GLU A 80 27.24 -27.79 -8.60
C GLU A 80 28.26 -28.94 -8.52
N PRO A 81 29.59 -28.68 -8.45
CA PRO A 81 30.52 -29.84 -8.38
C PRO A 81 30.16 -30.75 -7.21
N GLU A 82 30.03 -30.10 -6.04
CA GLU A 82 29.91 -30.70 -4.72
C GLU A 82 28.45 -30.96 -4.38
N ASP A 83 27.83 -31.76 -5.16
CA ASP A 83 26.40 -31.74 -4.97
C ASP A 83 25.87 -33.11 -5.35
N PHE A 84 26.80 -34.02 -5.61
CA PHE A 84 26.54 -35.44 -5.61
C PHE A 84 26.47 -35.94 -4.17
N ALA A 85 25.51 -36.82 -3.91
CA ALA A 85 25.30 -37.43 -2.60
C ALA A 85 24.29 -38.52 -2.78
N VAL A 86 23.99 -39.23 -1.71
CA VAL A 86 22.78 -40.02 -1.67
C VAL A 86 21.75 -39.16 -0.94
N TYR A 87 20.56 -39.01 -1.55
CA TYR A 87 19.49 -38.20 -0.98
C TYR A 87 18.42 -39.14 -0.47
N TYR A 88 18.03 -38.95 0.80
CA TYR A 88 16.97 -39.74 1.41
C TYR A 88 15.79 -38.84 1.72
N CYS A 89 14.59 -39.39 1.55
CA CYS A 89 13.33 -38.74 1.93
C CYS A 89 12.78 -39.50 3.12
N GLN A 90 12.50 -38.80 4.21
CA GLN A 90 11.97 -39.46 5.39
C GLN A 90 10.56 -38.97 5.69
N GLN A 91 9.72 -39.86 6.22
CA GLN A 91 8.45 -39.45 6.81
C GLN A 91 8.46 -39.69 8.31
N TYR A 92 7.83 -38.80 9.07
CA TYR A 92 7.97 -38.81 10.53
C TYR A 92 6.77 -38.19 11.23
N GLY A 93 6.07 -38.92 12.09
CA GLY A 93 5.02 -38.31 12.91
C GLY A 93 5.50 -37.61 14.20
N VAL A 94 4.54 -37.06 14.95
CA VAL A 94 4.75 -36.87 16.38
C VAL A 94 4.24 -38.14 17.06
N SER A 95 4.79 -39.26 16.63
CA SER A 95 4.53 -40.56 17.22
C SER A 95 5.66 -41.49 16.78
N PRO A 96 5.89 -42.57 17.53
CA PRO A 96 6.90 -43.55 17.12
C PRO A 96 6.51 -44.35 15.89
N ARG A 97 6.51 -43.73 14.68
CA ARG A 97 6.36 -44.49 13.42
C ARG A 97 6.96 -43.66 12.28
N TRP A 98 8.20 -43.99 11.88
CA TRP A 98 8.87 -43.28 10.80
C TRP A 98 9.32 -44.28 9.73
N THR A 99 9.78 -43.75 8.58
CA THR A 99 10.30 -44.59 7.49
C THR A 99 11.24 -43.73 6.65
N PHE A 100 12.11 -44.41 5.90
CA PHE A 100 13.01 -43.77 4.95
C PHE A 100 12.83 -44.37 3.57
N GLY A 101 13.47 -43.74 2.58
CA GLY A 101 13.51 -44.26 1.23
C GLY A 101 14.88 -44.85 0.96
N GLN A 102 14.90 -45.95 0.19
CA GLN A 102 16.14 -46.63 -0.21
C GLN A 102 17.25 -45.69 -0.70
N GLY A 103 16.94 -44.47 -1.09
CA GLY A 103 17.94 -43.49 -1.47
C GLY A 103 17.92 -43.21 -2.97
N THR A 104 18.55 -42.09 -3.35
CA THR A 104 18.74 -41.74 -4.76
C THR A 104 20.15 -41.15 -4.89
N LYS A 105 20.95 -41.72 -5.79
CA LYS A 105 22.35 -41.34 -5.95
C LYS A 105 22.50 -40.38 -7.11
N VAL A 106 23.14 -39.23 -6.87
CA VAL A 106 23.26 -38.15 -7.84
C VAL A 106 24.75 -38.00 -8.10
N GLU A 107 25.17 -37.80 -9.36
CA GLU A 107 26.61 -37.68 -9.63
C GLU A 107 26.90 -36.80 -10.84
N ILE A 108 28.10 -36.21 -10.89
CA ILE A 108 28.52 -35.31 -12.01
C ILE A 108 28.84 -36.10 -13.27
N LYS A 109 28.56 -35.53 -14.44
CA LYS A 109 28.85 -36.20 -15.74
C LYS A 109 30.01 -35.48 -16.41
N ARG A 110 31.04 -36.23 -16.80
CA ARG A 110 32.26 -35.64 -17.37
C ARG A 110 32.43 -36.19 -18.79
N THR A 111 33.41 -35.67 -19.51
CA THR A 111 33.93 -36.32 -20.73
C THR A 111 34.68 -37.55 -20.26
N VAL A 112 34.64 -38.62 -21.04
CA VAL A 112 35.27 -39.87 -20.58
C VAL A 112 36.75 -39.59 -20.36
N ALA A 113 37.29 -40.02 -19.22
CA ALA A 113 38.73 -39.87 -18.96
C ALA A 113 39.35 -41.25 -18.87
N ALA A 114 40.54 -41.40 -19.43
CA ALA A 114 41.17 -42.73 -19.44
C ALA A 114 42.03 -42.90 -18.20
N PRO A 115 42.19 -44.09 -17.60
CA PRO A 115 42.98 -44.17 -16.37
C PRO A 115 44.47 -44.41 -16.59
N SER A 116 45.29 -43.64 -15.87
CA SER A 116 46.69 -44.00 -15.69
C SER A 116 46.84 -45.19 -14.74
N VAL A 117 47.79 -46.08 -15.03
CA VAL A 117 47.85 -47.36 -14.35
C VAL A 117 49.24 -47.57 -13.77
N PHE A 118 49.29 -47.95 -12.50
CA PHE A 118 50.55 -48.15 -11.78
C PHE A 118 50.48 -49.47 -11.03
N ILE A 119 51.58 -50.23 -11.02
CA ILE A 119 51.64 -51.44 -10.22
C ILE A 119 52.76 -51.27 -9.20
N PHE A 120 52.56 -51.81 -8.01
CA PHE A 120 53.46 -51.61 -6.88
C PHE A 120 53.80 -52.96 -6.28
N PRO A 121 55.04 -53.45 -6.39
CA PRO A 121 55.40 -54.77 -5.80
C PRO A 121 55.36 -54.71 -4.29
N PRO A 122 55.33 -55.85 -3.61
CA PRO A 122 55.37 -55.81 -2.14
C PRO A 122 56.69 -55.23 -1.72
N SER A 123 56.65 -54.37 -0.69
CA SER A 123 57.87 -53.78 -0.17
C SER A 123 58.75 -54.84 0.52
N ASP A 124 60.07 -54.60 0.56
CA ASP A 124 60.93 -55.55 1.24
C ASP A 124 60.56 -55.61 2.71
N GLU A 125 60.27 -54.44 3.29
CA GLU A 125 59.92 -54.36 4.70
C GLU A 125 58.76 -55.30 5.01
N GLN A 126 57.69 -55.18 4.21
CA GLN A 126 56.52 -56.05 4.38
C GLN A 126 56.88 -57.51 4.20
N LEU A 127 57.73 -57.80 3.22
CA LEU A 127 58.10 -59.19 2.92
C LEU A 127 58.53 -59.95 4.16
N LYS A 128 59.38 -59.32 5.00
CA LYS A 128 59.84 -60.01 6.21
C LYS A 128 58.72 -60.31 7.20
N SER A 129 57.53 -59.75 7.02
CA SER A 129 56.46 -60.04 7.97
C SER A 129 55.78 -61.38 7.69
N GLY A 130 55.92 -61.91 6.47
CA GLY A 130 55.28 -63.16 6.11
C GLY A 130 54.14 -63.08 5.11
N THR A 131 53.87 -61.90 4.56
CA THR A 131 52.78 -61.65 3.64
C THR A 131 53.31 -60.85 2.46
N ALA A 132 52.60 -60.86 1.33
CA ALA A 132 52.91 -59.98 0.21
C ALA A 132 51.65 -59.27 -0.28
N SER A 133 51.80 -58.02 -0.71
CA SER A 133 50.64 -57.30 -1.21
C SER A 133 51.05 -56.57 -2.48
N VAL A 134 50.65 -57.12 -3.61
CA VAL A 134 50.78 -56.42 -4.87
C VAL A 134 49.60 -55.46 -4.98
N VAL A 135 49.82 -54.27 -5.51
CA VAL A 135 48.81 -53.24 -5.49
C VAL A 135 48.76 -52.60 -6.85
N CYS A 136 47.54 -52.38 -7.36
CA CYS A 136 47.30 -51.79 -8.68
C CYS A 136 46.50 -50.53 -8.53
N LEU A 137 47.02 -49.44 -9.09
CA LEU A 137 46.36 -48.15 -9.03
C LEU A 137 45.85 -47.78 -10.43
N LEU A 138 44.55 -47.52 -10.52
CA LEU A 138 43.93 -46.80 -11.65
C LEU A 138 43.66 -45.40 -11.17
N ASN A 139 44.10 -44.39 -11.91
CA ASN A 139 44.21 -43.13 -11.20
C ASN A 139 43.12 -42.08 -11.41
N ASN A 140 42.84 -41.57 -12.61
CA ASN A 140 41.85 -40.45 -12.63
C ASN A 140 40.89 -40.62 -13.80
N PHE A 141 39.73 -41.22 -13.57
CA PHE A 141 38.97 -41.67 -14.73
C PHE A 141 37.49 -41.42 -14.53
N TYR A 142 36.79 -41.22 -15.66
CA TYR A 142 35.34 -41.24 -15.85
C TYR A 142 35.07 -42.12 -17.05
N PRO A 143 34.00 -42.93 -17.05
CA PRO A 143 33.03 -43.24 -16.00
C PRO A 143 33.54 -44.21 -14.94
N ARG A 144 32.67 -44.60 -14.02
CA ARG A 144 33.15 -45.35 -12.87
C ARG A 144 33.58 -46.71 -13.30
N GLU A 145 32.75 -47.36 -14.13
CA GLU A 145 32.88 -48.80 -14.32
C GLU A 145 34.20 -49.13 -14.99
N ALA A 146 35.03 -49.86 -14.26
CA ALA A 146 36.30 -50.34 -14.77
C ALA A 146 36.46 -51.78 -14.32
N LYS A 147 37.23 -52.53 -15.11
CA LYS A 147 37.46 -53.94 -14.88
C LYS A 147 38.96 -54.14 -14.61
N VAL A 148 39.29 -54.92 -13.58
CA VAL A 148 40.69 -55.15 -13.23
C VAL A 148 40.94 -56.65 -13.10
N GLN A 149 41.97 -57.15 -13.79
CA GLN A 149 42.29 -58.56 -13.89
C GLN A 149 43.71 -58.79 -13.43
N TRP A 150 43.89 -59.70 -12.45
CA TRP A 150 45.20 -60.00 -11.88
C TRP A 150 45.77 -61.28 -12.49
N LYS A 151 47.01 -61.23 -12.96
CA LYS A 151 47.67 -62.42 -13.51
C LYS A 151 48.92 -62.76 -12.73
N VAL A 152 48.98 -63.98 -12.23
CA VAL A 152 50.18 -64.55 -11.60
C VAL A 152 50.78 -65.55 -12.58
N ASP A 153 51.96 -65.19 -13.10
CA ASP A 153 52.54 -65.85 -14.28
C ASP A 153 51.53 -65.61 -15.39
N ASN A 154 50.96 -66.62 -16.03
CA ASN A 154 49.87 -66.23 -16.90
C ASN A 154 48.52 -66.76 -16.43
N ALA A 155 48.42 -67.10 -15.15
CA ALA A 155 47.18 -67.59 -14.56
C ALA A 155 46.32 -66.43 -14.03
N LEU A 156 45.00 -66.54 -14.13
CA LEU A 156 44.17 -65.41 -13.76
C LEU A 156 43.69 -65.63 -12.31
N GLN A 157 43.67 -64.54 -11.53
CA GLN A 157 43.53 -64.62 -10.07
C GLN A 157 42.18 -64.07 -9.60
N SER A 158 41.19 -64.95 -9.53
CA SER A 158 39.89 -64.67 -8.96
C SER A 158 39.89 -65.08 -7.49
N GLY A 159 39.47 -64.16 -6.61
CA GLY A 159 39.13 -64.49 -5.24
C GLY A 159 40.10 -64.04 -4.15
N ASN A 160 41.19 -63.39 -4.50
CA ASN A 160 42.12 -63.00 -3.45
C ASN A 160 42.59 -61.57 -3.66
N SER A 161 41.72 -60.76 -4.29
CA SER A 161 41.95 -59.36 -4.53
C SER A 161 40.71 -58.58 -4.10
N GLN A 162 40.95 -57.37 -3.62
CA GLN A 162 39.88 -56.47 -3.21
C GLN A 162 40.09 -55.10 -3.82
N GLU A 163 38.99 -54.48 -4.22
CA GLU A 163 38.96 -53.17 -4.83
C GLU A 163 38.39 -52.19 -3.82
N SER A 164 38.82 -50.95 -3.93
CA SER A 164 38.25 -49.85 -3.17
C SER A 164 38.15 -48.66 -4.11
N VAL A 165 37.05 -47.90 -4.04
CA VAL A 165 36.84 -46.81 -5.00
C VAL A 165 36.72 -45.49 -4.26
N THR A 166 37.58 -44.55 -4.64
CA THR A 166 37.56 -43.24 -4.02
C THR A 166 36.28 -42.52 -4.45
N GLU A 167 35.81 -41.58 -3.64
CA GLU A 167 34.63 -40.84 -4.10
C GLU A 167 34.99 -39.79 -5.16
N GLN A 168 33.96 -39.39 -5.91
CA GLN A 168 34.14 -38.55 -7.09
C GLN A 168 34.78 -37.23 -6.72
N ASP A 169 35.77 -36.80 -7.49
CA ASP A 169 36.42 -35.56 -7.08
C ASP A 169 35.47 -34.36 -7.30
N SER A 170 35.72 -33.28 -6.55
CA SER A 170 34.97 -32.04 -6.64
C SER A 170 35.58 -31.01 -7.58
N LYS A 171 36.89 -31.13 -7.90
CA LYS A 171 37.47 -30.35 -9.00
C LYS A 171 37.22 -31.03 -10.35
N ASP A 172 37.94 -32.12 -10.68
CA ASP A 172 37.86 -32.75 -12.00
C ASP A 172 36.77 -33.82 -12.14
N SER A 173 36.14 -34.23 -11.03
CA SER A 173 35.00 -35.16 -11.03
C SER A 173 35.37 -36.54 -11.56
N THR A 174 36.60 -36.99 -11.31
CA THR A 174 37.02 -38.32 -11.74
C THR A 174 37.15 -39.24 -10.54
N TYR A 175 37.09 -40.54 -10.82
CA TYR A 175 37.30 -41.53 -9.77
C TYR A 175 38.76 -42.01 -9.74
N SER A 176 39.07 -42.80 -8.70
CA SER A 176 40.30 -43.56 -8.56
C SER A 176 40.01 -44.93 -7.95
N LEU A 177 40.96 -45.84 -8.13
CA LEU A 177 40.70 -47.23 -7.78
C LEU A 177 42.02 -47.93 -7.48
N SER A 178 41.95 -48.85 -6.54
CA SER A 178 43.12 -49.58 -6.08
C SER A 178 42.72 -51.05 -5.93
N SER A 179 43.38 -51.94 -6.67
CA SER A 179 43.17 -53.36 -6.43
C SER A 179 44.39 -53.93 -5.71
N THR A 180 44.15 -54.72 -4.67
CA THR A 180 45.20 -55.28 -3.85
C THR A 180 45.15 -56.79 -3.94
N LEU A 181 46.22 -57.40 -4.43
CA LEU A 181 46.38 -58.85 -4.42
C LEU A 181 47.21 -59.25 -3.20
N THR A 182 46.73 -60.22 -2.43
CA THR A 182 47.42 -60.63 -1.20
C THR A 182 47.74 -62.11 -1.28
N LEU A 183 49.04 -62.41 -1.25
CA LEU A 183 49.59 -63.76 -1.27
C LEU A 183 50.41 -63.94 0.00
N SER A 184 50.66 -65.16 0.42
CA SER A 184 51.69 -65.28 1.45
C SER A 184 53.08 -65.10 0.84
N LYS A 185 54.07 -64.76 1.70
CA LYS A 185 55.45 -64.62 1.20
C LYS A 185 55.89 -65.92 0.55
N ALA A 186 55.49 -67.04 1.14
CA ALA A 186 55.55 -68.38 0.56
C ALA A 186 55.19 -68.38 -0.93
N ASP A 187 53.93 -68.07 -1.24
CA ASP A 187 53.45 -68.22 -2.61
C ASP A 187 54.05 -67.17 -3.52
N TYR A 188 54.26 -65.96 -2.98
CA TYR A 188 54.77 -64.86 -3.78
C TYR A 188 56.11 -65.23 -4.41
N GLU A 189 56.93 -66.01 -3.70
CA GLU A 189 58.26 -66.34 -4.18
C GLU A 189 58.29 -67.66 -4.96
N LYS A 190 57.16 -68.34 -5.08
CA LYS A 190 56.99 -69.43 -6.02
C LYS A 190 56.76 -68.97 -7.45
N HIS A 191 56.34 -67.71 -7.66
CA HIS A 191 55.99 -67.24 -9.01
C HIS A 191 56.89 -66.07 -9.38
N LYS A 192 56.77 -65.60 -10.62
CA LYS A 192 57.73 -64.59 -11.09
C LYS A 192 57.11 -63.39 -11.78
N VAL A 193 56.07 -63.57 -12.61
CA VAL A 193 55.49 -62.46 -13.37
C VAL A 193 54.12 -62.08 -12.79
N TYR A 194 54.07 -60.92 -12.15
CA TYR A 194 52.85 -60.31 -11.63
C TYR A 194 52.39 -59.23 -12.61
N ALA A 195 51.12 -59.32 -13.02
CA ALA A 195 50.58 -58.38 -13.99
C ALA A 195 49.16 -57.95 -13.62
N CYS A 196 48.81 -56.79 -14.14
CA CYS A 196 47.57 -56.10 -13.80
C CYS A 196 46.96 -55.70 -15.13
N GLU A 197 45.85 -56.31 -15.55
CA GLU A 197 45.24 -55.93 -16.82
C GLU A 197 43.93 -55.14 -16.61
N VAL A 198 43.89 -53.93 -17.18
CA VAL A 198 42.88 -52.92 -16.87
C VAL A 198 42.02 -52.66 -18.11
N THR A 199 40.77 -53.06 -18.08
CA THR A 199 39.79 -52.70 -19.12
C THR A 199 38.99 -51.49 -18.67
N HIS A 200 38.92 -50.49 -19.54
CA HIS A 200 38.13 -49.31 -19.25
C HIS A 200 37.61 -48.73 -20.54
N GLN A 201 36.45 -48.06 -20.45
CA GLN A 201 35.84 -47.51 -21.64
C GLN A 201 36.73 -46.49 -22.34
N GLY A 202 37.51 -45.72 -21.60
CA GLY A 202 38.37 -44.73 -22.22
C GLY A 202 39.54 -45.28 -23.02
N LEU A 203 39.70 -46.61 -23.02
CA LEU A 203 40.85 -47.32 -23.57
C LEU A 203 40.41 -48.17 -24.76
N SER A 204 41.17 -48.12 -25.85
CA SER A 204 40.82 -48.87 -27.05
C SER A 204 40.85 -50.37 -26.78
N SER A 205 41.91 -50.83 -26.12
CA SER A 205 42.14 -52.23 -25.79
C SER A 205 42.76 -52.24 -24.40
N PRO A 206 42.51 -53.28 -23.60
CA PRO A 206 42.94 -53.21 -22.19
C PRO A 206 44.45 -53.08 -22.07
N VAL A 207 44.86 -52.16 -21.18
CA VAL A 207 46.25 -51.89 -20.82
C VAL A 207 46.73 -52.91 -19.80
N THR A 208 47.98 -53.35 -19.92
CA THR A 208 48.60 -54.16 -18.86
C THR A 208 49.88 -53.50 -18.32
N LYS A 209 50.09 -53.66 -17.02
CA LYS A 209 51.29 -53.24 -16.32
C LYS A 209 51.81 -54.45 -15.54
N SER A 210 53.11 -54.77 -15.70
CA SER A 210 53.63 -55.98 -15.08
C SER A 210 55.01 -55.73 -14.48
N PHE A 211 55.36 -56.58 -13.50
CA PHE A 211 56.71 -56.59 -12.94
C PHE A 211 57.21 -58.04 -12.75
N ASN A 212 58.52 -58.22 -12.82
CA ASN A 212 59.16 -59.50 -12.56
C ASN A 212 59.83 -59.47 -11.19
N ARG A 213 59.45 -60.40 -10.32
CA ARG A 213 60.03 -60.43 -8.99
C ARG A 213 61.57 -60.45 -9.03
N GLY A 214 62.21 -59.36 -8.61
CA GLY A 214 63.64 -59.14 -8.82
C GLY A 214 63.93 -58.04 -9.85
N GLN B 1 18.72 -24.60 21.37
CA GLN B 1 19.40 -25.83 21.02
C GLN B 1 19.48 -26.78 22.21
N VAL B 2 18.91 -27.98 22.04
CA VAL B 2 18.97 -29.05 23.04
C VAL B 2 19.81 -30.18 22.45
N GLN B 3 20.86 -30.60 23.17
CA GLN B 3 21.90 -31.47 22.62
C GLN B 3 21.61 -32.94 22.89
N LEU B 4 21.98 -33.78 21.92
CA LEU B 4 21.83 -35.25 21.96
C LEU B 4 23.19 -35.95 22.04
N VAL B 5 23.71 -36.18 23.26
CA VAL B 5 24.99 -36.86 23.44
C VAL B 5 24.79 -38.38 23.42
N GLN B 6 25.32 -39.00 22.40
CA GLN B 6 25.32 -40.44 22.35
C GLN B 6 26.55 -41.03 23.04
N SER B 7 26.40 -42.26 23.51
CA SER B 7 27.52 -43.02 24.06
C SER B 7 28.50 -43.45 22.94
N GLY B 8 29.70 -43.85 23.38
CA GLY B 8 30.83 -43.99 22.48
C GLY B 8 30.92 -45.30 21.73
N ALA B 9 31.86 -45.35 20.77
CA ALA B 9 32.01 -46.50 19.89
C ALA B 9 32.08 -47.79 20.70
N GLU B 10 31.58 -48.88 20.12
CA GLU B 10 31.70 -50.16 20.80
C GLU B 10 32.13 -51.24 19.82
N MET B 11 32.62 -52.33 20.43
CA MET B 11 32.95 -53.57 19.74
C MET B 11 32.24 -54.66 20.55
N LYS B 12 31.46 -55.49 19.88
CA LYS B 12 30.80 -56.56 20.61
C LYS B 12 31.10 -57.89 19.91
N LYS B 13 31.26 -58.92 20.71
CA LYS B 13 31.56 -60.14 19.97
C LYS B 13 30.26 -60.75 19.48
N PRO B 14 30.26 -61.46 18.34
CA PRO B 14 29.00 -61.94 17.77
C PRO B 14 28.28 -62.82 18.77
N GLY B 15 26.95 -62.76 18.72
CA GLY B 15 26.13 -63.46 19.67
C GLY B 15 25.81 -62.67 20.92
N SER B 16 26.45 -61.53 21.14
CA SER B 16 26.18 -60.77 22.34
C SER B 16 25.11 -59.72 22.09
N SER B 17 24.96 -58.83 23.05
CA SER B 17 24.04 -57.72 22.93
C SER B 17 24.80 -56.42 23.23
N VAL B 18 24.19 -55.30 22.82
CA VAL B 18 24.74 -53.95 23.00
C VAL B 18 23.61 -53.03 23.43
N LYS B 19 23.97 -51.99 24.21
CA LYS B 19 23.03 -51.02 24.77
C LYS B 19 23.65 -49.65 24.56
N VAL B 20 23.15 -48.93 23.53
CA VAL B 20 23.61 -47.59 23.19
C VAL B 20 22.73 -46.64 23.98
N SER B 21 23.25 -45.48 24.35
CA SER B 21 22.47 -44.58 25.18
C SER B 21 22.39 -43.20 24.53
N CYS B 22 21.36 -42.46 24.90
CA CYS B 22 21.12 -41.17 24.28
C CYS B 22 20.56 -40.23 25.33
N GLN B 23 21.19 -39.08 25.55
CA GLN B 23 20.79 -38.19 26.62
C GLN B 23 20.39 -36.81 26.10
N ALA B 24 19.27 -36.28 26.64
CA ALA B 24 18.74 -34.95 26.35
C ALA B 24 19.08 -33.98 27.49
N SER B 25 20.02 -33.09 27.25
CA SER B 25 20.20 -31.94 28.11
C SER B 25 18.92 -31.11 28.14
N GLY B 26 18.30 -30.97 29.31
CA GLY B 26 17.30 -29.92 29.50
C GLY B 26 15.99 -30.11 28.72
N GLY B 27 15.55 -29.03 28.08
CA GLY B 27 14.35 -29.10 27.25
C GLY B 27 13.15 -29.72 27.97
N THR B 28 12.50 -30.67 27.30
CA THR B 28 11.31 -31.32 27.77
C THR B 28 11.39 -32.77 27.28
N PHE B 29 12.34 -33.49 27.90
CA PHE B 29 12.65 -34.87 27.52
C PHE B 29 11.41 -35.75 27.49
N SER B 30 10.46 -35.48 28.38
CA SER B 30 9.37 -36.43 28.57
C SER B 30 8.40 -36.40 27.40
N THR B 31 8.29 -35.27 26.68
CA THR B 31 7.28 -35.09 25.64
C THR B 31 7.91 -35.02 24.26
N TYR B 32 9.16 -35.44 24.11
CA TYR B 32 9.72 -35.69 22.80
C TYR B 32 9.35 -37.09 22.36
N VAL B 33 9.38 -37.34 21.05
CA VAL B 33 9.42 -38.71 20.58
C VAL B 33 10.87 -38.99 20.25
N ILE B 34 11.44 -39.99 20.96
CA ILE B 34 12.83 -40.39 20.82
C ILE B 34 12.85 -41.54 19.84
N SER B 35 13.88 -41.62 19.03
CA SER B 35 13.82 -42.62 17.99
C SER B 35 15.24 -43.04 17.60
N TRP B 36 15.43 -44.32 17.22
CA TRP B 36 16.75 -44.86 16.88
C TRP B 36 16.85 -45.27 15.40
N VAL B 37 17.94 -44.87 14.75
CA VAL B 37 18.13 -45.07 13.31
C VAL B 37 19.50 -45.74 13.06
N ARG B 38 19.49 -46.78 12.24
CA ARG B 38 20.68 -47.56 11.91
C ARG B 38 21.14 -47.27 10.48
N GLN B 39 22.43 -47.19 10.25
CA GLN B 39 22.94 -47.27 8.88
C GLN B 39 24.11 -48.26 8.80
N ALA B 40 23.88 -49.45 8.23
CA ALA B 40 25.00 -50.34 7.90
C ALA B 40 25.83 -49.71 6.81
N PRO B 41 27.13 -50.00 6.76
CA PRO B 41 28.00 -49.23 5.85
C PRO B 41 27.75 -49.57 4.37
N GLY B 42 27.69 -48.51 3.55
CA GLY B 42 27.32 -48.65 2.15
C GLY B 42 25.86 -48.90 1.89
N GLN B 43 24.96 -48.44 2.76
CA GLN B 43 23.55 -48.80 2.65
C GLN B 43 22.69 -47.62 3.10
N GLY B 44 21.42 -47.87 3.35
CA GLY B 44 20.57 -46.73 3.60
C GLY B 44 20.02 -46.65 5.01
N LEU B 45 19.63 -45.45 5.43
CA LEU B 45 19.02 -45.27 6.74
C LEU B 45 17.89 -46.27 6.94
N GLU B 46 17.89 -46.93 8.10
CA GLU B 46 16.83 -47.83 8.53
C GLU B 46 16.27 -47.31 9.84
N TRP B 47 14.96 -47.12 9.90
CA TRP B 47 14.32 -46.80 11.15
C TRP B 47 14.13 -48.10 11.96
N MET B 48 14.41 -48.00 13.26
CA MET B 48 14.41 -49.18 14.13
C MET B 48 13.28 -49.17 15.13
N GLY B 49 12.95 -48.03 15.69
CA GLY B 49 11.94 -47.99 16.73
C GLY B 49 12.00 -46.66 17.42
N GLY B 50 11.06 -46.47 18.33
CA GLY B 50 10.91 -45.18 18.97
C GLY B 50 10.05 -45.30 20.21
N ILE B 51 10.06 -44.22 20.98
CA ILE B 51 9.38 -44.18 22.25
C ILE B 51 9.08 -42.72 22.53
N ILE B 52 7.89 -42.47 23.07
CA ILE B 52 7.60 -41.25 23.83
C ILE B 52 7.85 -41.57 25.30
N PRO B 53 8.77 -40.87 25.99
CA PRO B 53 9.04 -41.26 27.37
C PRO B 53 7.82 -41.15 28.27
N ILE B 54 7.01 -40.07 28.16
CA ILE B 54 5.85 -39.89 29.03
C ILE B 54 4.82 -41.01 28.89
N PHE B 55 4.89 -41.79 27.82
CA PHE B 55 3.97 -42.90 27.64
C PHE B 55 4.60 -44.27 27.83
N ASN B 56 5.94 -44.37 27.87
CA ASN B 56 6.66 -45.66 27.94
C ASN B 56 6.14 -46.77 27.05
N THR B 57 5.34 -46.44 26.08
CA THR B 57 4.97 -47.46 25.12
C THR B 57 5.88 -47.26 23.90
N PRO B 58 6.74 -48.23 23.59
CA PRO B 58 7.62 -48.06 22.42
C PRO B 58 7.13 -48.88 21.27
N HIS B 59 7.44 -48.49 20.04
CA HIS B 59 7.05 -49.25 18.87
C HIS B 59 8.31 -49.63 18.07
N TYR B 60 8.29 -50.78 17.43
CA TYR B 60 9.48 -51.21 16.71
C TYR B 60 9.14 -51.43 15.27
N ALA B 61 10.16 -51.52 14.44
CA ALA B 61 9.97 -51.85 13.03
C ALA B 61 9.85 -53.37 12.87
N GLN B 62 9.11 -53.78 11.84
CA GLN B 62 8.85 -55.20 11.64
C GLN B 62 10.14 -55.96 11.38
N LYS B 63 11.19 -55.28 10.92
CA LYS B 63 12.46 -55.97 10.71
C LYS B 63 13.08 -56.42 12.02
N PHE B 64 12.76 -55.77 13.14
CA PHE B 64 13.36 -56.07 14.48
C PHE B 64 12.33 -56.35 15.61
N GLN B 65 11.73 -57.53 15.76
CA GLN B 65 10.92 -57.68 17.03
C GLN B 65 11.72 -58.31 18.16
N GLY B 66 12.22 -59.51 17.88
CA GLY B 66 12.79 -60.31 18.93
C GLY B 66 14.06 -59.73 19.55
N ARG B 67 14.73 -58.84 18.82
CA ARG B 67 16.08 -58.42 19.12
C ARG B 67 16.15 -57.05 19.78
N VAL B 68 15.48 -56.02 19.23
CA VAL B 68 15.66 -54.68 19.76
C VAL B 68 14.72 -54.47 20.93
N THR B 69 15.06 -53.50 21.79
CA THR B 69 14.21 -53.10 22.90
C THR B 69 14.60 -51.67 23.27
N ILE B 70 13.63 -50.74 23.21
CA ILE B 70 13.90 -49.36 23.56
C ILE B 70 13.30 -49.09 24.91
N THR B 71 13.98 -48.27 25.71
CA THR B 71 13.55 -47.96 27.06
C THR B 71 13.89 -46.49 27.28
N ALA B 72 13.37 -45.90 28.36
CA ALA B 72 13.88 -44.58 28.67
C ALA B 72 13.56 -44.17 30.09
N ASP B 73 14.42 -43.33 30.64
CA ASP B 73 14.54 -43.06 32.07
C ASP B 73 14.30 -41.57 32.33
N GLU B 74 13.15 -41.23 32.93
CA GLU B 74 12.80 -39.82 33.07
C GLU B 74 13.78 -39.04 33.95
N SER B 75 14.46 -39.70 34.90
CA SER B 75 15.23 -38.99 35.94
C SER B 75 16.53 -38.40 35.38
N THR B 76 17.37 -39.22 34.79
CA THR B 76 18.52 -38.71 34.05
C THR B 76 18.23 -38.38 32.60
N SER B 77 16.96 -38.51 32.17
CA SER B 77 16.48 -38.10 30.86
C SER B 77 17.33 -38.67 29.71
N THR B 78 17.49 -40.00 29.71
CA THR B 78 18.18 -40.66 28.63
C THR B 78 17.33 -41.82 28.15
N ALA B 79 17.37 -42.09 26.85
CA ALA B 79 16.80 -43.31 26.30
C ALA B 79 17.93 -44.28 25.97
N TYR B 80 17.56 -45.55 25.95
CA TYR B 80 18.48 -46.62 25.72
C TYR B 80 17.98 -47.45 24.54
N MET B 81 18.89 -48.12 23.87
CA MET B 81 18.57 -49.02 22.78
C MET B 81 19.42 -50.29 22.91
N GLU B 82 18.76 -51.45 22.97
CA GLU B 82 19.35 -52.73 23.36
C GLU B 82 19.14 -53.79 22.29
N LEU B 83 20.17 -54.09 21.50
CA LEU B 83 20.05 -54.99 20.36
C LEU B 83 20.70 -56.35 20.73
N SER B 84 19.92 -57.44 20.76
CA SER B 84 20.40 -58.75 21.17
C SER B 84 20.78 -59.59 19.94
N SER B 85 21.49 -60.71 20.21
CA SER B 85 21.81 -61.74 19.21
C SER B 85 22.63 -61.20 18.03
N LEU B 86 23.71 -60.48 18.31
CA LEU B 86 24.28 -59.72 17.21
C LEU B 86 24.92 -60.64 16.16
N THR B 87 25.11 -60.09 14.96
CA THR B 87 25.82 -60.75 13.88
C THR B 87 26.59 -59.67 13.14
N SER B 88 27.41 -60.09 12.16
CA SER B 88 28.14 -59.10 11.37
C SER B 88 27.22 -58.17 10.57
N GLY B 89 25.98 -58.57 10.29
CA GLY B 89 25.13 -57.65 9.57
C GLY B 89 24.85 -56.37 10.34
N ASP B 90 25.08 -56.38 11.65
CA ASP B 90 24.70 -55.30 12.56
C ASP B 90 25.82 -54.28 12.78
N THR B 91 26.98 -54.47 12.16
CA THR B 91 28.00 -53.43 12.23
C THR B 91 27.49 -52.22 11.49
N ALA B 92 27.27 -51.12 12.21
CA ALA B 92 26.60 -49.95 11.66
C ALA B 92 26.82 -48.74 12.57
N VAL B 93 26.36 -47.59 12.09
CA VAL B 93 26.32 -46.41 12.91
C VAL B 93 24.93 -46.33 13.49
N TYR B 94 24.80 -46.04 14.76
CA TYR B 94 23.49 -46.03 15.39
C TYR B 94 23.22 -44.63 15.93
N TYR B 95 22.19 -43.97 15.37
CA TYR B 95 21.84 -42.60 15.69
C TYR B 95 20.54 -42.54 16.48
N CYS B 96 20.49 -41.73 17.52
CA CYS B 96 19.19 -41.33 18.04
C CYS B 96 18.83 -39.97 17.44
N ALA B 97 17.53 -39.75 17.30
CA ALA B 97 17.02 -38.54 16.70
C ALA B 97 15.70 -38.24 17.38
N ARG B 98 15.40 -36.96 17.61
CA ARG B 98 14.17 -36.59 18.29
C ARG B 98 13.35 -35.62 17.45
N VAL B 99 12.01 -35.68 17.59
CA VAL B 99 11.17 -34.60 17.09
C VAL B 99 10.40 -34.07 18.27
N SER B 100 9.94 -32.84 18.12
CA SER B 100 9.15 -32.18 19.15
C SER B 100 7.81 -31.73 18.60
N GLN B 101 6.82 -31.79 19.47
CA GLN B 101 5.50 -31.23 19.19
C GLN B 101 5.54 -29.71 19.24
N TRP B 102 6.49 -29.00 18.63
CA TRP B 102 6.40 -27.54 18.67
C TRP B 102 7.10 -26.97 17.45
N GLU B 103 7.50 -27.86 16.57
CA GLU B 103 8.50 -27.67 15.53
C GLU B 103 8.58 -28.95 14.71
N LEU B 104 8.96 -28.80 13.46
CA LEU B 104 8.86 -29.80 12.41
C LEU B 104 10.22 -30.33 11.99
N LEU B 105 11.30 -29.75 12.52
CA LEU B 105 12.61 -30.36 12.44
C LEU B 105 12.56 -31.69 13.17
N VAL B 106 13.34 -32.65 12.64
CA VAL B 106 13.77 -33.82 13.39
C VAL B 106 15.25 -33.53 13.70
N TYR B 107 15.63 -33.62 14.98
CA TYR B 107 17.01 -33.35 15.36
C TYR B 107 17.78 -34.68 15.53
N TRP B 108 19.02 -34.69 15.08
CA TRP B 108 19.82 -35.91 15.10
C TRP B 108 20.93 -35.85 16.15
N GLY B 109 21.31 -37.02 16.67
CA GLY B 109 22.49 -37.15 17.50
C GLY B 109 23.76 -37.36 16.69
N GLN B 110 24.85 -37.65 17.43
CA GLN B 110 26.22 -37.70 16.86
C GLN B 110 26.42 -38.92 15.96
N GLY B 111 25.83 -40.03 16.33
CA GLY B 111 26.21 -41.33 15.81
C GLY B 111 27.14 -42.10 16.73
N THR B 112 27.04 -43.42 16.68
CA THR B 112 27.80 -44.34 17.52
C THR B 112 28.16 -45.55 16.67
N LEU B 113 29.45 -45.80 16.45
CA LEU B 113 29.76 -46.99 15.67
C LEU B 113 29.74 -48.23 16.57
N VAL B 114 28.97 -49.24 16.19
CA VAL B 114 29.08 -50.55 16.80
C VAL B 114 29.71 -51.47 15.77
N THR B 115 30.84 -52.09 16.12
CA THR B 115 31.48 -53.08 15.26
C THR B 115 31.28 -54.44 15.90
N VAL B 116 30.77 -55.38 15.11
CA VAL B 116 30.55 -56.74 15.58
C VAL B 116 31.60 -57.65 14.93
N SER B 117 32.46 -58.19 15.79
CA SER B 117 33.63 -58.90 15.32
C SER B 117 34.27 -59.51 16.56
N SER B 118 34.99 -60.60 16.33
CA SER B 118 35.78 -61.21 17.40
C SER B 118 37.17 -60.63 17.52
N ALA B 119 37.60 -59.79 16.58
CA ALA B 119 38.95 -59.24 16.55
C ALA B 119 39.30 -58.46 17.82
N SER B 120 40.58 -58.17 17.94
CA SER B 120 41.05 -57.42 19.11
C SER B 120 41.68 -56.14 18.59
N THR B 121 41.61 -55.09 19.36
CA THR B 121 42.15 -53.81 18.90
C THR B 121 43.57 -54.06 18.46
N LYS B 122 43.80 -53.94 17.16
CA LYS B 122 45.15 -53.98 16.58
C LYS B 122 45.39 -52.71 15.79
N GLY B 123 46.62 -52.25 15.80
CA GLY B 123 46.96 -51.04 15.07
C GLY B 123 47.60 -51.39 13.78
N PRO B 124 47.72 -50.43 12.86
CA PRO B 124 48.21 -50.74 11.56
C PRO B 124 49.70 -50.95 11.28
N SER B 125 50.02 -51.87 10.38
CA SER B 125 51.40 -51.96 9.91
C SER B 125 51.45 -51.18 8.60
N VAL B 126 52.46 -50.34 8.43
CA VAL B 126 52.50 -49.42 7.31
C VAL B 126 53.69 -49.73 6.43
N PHE B 127 53.44 -49.85 5.14
CA PHE B 127 54.48 -50.28 4.23
C PHE B 127 54.54 -49.30 3.09
N PRO B 128 55.73 -49.10 2.53
CA PRO B 128 55.84 -48.17 1.39
C PRO B 128 55.40 -48.82 0.07
N LEU B 129 54.52 -48.14 -0.64
CA LEU B 129 54.35 -48.38 -2.07
C LEU B 129 55.31 -47.42 -2.75
N ALA B 130 56.51 -47.93 -3.08
CA ALA B 130 57.64 -47.13 -3.54
C ALA B 130 57.56 -46.88 -5.05
N PRO B 131 57.67 -45.62 -5.50
CA PRO B 131 57.64 -45.33 -6.94
C PRO B 131 58.71 -46.09 -7.69
N SER B 132 58.39 -46.41 -8.95
CA SER B 132 59.24 -47.23 -9.80
C SER B 132 59.95 -46.36 -10.82
N SER B 133 60.86 -47.00 -11.55
CA SER B 133 61.70 -46.31 -12.52
C SER B 133 61.13 -46.42 -13.94
N LYS B 134 59.88 -45.95 -14.08
CA LYS B 134 59.23 -45.62 -15.34
C LYS B 134 59.44 -44.15 -15.68
N SER B 135 59.14 -43.26 -14.72
CA SER B 135 59.43 -41.80 -14.76
C SER B 135 58.82 -41.11 -16.00
N THR B 136 57.76 -41.69 -16.56
CA THR B 136 57.37 -41.37 -17.94
C THR B 136 55.94 -40.91 -18.14
N SER B 137 55.07 -40.94 -17.11
CA SER B 137 53.62 -40.72 -17.32
C SER B 137 53.24 -39.25 -17.18
N GLY B 138 53.64 -38.46 -18.19
CA GLY B 138 53.50 -37.01 -18.14
C GLY B 138 54.49 -36.33 -17.20
N GLY B 139 55.68 -36.92 -17.02
CA GLY B 139 56.61 -36.54 -15.98
C GLY B 139 56.13 -36.81 -14.58
N THR B 140 54.96 -37.43 -14.40
CA THR B 140 54.38 -37.71 -13.09
C THR B 140 54.51 -39.20 -12.77
N ALA B 141 54.55 -39.47 -11.47
CA ALA B 141 54.71 -40.81 -10.96
C ALA B 141 53.85 -40.96 -9.71
N ALA B 142 53.62 -42.19 -9.32
CA ALA B 142 52.82 -42.47 -8.16
C ALA B 142 53.65 -43.18 -7.09
N LEU B 143 53.29 -42.91 -5.84
CA LEU B 143 53.85 -43.56 -4.67
C LEU B 143 52.78 -43.55 -3.60
N GLY B 144 52.95 -44.41 -2.60
CA GLY B 144 51.95 -44.39 -1.56
C GLY B 144 52.34 -45.19 -0.33
N CYS B 145 51.33 -45.42 0.50
CA CYS B 145 51.45 -46.11 1.77
C CYS B 145 50.35 -47.14 1.86
N LEU B 146 50.72 -48.36 2.22
CA LEU B 146 49.77 -49.41 2.48
C LEU B 146 49.56 -49.52 3.99
N VAL B 147 48.32 -49.40 4.43
CA VAL B 147 47.96 -49.41 5.84
C VAL B 147 47.21 -50.68 6.18
N LYS B 148 47.92 -51.70 6.66
CA LYS B 148 47.40 -53.07 6.64
C LYS B 148 47.11 -53.59 8.06
N ASP B 149 45.97 -54.29 8.17
CA ASP B 149 45.65 -55.17 9.30
C ASP B 149 45.33 -54.44 10.59
N TYR B 150 44.33 -53.56 10.59
CA TYR B 150 44.01 -52.81 11.79
C TYR B 150 42.57 -53.09 12.21
N PHE B 151 42.23 -52.76 13.46
CA PHE B 151 40.90 -53.00 14.02
C PHE B 151 40.73 -52.19 15.31
N PRO B 152 39.58 -51.54 15.54
CA PRO B 152 38.46 -51.46 14.60
C PRO B 152 38.66 -50.28 13.69
N GLU B 153 37.63 -49.79 13.08
CA GLU B 153 37.90 -48.62 12.30
C GLU B 153 37.68 -47.39 13.20
N PRO B 154 38.28 -46.21 12.90
CA PRO B 154 38.96 -45.68 11.70
C PRO B 154 40.41 -45.29 11.77
N VAL B 155 40.96 -45.08 10.56
CA VAL B 155 42.31 -44.59 10.28
C VAL B 155 42.24 -43.23 9.60
N THR B 156 43.27 -42.42 9.81
CA THR B 156 43.46 -41.15 9.13
C THR B 156 44.84 -41.16 8.52
N VAL B 157 44.98 -40.60 7.31
CA VAL B 157 46.24 -40.68 6.57
C VAL B 157 46.55 -39.30 6.03
N SER B 158 47.67 -38.76 6.46
CA SER B 158 48.10 -37.44 6.05
C SER B 158 49.41 -37.56 5.28
N TRP B 159 49.72 -36.53 4.49
CA TRP B 159 50.96 -36.53 3.71
C TRP B 159 51.85 -35.36 4.09
N ASN B 160 53.09 -35.68 4.47
CA ASN B 160 54.03 -34.70 5.01
C ASN B 160 53.29 -33.67 5.85
N SER B 161 52.60 -34.18 6.87
CA SER B 161 52.00 -33.38 7.94
C SER B 161 51.15 -32.21 7.43
N GLY B 162 50.08 -32.54 6.69
CA GLY B 162 49.12 -31.55 6.22
C GLY B 162 49.52 -30.76 4.98
N ALA B 163 50.84 -30.69 4.68
CA ALA B 163 51.39 -29.96 3.54
C ALA B 163 50.79 -30.44 2.23
N LEU B 164 51.24 -31.64 1.81
CA LEU B 164 50.84 -32.27 0.56
C LEU B 164 49.39 -32.68 0.63
N THR B 165 48.54 -32.03 -0.18
CA THR B 165 47.11 -32.28 -0.23
C THR B 165 46.55 -32.52 -1.63
N SER B 166 47.23 -32.09 -2.70
CA SER B 166 46.76 -32.35 -4.05
C SER B 166 47.50 -33.54 -4.65
N GLY B 167 46.81 -34.26 -5.54
CA GLY B 167 47.27 -35.55 -5.98
C GLY B 167 47.05 -36.67 -4.98
N VAL B 168 46.87 -36.34 -3.69
CA VAL B 168 46.68 -37.36 -2.67
C VAL B 168 45.30 -38.00 -2.82
N HIS B 169 45.25 -39.32 -2.71
CA HIS B 169 44.02 -40.09 -2.81
C HIS B 169 44.03 -41.11 -1.69
N THR B 170 43.15 -40.95 -0.71
CA THR B 170 43.06 -41.95 0.34
C THR B 170 41.77 -42.73 0.21
N PHE B 171 41.93 -44.10 -0.01
CA PHE B 171 40.89 -45.06 -0.34
C PHE B 171 40.13 -45.52 0.89
N PRO B 172 38.86 -45.85 0.71
CA PRO B 172 38.06 -46.40 1.82
C PRO B 172 38.61 -47.75 2.24
N ALA B 173 38.42 -48.05 3.52
CA ALA B 173 38.93 -49.30 4.03
C ALA B 173 38.09 -50.45 3.53
N VAL B 174 38.73 -51.57 3.29
CA VAL B 174 38.06 -52.83 2.99
C VAL B 174 38.32 -53.77 4.16
N LEU B 175 37.30 -54.55 4.50
CA LEU B 175 37.38 -55.52 5.58
C LEU B 175 37.75 -56.86 4.97
N GLN B 176 38.88 -57.43 5.41
CA GLN B 176 39.35 -58.65 4.76
C GLN B 176 38.96 -59.88 5.59
N SER B 177 39.17 -61.06 4.99
CA SER B 177 38.80 -62.34 5.61
C SER B 177 39.45 -62.56 6.98
N SER B 178 40.64 -61.99 7.22
CA SER B 178 41.22 -61.74 8.54
C SER B 178 40.18 -61.46 9.62
N GLY B 179 39.16 -60.68 9.26
CA GLY B 179 38.38 -59.92 10.21
C GLY B 179 38.95 -58.55 10.51
N LEU B 180 40.14 -58.21 9.94
CA LEU B 180 40.82 -56.94 10.09
C LEU B 180 40.59 -56.07 8.84
N TYR B 181 41.09 -54.83 8.90
CA TYR B 181 40.79 -53.83 7.89
C TYR B 181 42.08 -53.38 7.24
N SER B 182 42.00 -53.04 5.96
CA SER B 182 43.18 -52.63 5.22
C SER B 182 42.82 -51.43 4.36
N LEU B 183 43.81 -50.62 4.03
CA LEU B 183 43.57 -49.29 3.46
C LEU B 183 44.81 -48.83 2.75
N SER B 184 44.65 -47.99 1.74
CA SER B 184 45.77 -47.55 0.96
C SER B 184 45.63 -46.05 0.72
N SER B 185 46.76 -45.39 0.55
CA SER B 185 46.71 -43.98 0.19
C SER B 185 47.92 -43.70 -0.68
N VAL B 186 47.69 -42.99 -1.78
CA VAL B 186 48.70 -42.77 -2.79
C VAL B 186 48.70 -41.30 -3.14
N VAL B 187 49.80 -40.85 -3.74
CA VAL B 187 49.90 -39.46 -4.20
C VAL B 187 50.66 -39.43 -5.52
N THR B 188 50.16 -38.58 -6.44
CA THR B 188 50.76 -38.33 -7.74
C THR B 188 51.68 -37.11 -7.66
N VAL B 189 52.95 -37.27 -8.02
CA VAL B 189 53.94 -36.21 -7.85
C VAL B 189 54.70 -36.04 -9.16
N PRO B 190 55.24 -34.86 -9.47
CA PRO B 190 56.15 -34.75 -10.62
C PRO B 190 57.42 -35.56 -10.41
N SER B 191 57.77 -36.38 -11.40
CA SER B 191 58.92 -37.29 -11.27
C SER B 191 60.20 -36.50 -11.07
N SER B 192 60.27 -35.29 -11.61
CA SER B 192 61.34 -34.35 -11.31
C SER B 192 61.55 -34.23 -9.80
N SER B 193 60.50 -33.82 -9.10
CA SER B 193 60.53 -33.70 -7.64
C SER B 193 60.40 -35.07 -6.96
N LEU B 194 61.34 -35.98 -7.29
CA LEU B 194 61.37 -37.30 -6.70
C LEU B 194 62.58 -37.36 -5.82
N GLY B 195 63.70 -37.96 -6.28
CA GLY B 195 64.97 -37.94 -5.56
C GLY B 195 65.47 -36.55 -5.21
N THR B 196 64.58 -35.68 -4.74
CA THR B 196 64.96 -34.41 -4.14
C THR B 196 64.12 -34.23 -2.87
N GLN B 197 62.79 -34.21 -3.03
CA GLN B 197 61.85 -33.95 -1.95
C GLN B 197 61.43 -35.24 -1.26
N THR B 198 61.41 -35.16 0.07
CA THR B 198 61.17 -36.32 0.92
C THR B 198 59.68 -36.40 1.20
N TYR B 199 59.10 -37.59 1.03
CA TYR B 199 57.68 -37.83 1.22
C TYR B 199 57.48 -38.82 2.37
N ILE B 200 56.61 -38.43 3.31
CA ILE B 200 56.25 -39.22 4.48
C ILE B 200 54.74 -39.21 4.62
N CYS B 201 54.14 -40.40 4.77
CA CYS B 201 52.73 -40.45 5.10
C CYS B 201 52.59 -40.61 6.61
N ASN B 202 51.61 -39.93 7.17
CA ASN B 202 51.37 -39.92 8.60
C ASN B 202 50.06 -40.67 8.83
N VAL B 203 50.16 -41.86 9.43
CA VAL B 203 49.04 -42.75 9.62
C VAL B 203 48.72 -42.80 11.10
N ASN B 204 47.42 -42.73 11.41
CA ASN B 204 47.04 -42.43 12.77
C ASN B 204 45.77 -43.18 13.10
N HIS B 205 45.76 -43.90 14.23
CA HIS B 205 44.70 -44.84 14.60
C HIS B 205 44.30 -44.59 16.06
N LYS B 206 43.31 -43.72 16.26
CA LYS B 206 42.89 -43.44 17.63
C LYS B 206 42.42 -44.67 18.37
N PRO B 207 41.61 -45.57 17.81
CA PRO B 207 41.17 -46.68 18.65
C PRO B 207 42.28 -47.42 19.37
N SER B 208 43.50 -47.45 18.82
CA SER B 208 44.64 -48.20 19.37
C SER B 208 45.81 -47.33 19.80
N ASN B 209 45.70 -46.01 19.68
CA ASN B 209 46.75 -45.08 20.14
C ASN B 209 48.06 -45.34 19.42
N THR B 210 47.97 -45.57 18.12
CA THR B 210 49.12 -45.87 17.27
C THR B 210 49.31 -44.72 16.29
N LYS B 211 50.47 -44.08 16.34
CA LYS B 211 50.90 -43.23 15.25
C LYS B 211 52.13 -43.86 14.63
N VAL B 212 52.24 -43.71 13.32
CA VAL B 212 53.37 -44.21 12.56
C VAL B 212 53.55 -43.35 11.33
N ASP B 213 54.82 -43.13 10.97
CA ASP B 213 55.23 -42.41 9.77
C ASP B 213 56.28 -43.25 9.07
N LYS B 214 56.04 -43.59 7.78
CA LYS B 214 57.12 -44.15 6.99
C LYS B 214 57.60 -43.12 5.96
N LYS B 215 58.77 -43.43 5.41
CA LYS B 215 59.39 -42.72 4.30
C LYS B 215 59.27 -43.59 3.06
N VAL B 216 58.66 -43.04 2.02
CA VAL B 216 58.46 -43.75 0.76
C VAL B 216 59.55 -43.32 -0.22
N GLU B 217 60.31 -44.29 -0.72
CA GLU B 217 61.47 -44.00 -1.54
C GLU B 217 61.85 -45.23 -2.35
N PRO B 218 62.47 -45.06 -3.53
CA PRO B 218 62.74 -46.16 -4.48
C PRO B 218 64.10 -46.90 -4.31
N ILE C 3 -1.10 32.00 -31.12
CA ILE C 3 -1.35 33.11 -32.04
C ILE C 3 -2.42 34.01 -31.42
N THR C 4 -3.51 33.45 -30.84
CA THR C 4 -4.46 34.36 -30.21
C THR C 4 -5.19 33.79 -29.00
N ASN C 5 -4.95 32.55 -28.57
CA ASN C 5 -5.52 32.05 -27.32
C ASN C 5 -4.47 31.97 -26.23
N LEU C 6 -4.95 31.68 -25.02
CA LEU C 6 -4.08 31.34 -23.90
C LEU C 6 -4.12 29.84 -23.64
N CYS C 7 -2.98 29.33 -23.18
CA CYS C 7 -2.84 27.89 -23.00
C CYS C 7 -3.56 27.46 -21.73
N PRO C 8 -4.53 26.57 -21.81
CA PRO C 8 -5.33 26.17 -20.66
C PRO C 8 -4.65 25.18 -19.71
N PHE C 9 -3.45 25.54 -19.26
CA PHE C 9 -2.84 24.71 -18.23
C PHE C 9 -3.72 24.59 -17.00
N ASP C 10 -4.66 25.54 -16.79
CA ASP C 10 -5.75 25.45 -15.82
C ASP C 10 -6.15 24.05 -15.49
N GLU C 11 -6.69 23.42 -16.52
CA GLU C 11 -7.44 22.20 -16.38
C GLU C 11 -6.54 21.08 -15.93
N VAL C 12 -5.26 21.16 -16.29
CA VAL C 12 -4.28 20.17 -15.88
C VAL C 12 -3.85 20.37 -14.43
N PHE C 13 -3.33 21.56 -14.08
CA PHE C 13 -2.72 21.73 -12.77
C PHE C 13 -3.72 21.82 -11.61
N ASN C 14 -4.87 22.48 -11.83
CA ASN C 14 -5.76 22.89 -10.76
C ASN C 14 -7.08 22.09 -10.79
N ALA C 15 -7.09 20.97 -11.53
CA ALA C 15 -8.23 20.06 -11.63
C ALA C 15 -8.61 19.45 -10.28
N THR C 16 -9.85 19.00 -10.18
CA THR C 16 -10.38 18.61 -8.89
C THR C 16 -9.80 17.26 -8.47
N ARG C 17 -9.84 16.25 -9.37
CA ARG C 17 -9.19 14.97 -9.17
C ARG C 17 -8.10 14.79 -10.22
N PHE C 18 -6.96 14.14 -9.87
CA PHE C 18 -6.01 13.66 -10.89
C PHE C 18 -6.21 12.20 -11.27
N ALA C 19 -5.52 11.79 -12.32
CA ALA C 19 -5.41 10.40 -12.76
C ALA C 19 -4.43 9.58 -11.91
N SER C 20 -4.76 8.29 -11.71
CA SER C 20 -3.82 7.26 -11.23
C SER C 20 -2.64 7.11 -12.16
N VAL C 21 -1.49 6.77 -11.55
CA VAL C 21 -0.23 6.79 -12.31
C VAL C 21 -0.20 5.77 -13.44
N TYR C 22 -0.88 4.61 -13.30
CA TYR C 22 -0.85 3.66 -14.41
C TYR C 22 -1.67 4.17 -15.58
N ALA C 23 -2.83 4.74 -15.30
CA ALA C 23 -3.69 5.29 -16.33
C ALA C 23 -3.53 6.80 -16.44
N TRP C 24 -2.28 7.27 -16.46
CA TRP C 24 -1.98 8.70 -16.53
C TRP C 24 -2.59 9.35 -17.77
N ASN C 25 -3.03 10.62 -17.59
CA ASN C 25 -3.64 11.46 -18.61
C ASN C 25 -2.61 12.25 -19.40
N ARG C 26 -3.01 12.65 -20.61
CA ARG C 26 -2.23 13.56 -21.45
C ARG C 26 -3.20 14.54 -22.12
N LYS C 27 -2.94 15.84 -21.98
CA LYS C 27 -3.65 16.82 -22.79
C LYS C 27 -2.65 17.37 -23.81
N ARG C 28 -3.09 17.55 -25.05
CA ARG C 28 -2.28 18.28 -26.01
C ARG C 28 -2.58 19.76 -25.88
N ILE C 29 -1.54 20.58 -26.03
CA ILE C 29 -1.65 22.04 -25.97
C ILE C 29 -1.08 22.59 -27.26
N SER C 30 -1.84 23.45 -27.92
CA SER C 30 -1.39 24.05 -29.18
C SER C 30 -2.24 25.28 -29.54
N ASN C 31 -1.57 26.22 -30.22
CA ASN C 31 -2.18 27.47 -30.70
C ASN C 31 -2.42 28.42 -29.54
N CYS C 32 -1.42 28.64 -28.73
CA CYS C 32 -1.67 29.45 -27.55
C CYS C 32 -0.36 29.94 -26.95
N VAL C 33 -0.49 30.83 -25.97
CA VAL C 33 0.65 31.49 -25.33
C VAL C 33 0.60 31.24 -23.83
N ALA C 34 1.78 31.06 -23.24
CA ALA C 34 1.93 30.84 -21.80
C ALA C 34 3.03 31.74 -21.27
N ASP C 35 2.84 32.23 -20.06
CA ASP C 35 3.90 32.84 -19.27
C ASP C 35 4.39 31.77 -18.30
N TYR C 36 5.54 31.14 -18.61
CA TYR C 36 6.04 30.02 -17.84
C TYR C 36 6.71 30.43 -16.52
N SER C 37 6.97 31.72 -16.31
CA SER C 37 7.70 32.17 -15.13
C SER C 37 6.98 31.87 -13.83
N VAL C 38 5.71 31.49 -13.89
CA VAL C 38 4.98 31.08 -12.70
C VAL C 38 5.48 29.76 -12.12
N LEU C 39 6.29 29.00 -12.87
CA LEU C 39 6.79 27.74 -12.34
C LEU C 39 7.95 27.93 -11.36
N TYR C 40 8.58 29.11 -11.33
CA TYR C 40 9.59 29.41 -10.32
C TYR C 40 8.96 29.47 -8.93
N ASN C 41 7.64 29.77 -8.85
CA ASN C 41 6.95 30.04 -7.59
C ASN C 41 5.45 29.76 -7.75
N LEU C 42 5.09 28.48 -7.71
CA LEU C 42 3.66 28.14 -7.78
C LEU C 42 3.06 27.78 -6.43
N ALA C 43 3.10 26.49 -6.06
CA ALA C 43 2.47 26.04 -4.83
C ALA C 43 3.49 25.92 -3.68
N PRO C 44 3.04 26.06 -2.42
CA PRO C 44 3.91 25.72 -1.28
C PRO C 44 4.36 24.26 -1.35
N PHE C 45 5.63 24.03 -1.04
CA PHE C 45 6.28 22.72 -1.17
C PHE C 45 6.28 22.31 -2.65
N PHE C 46 7.12 23.02 -3.40
CA PHE C 46 7.18 22.94 -4.83
C PHE C 46 8.50 22.29 -5.26
N THR C 47 8.40 21.22 -6.04
CA THR C 47 9.54 20.56 -6.65
C THR C 47 9.50 20.84 -8.15
N PHE C 48 10.65 21.11 -8.75
CA PHE C 48 10.59 21.66 -10.10
C PHE C 48 11.96 21.55 -10.77
N LYS C 49 12.05 20.74 -11.81
CA LYS C 49 13.33 20.50 -12.49
C LYS C 49 13.07 20.52 -13.98
N CYS C 50 13.86 21.29 -14.71
CA CYS C 50 13.81 21.33 -16.17
C CYS C 50 15.02 20.62 -16.74
N TYR C 51 14.83 19.89 -17.84
CA TYR C 51 15.85 18.95 -18.29
C TYR C 51 16.46 19.31 -19.63
N GLY C 52 15.66 19.76 -20.59
CA GLY C 52 16.23 20.27 -21.82
C GLY C 52 16.59 21.75 -21.82
N VAL C 53 15.99 22.57 -20.94
CA VAL C 53 15.94 24.02 -21.12
C VAL C 53 16.03 24.70 -19.77
N SER C 54 16.01 26.04 -19.77
CA SER C 54 15.87 26.76 -18.53
C SER C 54 14.55 27.46 -18.48
N PRO C 55 13.87 27.45 -17.33
CA PRO C 55 12.46 28.01 -17.27
C PRO C 55 12.37 29.49 -17.62
N THR C 56 13.48 30.22 -17.40
CA THR C 56 13.56 31.61 -17.82
C THR C 56 13.49 31.76 -19.34
N LYS C 57 14.39 31.06 -20.06
CA LYS C 57 14.41 31.19 -21.52
C LYS C 57 13.17 30.56 -22.18
N LEU C 58 12.47 29.63 -21.51
CA LEU C 58 11.15 29.19 -22.00
C LEU C 58 10.22 30.31 -22.40
N ASN C 59 10.06 31.36 -21.58
CA ASN C 59 9.07 32.37 -22.00
C ASN C 59 9.36 33.06 -23.31
N ASP C 60 10.25 32.47 -24.10
CA ASP C 60 10.85 33.18 -25.22
C ASP C 60 11.07 32.24 -26.40
N LEU C 61 11.22 30.95 -26.10
CA LEU C 61 11.21 29.93 -27.14
C LEU C 61 9.79 29.63 -27.59
N CYS C 62 9.65 29.22 -28.86
CA CYS C 62 8.41 28.68 -29.39
C CYS C 62 8.59 27.22 -29.82
N PHE C 63 7.52 26.45 -29.69
CA PHE C 63 7.54 25.02 -29.95
C PHE C 63 6.36 24.66 -30.82
N THR C 64 6.32 23.41 -31.28
CA THR C 64 5.24 23.11 -32.18
C THR C 64 4.09 22.44 -31.43
N ASN C 65 4.35 21.73 -30.35
CA ASN C 65 3.27 21.23 -29.52
C ASN C 65 3.82 21.11 -28.11
N VAL C 66 2.95 21.21 -27.13
CA VAL C 66 3.33 20.82 -25.77
C VAL C 66 2.36 19.75 -25.34
N TYR C 67 2.88 18.71 -24.68
CA TYR C 67 2.06 17.68 -24.09
C TYR C 67 2.18 17.81 -22.58
N ALA C 68 1.10 17.53 -21.86
CA ALA C 68 1.05 17.74 -20.42
C ALA C 68 0.47 16.49 -19.76
N ASP C 69 1.37 15.67 -19.21
CA ASP C 69 1.02 14.38 -18.63
C ASP C 69 0.93 14.57 -17.12
N SER C 70 -0.02 13.86 -16.48
CA SER C 70 -0.29 14.14 -15.08
C SER C 70 -0.69 12.88 -14.36
N PHE C 71 -0.29 12.75 -13.10
CA PHE C 71 -0.70 11.62 -12.24
C PHE C 71 -0.42 11.97 -10.78
N VAL C 72 -0.61 10.99 -9.91
CA VAL C 72 -0.32 11.10 -8.47
C VAL C 72 0.53 9.89 -8.03
N ILE C 73 1.71 10.16 -7.46
CA ILE C 73 2.59 9.14 -6.86
C ILE C 73 2.91 9.55 -5.43
N ARG C 74 3.65 8.70 -4.69
CA ARG C 74 4.12 9.02 -3.34
C ARG C 74 5.30 9.97 -3.40
N GLY C 75 5.58 10.61 -2.27
CA GLY C 75 6.64 11.59 -2.25
C GLY C 75 7.99 11.02 -2.63
N ASP C 76 8.46 10.02 -1.89
CA ASP C 76 9.68 9.31 -2.31
C ASP C 76 9.62 8.70 -3.70
N GLU C 77 8.45 8.54 -4.31
CA GLU C 77 8.51 7.99 -5.66
C GLU C 77 8.72 9.08 -6.71
N VAL C 78 8.75 10.35 -6.32
CA VAL C 78 8.96 11.46 -7.26
C VAL C 78 10.38 11.52 -7.82
N ARG C 79 11.38 10.97 -7.12
CA ARG C 79 12.71 10.98 -7.71
C ARG C 79 12.80 10.06 -8.93
N GLN C 80 11.83 9.14 -9.12
CA GLN C 80 11.87 8.29 -10.30
C GLN C 80 11.28 8.95 -11.52
N ILE C 81 10.70 10.14 -11.38
CA ILE C 81 10.16 10.86 -12.55
C ILE C 81 11.32 11.68 -13.08
N ALA C 82 12.19 11.01 -13.82
CA ALA C 82 13.45 11.59 -14.23
C ALA C 82 14.08 10.69 -15.29
N PRO C 83 14.98 11.22 -16.10
CA PRO C 83 15.61 10.42 -17.15
C PRO C 83 16.69 9.51 -16.59
N GLY C 84 16.85 8.37 -17.25
CA GLY C 84 17.81 7.38 -16.80
C GLY C 84 17.54 6.92 -15.39
N GLN C 85 16.31 6.46 -15.15
CA GLN C 85 15.84 6.22 -13.80
C GLN C 85 15.11 4.90 -13.70
N THR C 86 14.98 4.46 -12.45
CA THR C 86 14.71 3.09 -12.11
C THR C 86 13.75 3.02 -10.93
N GLY C 87 12.83 2.08 -10.99
CA GLY C 87 11.98 1.80 -9.85
C GLY C 87 10.66 1.24 -10.33
N ASN C 88 9.82 0.84 -9.37
CA ASN C 88 8.52 0.32 -9.80
C ASN C 88 7.71 1.39 -10.52
N ILE C 89 7.96 2.67 -10.30
CA ILE C 89 7.20 3.66 -11.06
C ILE C 89 7.83 3.86 -12.43
N ALA C 90 9.12 4.14 -12.47
CA ALA C 90 9.73 4.38 -13.78
C ALA C 90 9.65 3.15 -14.69
N ASP C 91 9.68 1.94 -14.11
CA ASP C 91 9.76 0.71 -14.89
C ASP C 91 8.41 0.17 -15.32
N TYR C 92 7.34 0.35 -14.51
CA TYR C 92 6.03 -0.23 -14.80
C TYR C 92 4.89 0.77 -14.98
N ASN C 93 5.11 2.05 -14.72
CA ASN C 93 3.98 2.98 -14.73
C ASN C 93 4.15 4.16 -15.69
N TYR C 94 5.29 4.83 -15.68
CA TYR C 94 5.46 6.03 -16.49
C TYR C 94 6.96 6.25 -16.68
N LYS C 95 7.47 6.14 -17.89
CA LYS C 95 8.92 6.16 -18.08
C LYS C 95 9.37 7.42 -18.78
N LEU C 96 10.38 8.05 -18.26
CA LEU C 96 10.74 9.21 -19.04
C LEU C 96 11.97 8.91 -19.89
N PRO C 97 12.02 9.42 -21.11
CA PRO C 97 13.18 9.14 -21.97
C PRO C 97 14.47 9.84 -21.52
N ASP C 98 15.57 9.20 -21.95
CA ASP C 98 16.93 9.69 -21.95
C ASP C 98 17.09 11.08 -22.56
N ASP C 99 16.64 11.28 -23.81
CA ASP C 99 16.71 12.57 -24.53
C ASP C 99 15.54 13.53 -24.19
N PHE C 100 15.32 13.75 -22.90
CA PHE C 100 14.11 14.47 -22.50
C PHE C 100 14.32 15.97 -22.56
N THR C 101 13.34 16.67 -23.10
CA THR C 101 13.46 18.12 -23.25
C THR C 101 12.64 18.91 -22.23
N GLY C 102 11.37 18.57 -22.04
CA GLY C 102 10.51 19.34 -21.13
C GLY C 102 10.85 19.34 -19.65
N CYS C 103 9.85 19.67 -18.80
CA CYS C 103 10.05 19.91 -17.38
C CYS C 103 9.15 19.03 -16.52
N VAL C 104 9.55 18.84 -15.25
CA VAL C 104 8.81 17.99 -14.31
C VAL C 104 8.42 18.85 -13.13
N ILE C 105 7.12 18.96 -12.88
CA ILE C 105 6.58 19.76 -11.77
C ILE C 105 5.80 18.85 -10.84
N ALA C 106 6.15 18.87 -9.56
CA ALA C 106 5.40 18.15 -8.55
C ALA C 106 5.11 19.05 -7.37
N TRP C 107 4.08 18.71 -6.59
CA TRP C 107 3.79 19.48 -5.39
C TRP C 107 3.05 18.57 -4.43
N ASN C 108 3.32 18.71 -3.14
CA ASN C 108 2.56 17.93 -2.16
C ASN C 108 1.05 18.20 -2.36
N SER C 109 0.24 17.20 -2.05
CA SER C 109 -1.19 17.41 -2.14
C SER C 109 -1.90 16.60 -1.07
N ASN C 110 -1.26 16.48 0.11
CA ASN C 110 -1.84 15.78 1.25
C ASN C 110 -3.23 16.33 1.63
N LYS C 111 -3.48 17.64 1.49
CA LYS C 111 -4.78 18.18 1.90
C LYS C 111 -5.90 17.81 0.90
N LEU C 112 -5.59 17.82 -0.39
CA LEU C 112 -6.55 17.39 -1.41
C LEU C 112 -6.76 15.87 -1.45
N ASP C 113 -5.67 15.11 -1.63
CA ASP C 113 -5.80 13.71 -2.07
C ASP C 113 -5.75 12.70 -0.96
N SER C 114 -5.61 13.14 0.29
CA SER C 114 -5.66 12.23 1.42
C SER C 114 -7.01 12.30 2.10
N LYS C 115 -7.33 11.25 2.86
CA LYS C 115 -8.56 11.18 3.64
C LYS C 115 -8.24 10.53 4.97
N VAL C 116 -9.05 10.84 5.98
CA VAL C 116 -8.67 10.46 7.35
C VAL C 116 -8.66 8.94 7.50
N SER C 117 -9.61 8.22 6.87
CA SER C 117 -9.58 6.76 6.88
C SER C 117 -8.83 6.16 5.69
N GLY C 118 -8.38 6.98 4.75
CA GLY C 118 -7.53 6.43 3.72
C GLY C 118 -8.19 6.65 2.39
N ASN C 119 -7.43 7.27 1.48
CA ASN C 119 -7.82 7.35 0.09
C ASN C 119 -7.17 6.19 -0.66
N TYR C 120 -7.93 5.14 -0.90
CA TYR C 120 -7.50 3.98 -1.67
C TYR C 120 -7.95 4.04 -3.11
N ASN C 121 -8.06 5.25 -3.68
CA ASN C 121 -8.58 5.44 -5.03
C ASN C 121 -7.48 5.57 -6.08
N TYR C 122 -6.26 5.91 -5.66
CA TYR C 122 -5.14 6.03 -6.58
C TYR C 122 -4.48 4.68 -6.69
N LEU C 123 -4.16 4.26 -7.91
CA LEU C 123 -3.61 2.93 -8.18
C LEU C 123 -2.22 3.04 -8.82
N TYR C 124 -1.37 2.06 -8.56
CA TYR C 124 -0.14 1.93 -9.34
C TYR C 124 -0.05 0.51 -9.89
N ARG C 125 0.69 0.36 -10.99
CA ARG C 125 0.98 -0.96 -11.52
C ARG C 125 2.13 -1.61 -10.78
N LEU C 126 1.95 -2.87 -10.42
CA LEU C 126 2.82 -3.44 -9.43
C LEU C 126 3.92 -4.29 -10.06
N PHE C 127 3.59 -5.00 -11.15
CA PHE C 127 4.56 -5.71 -11.98
C PHE C 127 4.20 -5.59 -13.46
N ARG C 128 5.23 -5.71 -14.28
CA ARG C 128 5.05 -6.03 -15.70
C ARG C 128 6.10 -7.08 -16.12
N LYS C 129 5.91 -7.68 -17.29
CA LYS C 129 6.95 -8.55 -17.81
C LYS C 129 8.08 -7.71 -18.42
N SER C 130 7.75 -6.85 -19.37
CA SER C 130 8.69 -5.89 -19.97
C SER C 130 8.70 -4.61 -19.16
N ASN C 131 9.87 -3.97 -19.11
CA ASN C 131 9.88 -2.56 -18.75
C ASN C 131 9.15 -1.73 -19.79
N LEU C 132 8.67 -0.57 -19.34
CA LEU C 132 7.88 0.31 -20.18
C LEU C 132 8.79 1.11 -21.11
N LYS C 133 8.46 1.09 -22.40
CA LYS C 133 9.00 1.96 -23.45
C LYS C 133 8.68 3.41 -23.04
N PRO C 134 9.20 4.48 -23.73
CA PRO C 134 9.22 5.81 -23.08
C PRO C 134 7.84 6.29 -22.66
N PHE C 135 7.05 6.84 -23.58
CA PHE C 135 5.72 7.34 -23.23
C PHE C 135 4.66 6.28 -23.54
N GLU C 136 4.90 5.08 -23.05
CA GLU C 136 3.91 4.02 -23.12
C GLU C 136 3.03 4.12 -21.89
N ARG C 137 1.77 3.69 -22.00
CA ARG C 137 1.01 3.40 -20.78
C ARG C 137 0.29 2.08 -20.96
N ASP C 138 0.12 1.36 -19.85
CA ASP C 138 -0.42 0.00 -19.82
C ASP C 138 -1.66 0.07 -18.93
N ILE C 139 -2.82 0.14 -19.55
CA ILE C 139 -4.11 0.05 -18.87
C ILE C 139 -4.59 -1.40 -18.74
N SER C 140 -3.78 -2.37 -19.19
CA SER C 140 -4.13 -3.79 -19.06
C SER C 140 -4.32 -4.21 -17.59
N THR C 141 -4.90 -5.40 -17.46
CA THR C 141 -5.55 -5.82 -16.21
C THR C 141 -5.41 -7.32 -15.96
N GLU C 142 -4.41 -7.98 -16.54
CA GLU C 142 -4.37 -9.43 -16.65
C GLU C 142 -3.37 -10.01 -15.63
N ILE C 143 -3.79 -11.12 -15.01
CA ILE C 143 -3.20 -11.61 -13.77
C ILE C 143 -1.74 -11.94 -14.00
N TYR C 144 -0.84 -11.27 -13.28
CA TYR C 144 0.58 -11.55 -13.45
C TYR C 144 1.02 -12.70 -12.55
N GLN C 145 1.92 -13.49 -13.14
CA GLN C 145 2.54 -14.72 -12.62
C GLN C 145 3.91 -14.51 -12.03
N ALA C 146 4.16 -15.10 -10.85
CA ALA C 146 5.52 -15.32 -10.35
C ALA C 146 6.13 -16.69 -10.70
N GLY C 147 5.47 -17.83 -10.39
CA GLY C 147 6.15 -19.13 -10.52
C GLY C 147 5.51 -20.38 -11.13
N ASN C 148 4.18 -20.50 -11.16
CA ASN C 148 3.45 -21.53 -11.93
C ASN C 148 2.43 -20.86 -12.85
N LYS C 149 1.36 -21.59 -13.19
CA LYS C 149 0.38 -21.08 -14.17
C LYS C 149 -0.71 -20.22 -13.52
N PRO C 150 -1.11 -19.08 -14.13
CA PRO C 150 -2.11 -18.19 -13.50
C PRO C 150 -3.55 -18.63 -13.70
N CYS C 151 -3.79 -19.68 -14.50
CA CYS C 151 -5.14 -20.22 -14.70
C CYS C 151 -6.04 -19.18 -15.34
N ASN C 152 -5.54 -18.55 -16.41
CA ASN C 152 -6.26 -17.42 -16.98
C ASN C 152 -6.42 -16.44 -15.82
N GLY C 153 -7.62 -15.91 -15.56
CA GLY C 153 -7.75 -14.84 -14.61
C GLY C 153 -8.06 -15.25 -13.18
N VAL C 154 -7.31 -16.20 -12.63
CA VAL C 154 -7.51 -16.61 -11.23
C VAL C 154 -6.30 -16.15 -10.43
N ALA C 155 -6.53 -15.19 -9.55
CA ALA C 155 -5.43 -14.73 -8.70
C ALA C 155 -5.26 -15.68 -7.54
N GLY C 156 -4.05 -15.75 -7.02
CA GLY C 156 -3.76 -16.65 -5.90
C GLY C 156 -2.30 -16.63 -5.54
N PHE C 157 -1.80 -17.72 -4.99
CA PHE C 157 -0.40 -17.74 -4.52
C PHE C 157 0.53 -17.49 -5.70
N ASN C 158 1.31 -16.43 -5.59
CA ASN C 158 2.34 -16.12 -6.61
C ASN C 158 1.67 -15.91 -7.97
N CYS C 159 0.40 -15.50 -7.97
CA CYS C 159 -0.34 -15.17 -9.22
C CYS C 159 -1.18 -13.98 -8.80
N TYR C 160 -0.78 -12.76 -9.15
CA TYR C 160 -1.43 -11.58 -8.54
C TYR C 160 -2.12 -10.60 -9.48
N PHE C 161 -3.13 -9.90 -8.97
CA PHE C 161 -3.73 -8.80 -9.72
C PHE C 161 -2.72 -7.68 -9.90
N PRO C 162 -2.51 -7.16 -11.11
CA PRO C 162 -1.31 -6.34 -11.38
C PRO C 162 -1.38 -4.92 -10.85
N LEU C 163 -2.46 -4.53 -10.17
CA LEU C 163 -2.62 -3.18 -9.65
C LEU C 163 -2.71 -3.23 -8.14
N ARG C 164 -2.05 -2.28 -7.49
CA ARG C 164 -2.19 -2.09 -6.07
C ARG C 164 -2.64 -0.66 -5.80
N SER C 165 -3.48 -0.51 -4.78
CA SER C 165 -3.94 0.81 -4.41
C SER C 165 -2.98 1.35 -3.37
N TYR C 166 -2.53 2.59 -3.58
CA TYR C 166 -1.94 3.37 -2.52
C TYR C 166 -2.89 3.53 -1.34
N SER C 167 -2.27 3.76 -0.19
CA SER C 167 -2.92 4.22 1.02
C SER C 167 -2.43 5.63 1.28
N PHE C 168 -3.34 6.60 1.26
CA PHE C 168 -3.02 7.99 1.53
C PHE C 168 -3.84 8.46 2.73
N ARG C 169 -3.14 8.84 3.80
CA ARG C 169 -3.73 9.31 5.03
C ARG C 169 -2.96 10.54 5.48
N PRO C 170 -3.62 11.49 6.15
CA PRO C 170 -2.97 12.78 6.41
C PRO C 170 -1.95 12.71 7.52
N THR C 171 -1.93 11.61 8.28
CA THR C 171 -1.00 11.47 9.39
C THR C 171 0.35 10.91 8.95
N TYR C 172 0.39 10.14 7.86
CA TYR C 172 1.60 9.59 7.27
C TYR C 172 2.70 10.64 7.15
N GLY C 173 3.94 10.19 7.13
CA GLY C 173 5.04 11.09 6.88
C GLY C 173 5.04 11.60 5.46
N VAL C 174 5.86 12.63 5.25
CA VAL C 174 5.95 13.32 3.96
C VAL C 174 6.35 12.36 2.85
N GLY C 175 7.28 11.43 3.13
CA GLY C 175 7.67 10.46 2.11
C GLY C 175 6.49 9.69 1.57
N HIS C 176 5.53 9.34 2.45
CA HIS C 176 4.37 8.50 2.15
C HIS C 176 3.09 9.28 1.76
N GLN C 177 3.17 10.59 1.55
CA GLN C 177 2.07 11.48 1.24
C GLN C 177 1.94 11.68 -0.26
N PRO C 178 0.73 11.98 -0.72
CA PRO C 178 0.47 12.04 -2.17
C PRO C 178 1.08 13.26 -2.79
N TYR C 179 1.65 13.11 -3.98
CA TYR C 179 2.21 14.22 -4.71
C TYR C 179 1.57 14.25 -6.08
N ARG C 180 1.24 15.44 -6.53
CA ARG C 180 0.72 15.64 -7.86
C ARG C 180 1.89 15.95 -8.76
N VAL C 181 1.89 15.39 -9.95
CA VAL C 181 3.02 15.52 -10.86
C VAL C 181 2.47 15.90 -12.23
N VAL C 182 2.97 16.98 -12.80
CA VAL C 182 2.71 17.31 -14.20
C VAL C 182 4.04 17.26 -14.95
N VAL C 183 4.07 16.52 -16.08
CA VAL C 183 5.24 16.47 -16.95
C VAL C 183 4.89 17.14 -18.26
N LEU C 184 5.62 18.23 -18.54
CA LEU C 184 5.45 19.03 -19.75
C LEU C 184 6.53 18.63 -20.76
N SER C 185 6.13 18.35 -21.98
CA SER C 185 7.05 17.88 -23.02
C SER C 185 7.08 18.94 -24.11
N PHE C 186 8.27 19.41 -24.48
CA PHE C 186 8.37 20.47 -25.49
C PHE C 186 8.86 19.90 -26.80
N GLU C 187 7.93 19.79 -27.75
CA GLU C 187 8.11 19.09 -29.02
C GLU C 187 8.35 20.10 -30.12
N LEU C 188 9.43 19.95 -30.88
CA LEU C 188 9.64 20.82 -32.03
C LEU C 188 9.68 19.91 -33.27
N LEU C 189 8.71 20.07 -34.18
CA LEU C 189 8.58 19.29 -35.42
C LEU C 189 9.02 20.13 -36.62
N HIS C 190 8.84 19.56 -37.83
CA HIS C 190 9.20 20.38 -38.98
C HIS C 190 8.00 21.19 -39.44
N ALA C 191 7.24 21.74 -38.50
CA ALA C 191 5.97 22.39 -38.76
C ALA C 191 5.98 23.73 -38.05
N PRO C 192 5.15 24.69 -38.51
CA PRO C 192 5.11 26.02 -37.88
C PRO C 192 4.81 25.96 -36.39
N ALA C 193 5.48 26.83 -35.62
CA ALA C 193 5.46 26.81 -34.16
C ALA C 193 4.19 27.45 -33.62
N THR C 194 3.44 26.71 -32.81
CA THR C 194 2.10 27.12 -32.37
C THR C 194 1.97 27.28 -30.84
N VAL C 195 2.88 26.71 -30.03
CA VAL C 195 2.93 27.01 -28.60
C VAL C 195 4.09 27.96 -28.36
N CYS C 196 3.82 29.07 -27.66
CA CYS C 196 4.76 30.17 -27.50
C CYS C 196 4.71 30.78 -26.12
N GLY C 197 5.82 31.41 -25.74
CA GLY C 197 5.80 32.19 -24.49
C GLY C 197 5.64 33.65 -24.82
N PRO C 198 5.53 34.60 -23.87
CA PRO C 198 5.08 35.94 -24.19
C PRO C 198 6.08 36.78 -24.97
N LYS C 199 7.14 36.19 -25.48
CA LYS C 199 8.23 36.90 -26.18
C LYS C 199 8.70 38.05 -25.30
N GLU D 1 -24.12 34.88 -25.73
CA GLU D 1 -23.61 33.65 -26.36
C GLU D 1 -24.11 32.39 -25.63
N ILE D 2 -23.26 31.82 -24.77
CA ILE D 2 -23.81 30.91 -23.78
C ILE D 2 -24.82 31.67 -22.93
N VAL D 3 -25.87 30.98 -22.52
CA VAL D 3 -26.86 31.52 -21.60
C VAL D 3 -27.06 30.54 -20.47
N LEU D 4 -26.98 31.00 -19.24
CA LEU D 4 -27.17 30.13 -18.08
C LEU D 4 -28.50 30.45 -17.43
N THR D 5 -29.30 29.42 -17.22
CA THR D 5 -30.59 29.58 -16.57
C THR D 5 -30.62 28.82 -15.27
N GLN D 6 -30.71 29.54 -14.19
CA GLN D 6 -30.97 28.97 -12.89
C GLN D 6 -32.45 28.69 -12.68
N SER D 7 -32.71 27.55 -12.11
CA SER D 7 -33.92 26.89 -11.66
C SER D 7 -33.66 26.42 -10.24
N PRO D 8 -34.58 26.61 -9.32
CA PRO D 8 -35.84 27.34 -9.21
C PRO D 8 -35.56 28.85 -9.23
N GLY D 9 -36.56 29.69 -9.45
CA GLY D 9 -36.37 31.11 -9.16
C GLY D 9 -36.14 31.35 -7.68
N THR D 10 -36.97 30.72 -6.83
CA THR D 10 -36.91 30.89 -5.38
C THR D 10 -37.10 29.53 -4.74
N LEU D 11 -36.33 29.25 -3.71
CA LEU D 11 -36.54 28.04 -2.94
C LEU D 11 -36.94 28.38 -1.52
N SER D 12 -37.99 27.73 -1.04
CA SER D 12 -38.56 28.06 0.26
C SER D 12 -38.40 26.86 1.21
N LEU D 13 -37.19 26.68 1.75
CA LEU D 13 -36.93 25.56 2.63
C LEU D 13 -37.00 26.06 4.07
N SER D 14 -36.67 25.21 5.04
CA SER D 14 -36.48 25.74 6.41
C SER D 14 -35.09 25.26 6.86
N PRO D 15 -34.60 25.60 8.07
CA PRO D 15 -33.30 25.07 8.50
C PRO D 15 -33.27 23.55 8.55
N GLY D 16 -32.04 23.01 8.63
CA GLY D 16 -31.80 21.60 8.67
C GLY D 16 -32.15 20.81 7.43
N GLU D 17 -32.89 21.40 6.48
CA GLU D 17 -33.24 20.66 5.28
C GLU D 17 -32.14 20.84 4.25
N ARG D 18 -32.47 20.53 3.00
CA ARG D 18 -31.49 20.23 1.97
C ARG D 18 -31.80 21.07 0.74
N ALA D 19 -30.75 21.65 0.17
CA ALA D 19 -30.86 22.54 -0.97
C ALA D 19 -30.40 21.85 -2.24
N THR D 20 -31.15 22.05 -3.30
CA THR D 20 -30.75 21.54 -4.62
C THR D 20 -30.96 22.69 -5.59
N LEU D 21 -29.85 23.35 -5.93
CA LEU D 21 -29.86 24.41 -6.93
C LEU D 21 -29.41 23.84 -8.26
N SER D 22 -30.35 23.72 -9.19
CA SER D 22 -30.00 23.63 -10.60
C SER D 22 -29.37 24.91 -11.12
N CYS D 23 -28.48 24.73 -12.07
CA CYS D 23 -28.08 25.72 -13.03
C CYS D 23 -27.91 24.97 -14.33
N ARG D 24 -28.09 25.66 -15.44
CA ARG D 24 -28.53 24.83 -16.54
C ARG D 24 -28.39 25.57 -17.84
N ALA D 25 -27.57 25.08 -18.75
CA ALA D 25 -26.96 25.89 -19.80
C ALA D 25 -27.55 25.58 -21.17
N SER D 26 -27.22 26.45 -22.14
CA SER D 26 -27.89 26.46 -23.43
C SER D 26 -27.14 25.72 -24.52
N GLN D 27 -25.83 25.58 -24.41
CA GLN D 27 -25.09 24.55 -25.13
C GLN D 27 -24.35 23.82 -24.00
N SER D 28 -23.27 23.16 -24.33
CA SER D 28 -22.56 22.45 -23.30
C SER D 28 -21.19 23.11 -23.20
N ILE D 29 -20.60 23.05 -22.00
CA ILE D 29 -19.49 23.92 -21.62
C ILE D 29 -18.43 23.14 -20.85
N ASN D 30 -17.17 23.54 -21.04
CA ASN D 30 -16.08 22.94 -20.26
C ASN D 30 -16.37 23.09 -18.77
N SER D 31 -16.60 21.98 -18.07
CA SER D 31 -16.99 22.06 -16.67
C SER D 31 -15.85 22.43 -15.72
N ASN D 32 -14.61 22.50 -16.18
CA ASN D 32 -13.61 23.15 -15.34
C ASN D 32 -13.88 24.66 -15.19
N TYR D 33 -14.71 25.24 -16.05
CA TYR D 33 -14.84 26.69 -16.08
C TYR D 33 -16.24 27.12 -15.63
N LEU D 34 -16.61 26.71 -14.42
CA LEU D 34 -17.96 26.87 -13.88
C LEU D 34 -17.88 27.06 -12.37
N ALA D 35 -18.41 28.20 -11.87
CA ALA D 35 -18.31 28.57 -10.48
C ALA D 35 -19.69 28.86 -9.87
N TRP D 36 -19.75 28.80 -8.52
CA TRP D 36 -20.96 29.13 -7.78
C TRP D 36 -20.66 30.18 -6.72
N TYR D 37 -21.41 31.27 -6.72
CA TYR D 37 -21.26 32.32 -5.72
C TYR D 37 -22.44 32.34 -4.75
N GLN D 38 -22.15 32.83 -3.55
CA GLN D 38 -23.16 33.27 -2.59
C GLN D 38 -23.08 34.78 -2.41
N GLN D 39 -24.24 35.44 -2.35
CA GLN D 39 -24.31 36.86 -2.01
C GLN D 39 -25.32 37.08 -0.90
N LYS D 40 -24.88 37.68 0.21
CA LYS D 40 -25.77 38.16 1.26
C LYS D 40 -25.99 39.67 1.10
N PRO D 41 -27.20 40.14 1.41
CA PRO D 41 -27.60 41.53 1.09
C PRO D 41 -26.56 42.56 1.53
N GLY D 42 -26.24 43.47 0.60
CA GLY D 42 -25.23 44.50 0.84
C GLY D 42 -23.81 44.03 0.94
N GLN D 43 -23.51 42.76 0.67
CA GLN D 43 -22.13 42.33 0.60
C GLN D 43 -21.75 41.91 -0.82
N ALA D 44 -20.44 41.92 -1.08
CA ALA D 44 -19.90 41.39 -2.31
C ALA D 44 -20.16 39.89 -2.40
N PRO D 45 -20.11 39.31 -3.60
CA PRO D 45 -20.43 37.89 -3.73
C PRO D 45 -19.20 37.07 -3.43
N ARG D 46 -19.36 36.06 -2.54
CA ARG D 46 -18.28 35.18 -2.11
C ARG D 46 -18.24 33.96 -3.01
N LEU D 47 -17.08 33.65 -3.57
CA LEU D 47 -16.91 32.42 -4.34
C LEU D 47 -17.02 31.19 -3.44
N LEU D 48 -17.88 30.24 -3.81
CA LEU D 48 -18.01 28.97 -3.11
C LEU D 48 -17.27 27.82 -3.82
N ILE D 49 -17.60 27.62 -5.09
CA ILE D 49 -17.20 26.45 -5.83
C ILE D 49 -16.48 26.94 -7.07
N TYR D 50 -15.31 26.37 -7.36
CA TYR D 50 -14.70 26.63 -8.65
C TYR D 50 -14.58 25.32 -9.42
N GLY D 51 -14.57 25.44 -10.74
CA GLY D 51 -14.36 24.30 -11.63
C GLY D 51 -15.34 23.17 -11.41
N ALA D 52 -16.62 23.53 -11.33
CA ALA D 52 -17.75 22.63 -11.15
C ALA D 52 -17.79 21.93 -9.78
N SER D 53 -16.63 21.59 -9.21
CA SER D 53 -16.65 20.63 -8.12
C SER D 53 -15.64 20.89 -7.00
N SER D 54 -14.82 21.95 -7.06
CA SER D 54 -13.88 22.27 -5.99
C SER D 54 -14.45 23.29 -5.00
N ARG D 55 -14.20 23.06 -3.71
CA ARG D 55 -14.49 24.07 -2.69
C ARG D 55 -13.36 25.11 -2.52
N ALA D 56 -13.74 26.38 -2.48
CA ALA D 56 -12.74 27.41 -2.25
C ALA D 56 -12.31 27.35 -0.79
N THR D 57 -11.33 28.18 -0.45
CA THR D 57 -10.75 28.04 0.87
C THR D 57 -11.74 28.57 1.89
N GLY D 58 -11.87 27.87 3.01
CA GLY D 58 -12.70 28.35 4.09
C GLY D 58 -14.17 28.04 3.98
N ILE D 59 -14.64 27.48 2.86
CA ILE D 59 -16.08 27.25 2.66
C ILE D 59 -16.49 25.99 3.42
N PRO D 60 -17.56 26.02 4.20
CA PRO D 60 -17.98 24.83 4.94
C PRO D 60 -18.22 23.61 4.03
N ASP D 61 -18.07 22.43 4.65
CA ASP D 61 -18.18 21.07 4.13
C ASP D 61 -19.51 20.77 3.46
N ARG D 62 -20.56 21.47 3.86
CA ARG D 62 -21.91 21.14 3.44
C ARG D 62 -22.26 21.66 2.04
N PHE D 63 -21.43 22.52 1.48
CA PHE D 63 -21.61 23.01 0.13
C PHE D 63 -20.94 22.03 -0.84
N SER D 64 -21.65 21.71 -1.92
CA SER D 64 -21.11 20.71 -2.84
C SER D 64 -21.49 21.02 -4.28
N GLY D 65 -20.50 20.95 -5.18
CA GLY D 65 -20.69 21.18 -6.61
C GLY D 65 -20.69 19.91 -7.43
N SER D 66 -21.25 19.94 -8.63
CA SER D 66 -21.48 18.70 -9.33
C SER D 66 -21.97 18.99 -10.75
N GLY D 67 -21.59 18.13 -11.68
CA GLY D 67 -22.25 18.14 -12.97
C GLY D 67 -21.34 18.18 -14.18
N SER D 68 -21.83 17.66 -15.30
CA SER D 68 -21.15 17.76 -16.57
C SER D 68 -22.12 18.32 -17.60
N GLY D 69 -21.55 18.82 -18.69
CA GLY D 69 -22.37 19.15 -19.85
C GLY D 69 -23.17 20.42 -19.72
N THR D 70 -24.49 20.31 -19.53
CA THR D 70 -25.37 21.46 -19.53
C THR D 70 -26.09 21.62 -18.19
N ASP D 71 -25.70 20.81 -17.20
CA ASP D 71 -26.51 20.16 -16.13
C ASP D 71 -25.75 20.18 -14.81
N PHE D 72 -25.71 21.37 -14.23
CA PHE D 72 -24.91 21.62 -13.04
C PHE D 72 -25.79 21.86 -11.82
N THR D 73 -25.25 21.55 -10.63
CA THR D 73 -25.99 21.82 -9.41
C THR D 73 -25.02 22.15 -8.27
N LEU D 74 -25.49 23.01 -7.36
CA LEU D 74 -24.91 23.20 -6.04
C LEU D 74 -25.81 22.55 -5.00
N THR D 75 -25.20 22.00 -3.96
CA THR D 75 -25.92 21.16 -3.01
C THR D 75 -25.52 21.56 -1.60
N ILE D 76 -26.47 22.12 -0.84
CA ILE D 76 -26.30 22.34 0.58
C ILE D 76 -26.93 21.16 1.28
N SER D 77 -26.16 20.45 2.11
CA SER D 77 -26.65 19.23 2.74
C SER D 77 -27.56 19.54 3.92
N ARG D 78 -27.20 20.60 4.66
CA ARG D 78 -27.93 21.07 5.84
C ARG D 78 -27.95 22.58 5.74
N LEU D 79 -29.13 23.15 5.48
CA LEU D 79 -29.22 24.59 5.61
C LEU D 79 -29.02 24.99 7.07
N GLU D 80 -28.12 25.97 7.29
CA GLU D 80 -27.95 26.72 8.52
C GLU D 80 -28.61 28.09 8.37
N PRO D 81 -28.85 28.84 9.48
CA PRO D 81 -29.44 30.18 9.32
C PRO D 81 -28.44 31.28 8.97
N GLU D 82 -27.35 30.95 8.30
CA GLU D 82 -26.49 31.93 7.65
C GLU D 82 -26.43 31.67 6.17
N ASP D 83 -27.08 30.60 5.72
CA ASP D 83 -26.95 30.07 4.39
C ASP D 83 -28.11 30.48 3.49
N PHE D 84 -28.94 31.42 3.93
CA PHE D 84 -30.13 31.87 3.20
C PHE D 84 -29.75 33.18 2.53
N ALA D 85 -29.45 33.11 1.24
CA ALA D 85 -29.00 34.26 0.47
C ALA D 85 -29.33 34.00 -1.00
N VAL D 86 -28.66 34.71 -1.88
CA VAL D 86 -28.85 34.56 -3.30
C VAL D 86 -27.63 33.87 -3.85
N TYR D 87 -27.84 32.95 -4.82
CA TYR D 87 -26.77 32.13 -5.38
C TYR D 87 -26.75 32.26 -6.89
N TYR D 88 -25.59 32.60 -7.44
CA TYR D 88 -25.38 32.73 -8.89
C TYR D 88 -24.41 31.66 -9.42
N CYS D 89 -24.67 31.12 -10.61
CA CYS D 89 -23.70 30.28 -11.29
C CYS D 89 -22.98 31.10 -12.36
N GLN D 90 -21.69 30.81 -12.56
CA GLN D 90 -20.92 31.54 -13.58
C GLN D 90 -20.16 30.60 -14.49
N GLN D 91 -20.24 30.83 -15.80
CA GLN D 91 -19.32 30.19 -16.71
C GLN D 91 -18.28 31.22 -17.09
N TYR D 92 -17.02 30.80 -17.11
CA TYR D 92 -15.92 31.63 -17.54
C TYR D 92 -15.01 30.77 -18.39
N GLY D 93 -13.73 31.12 -18.42
CA GLY D 93 -12.75 30.36 -19.16
C GLY D 93 -11.50 31.18 -19.25
N VAL D 94 -10.64 30.79 -20.17
CA VAL D 94 -9.36 31.49 -20.29
C VAL D 94 -9.45 32.35 -21.55
N SER D 95 -10.69 32.74 -21.89
CA SER D 95 -11.13 33.64 -22.91
C SER D 95 -11.92 34.78 -22.29
N PRO D 96 -11.93 36.00 -22.89
CA PRO D 96 -12.87 37.05 -22.43
C PRO D 96 -14.28 36.78 -22.93
N ARG D 97 -14.97 35.78 -22.35
CA ARG D 97 -16.34 35.51 -22.80
C ARG D 97 -17.05 34.80 -21.65
N TRP D 98 -17.34 35.48 -20.54
CA TRP D 98 -18.04 34.85 -19.42
C TRP D 98 -19.53 35.22 -19.43
N THR D 99 -20.30 34.62 -18.50
CA THR D 99 -21.72 34.94 -18.29
C THR D 99 -22.22 34.30 -16.99
N PHE D 100 -23.20 34.97 -16.35
CA PHE D 100 -23.79 34.56 -15.07
C PHE D 100 -25.24 34.10 -15.22
N GLY D 101 -25.68 33.28 -14.27
CA GLY D 101 -27.09 33.04 -14.09
C GLY D 101 -27.80 34.25 -13.54
N GLN D 102 -29.11 34.14 -13.48
CA GLN D 102 -29.88 35.24 -12.94
C GLN D 102 -29.96 35.20 -11.41
N GLY D 103 -29.65 34.08 -10.81
CA GLY D 103 -29.68 33.98 -9.36
C GLY D 103 -30.86 33.16 -8.90
N THR D 104 -30.73 32.61 -7.69
CA THR D 104 -31.80 31.90 -6.99
C THR D 104 -31.73 32.38 -5.54
N LYS D 105 -32.80 33.01 -5.04
CA LYS D 105 -32.91 33.31 -3.61
C LYS D 105 -33.36 32.04 -2.89
N VAL D 106 -32.65 31.70 -1.80
CA VAL D 106 -33.09 30.67 -0.85
C VAL D 106 -33.62 31.37 0.40
N GLU D 107 -34.94 31.33 0.59
CA GLU D 107 -35.63 31.94 1.72
C GLU D 107 -36.05 30.91 2.77
N ILE D 108 -36.39 31.40 3.96
CA ILE D 108 -37.12 30.58 4.93
C ILE D 108 -38.54 30.36 4.40
N LYS D 109 -39.14 29.22 4.74
CA LYS D 109 -40.56 28.96 4.42
C LYS D 109 -41.32 29.13 5.71
N ARG D 110 -42.50 29.74 5.65
CA ARG D 110 -43.25 30.05 6.87
C ARG D 110 -44.70 29.73 6.57
N THR D 111 -45.54 29.93 7.57
CA THR D 111 -47.00 29.79 7.49
C THR D 111 -47.52 31.03 6.79
N VAL D 112 -48.52 30.87 5.96
CA VAL D 112 -49.10 32.10 5.38
C VAL D 112 -49.51 33.03 6.49
N ALA D 113 -48.95 34.22 6.49
CA ALA D 113 -49.24 35.30 7.44
C ALA D 113 -49.76 36.54 6.70
N ALA D 114 -50.63 37.31 7.39
CA ALA D 114 -51.31 38.32 6.57
C ALA D 114 -50.83 39.72 6.93
N PRO D 115 -50.94 40.69 5.98
CA PRO D 115 -50.41 42.04 6.24
C PRO D 115 -51.34 42.85 7.13
N SER D 116 -50.87 43.19 8.34
CA SER D 116 -51.46 44.35 9.02
C SER D 116 -51.27 45.55 8.10
N VAL D 117 -52.37 46.20 7.70
CA VAL D 117 -52.32 47.33 6.77
C VAL D 117 -52.55 48.65 7.51
N PHE D 118 -51.70 49.66 7.23
CA PHE D 118 -51.80 50.99 7.83
C PHE D 118 -51.65 52.06 6.76
N ILE D 119 -52.38 53.16 6.92
CA ILE D 119 -52.26 54.29 6.01
C ILE D 119 -51.87 55.55 6.81
N PHE D 120 -51.36 56.55 6.07
CA PHE D 120 -50.59 57.65 6.65
C PHE D 120 -50.78 58.87 5.75
N PRO D 121 -51.67 59.79 6.11
CA PRO D 121 -51.92 60.98 5.26
C PRO D 121 -50.76 61.95 5.30
N PRO D 122 -50.71 62.89 4.34
CA PRO D 122 -49.52 63.74 4.20
C PRO D 122 -49.37 64.63 5.41
N SER D 123 -48.18 64.60 5.99
CA SER D 123 -47.72 65.57 7.00
C SER D 123 -48.13 67.01 6.68
N ASP D 124 -48.34 67.85 7.71
CA ASP D 124 -48.68 69.24 7.44
C ASP D 124 -47.44 70.08 7.12
N GLU D 125 -46.33 69.91 7.88
CA GLU D 125 -45.06 70.49 7.44
C GLU D 125 -44.83 70.14 5.98
N GLN D 126 -45.09 68.88 5.64
CA GLN D 126 -44.87 68.47 4.27
C GLN D 126 -45.78 69.23 3.32
N LEU D 127 -47.02 69.45 3.73
CA LEU D 127 -47.92 70.22 2.89
C LEU D 127 -47.48 71.67 2.78
N LYS D 128 -46.81 72.19 3.82
CA LYS D 128 -46.38 73.60 3.77
C LYS D 128 -45.48 73.86 2.57
N SER D 129 -44.46 73.00 2.38
CA SER D 129 -43.67 72.95 1.15
C SER D 129 -44.49 72.32 0.04
N GLY D 130 -44.04 72.49 -1.21
CA GLY D 130 -44.97 72.20 -2.30
C GLY D 130 -45.43 70.78 -2.62
N THR D 131 -45.56 69.88 -1.63
CA THR D 131 -45.65 68.43 -1.88
C THR D 131 -46.58 67.71 -0.90
N ALA D 132 -47.21 66.62 -1.38
CA ALA D 132 -47.96 65.69 -0.52
C ALA D 132 -47.59 64.23 -0.79
N SER D 133 -47.40 63.46 0.28
CA SER D 133 -46.99 62.07 0.15
C SER D 133 -47.84 61.19 1.06
N VAL D 134 -48.50 60.22 0.46
CA VAL D 134 -49.32 59.26 1.18
C VAL D 134 -48.58 57.93 1.25
N VAL D 135 -48.50 57.37 2.44
CA VAL D 135 -47.72 56.17 2.69
C VAL D 135 -48.68 55.07 3.14
N CYS D 136 -48.71 53.97 2.39
CA CYS D 136 -49.41 52.75 2.76
C CYS D 136 -48.40 51.68 3.22
N LEU D 137 -48.72 51.00 4.31
CA LEU D 137 -47.79 50.10 4.97
C LEU D 137 -48.40 48.71 5.07
N LEU D 138 -47.68 47.69 4.58
CA LEU D 138 -48.05 46.28 4.72
C LEU D 138 -47.01 45.70 5.66
N ASN D 139 -47.41 45.28 6.83
CA ASN D 139 -46.42 44.95 7.83
C ASN D 139 -46.63 43.58 8.45
N ASN D 140 -45.55 42.80 8.37
CA ASN D 140 -45.35 41.43 8.79
C ASN D 140 -46.17 40.41 8.01
N PHE D 141 -45.96 40.28 6.70
CA PHE D 141 -46.67 39.29 5.90
C PHE D 141 -45.71 38.28 5.25
N TYR D 142 -46.29 37.21 4.69
CA TYR D 142 -45.63 36.08 4.04
C TYR D 142 -46.69 35.27 3.29
N PRO D 143 -46.48 34.87 2.01
CA PRO D 143 -45.32 35.03 1.15
C PRO D 143 -45.13 36.43 0.73
N ARG D 144 -44.12 36.64 -0.07
CA ARG D 144 -43.69 37.99 -0.37
C ARG D 144 -44.64 38.68 -1.34
N GLU D 145 -45.35 37.92 -2.18
CA GLU D 145 -46.04 38.58 -3.29
C GLU D 145 -47.30 39.30 -2.81
N ALA D 146 -47.50 40.52 -3.32
CA ALA D 146 -48.62 41.34 -2.89
C ALA D 146 -48.85 42.52 -3.86
N LYS D 147 -50.11 42.64 -4.31
CA LYS D 147 -50.66 43.79 -5.02
C LYS D 147 -51.01 44.97 -4.13
N VAL D 148 -50.52 46.15 -4.50
CA VAL D 148 -50.97 47.37 -3.81
C VAL D 148 -51.37 48.37 -4.89
N GLN D 149 -52.59 48.87 -4.80
CA GLN D 149 -53.10 49.76 -5.85
C GLN D 149 -53.66 51.05 -5.28
N TRP D 150 -53.33 52.15 -5.95
CA TRP D 150 -53.73 53.49 -5.53
C TRP D 150 -54.86 53.99 -6.43
N LYS D 151 -56.01 54.24 -5.82
CA LYS D 151 -57.13 54.94 -6.44
C LYS D 151 -57.40 56.23 -5.66
N VAL D 152 -57.31 57.37 -6.35
CA VAL D 152 -57.60 58.66 -5.70
C VAL D 152 -59.11 58.83 -5.62
N ASP D 153 -59.73 59.49 -6.60
CA ASP D 153 -61.18 59.68 -6.54
C ASP D 153 -61.86 58.60 -7.38
N ASN D 154 -61.71 57.38 -6.84
CA ASN D 154 -62.07 56.12 -7.50
C ASN D 154 -61.47 56.05 -8.91
N ALA D 155 -60.30 56.66 -9.08
CA ALA D 155 -59.58 56.70 -10.34
C ALA D 155 -58.24 56.01 -10.12
N LEU D 156 -58.09 54.83 -10.69
CA LEU D 156 -56.87 54.05 -10.54
C LEU D 156 -55.65 54.87 -10.99
N GLN D 157 -54.86 55.34 -10.02
CA GLN D 157 -53.63 56.04 -10.33
C GLN D 157 -52.57 55.02 -10.73
N SER D 158 -51.83 55.30 -11.81
CA SER D 158 -50.82 54.35 -12.24
C SER D 158 -49.59 55.03 -12.86
N GLY D 159 -49.19 56.18 -12.33
CA GLY D 159 -47.90 56.71 -12.75
C GLY D 159 -46.96 57.03 -11.62
N ASN D 160 -47.52 57.40 -10.47
CA ASN D 160 -46.85 58.16 -9.43
C ASN D 160 -46.82 57.46 -8.08
N SER D 161 -46.46 56.19 -8.07
CA SER D 161 -46.41 55.38 -6.86
C SER D 161 -45.12 54.56 -6.87
N GLN D 162 -44.59 54.25 -5.69
CA GLN D 162 -43.31 53.55 -5.60
C GLN D 162 -43.26 52.68 -4.36
N GLU D 163 -42.76 51.44 -4.51
CA GLU D 163 -42.76 50.47 -3.43
C GLU D 163 -41.33 50.19 -2.94
N SER D 164 -41.18 49.81 -1.68
CA SER D 164 -39.95 49.16 -1.26
C SER D 164 -40.29 48.11 -0.22
N VAL D 165 -39.42 47.10 -0.16
CA VAL D 165 -39.68 45.87 0.57
C VAL D 165 -38.47 45.53 1.41
N THR D 166 -38.71 45.02 2.61
CA THR D 166 -37.63 44.64 3.48
C THR D 166 -37.10 43.25 3.14
N GLU D 167 -36.00 42.91 3.78
CA GLU D 167 -35.45 41.58 3.68
C GLU D 167 -36.14 40.74 4.73
N GLN D 168 -36.22 39.43 4.48
CA GLN D 168 -36.93 38.53 5.38
C GLN D 168 -36.43 38.70 6.80
N ASP D 169 -37.36 38.91 7.72
CA ASP D 169 -36.97 39.12 9.10
C ASP D 169 -36.39 37.82 9.65
N SER D 170 -35.29 37.92 10.40
CA SER D 170 -34.64 36.72 10.94
C SER D 170 -35.26 36.25 12.26
N LYS D 171 -36.45 36.79 12.59
CA LYS D 171 -37.16 36.51 13.84
C LYS D 171 -38.49 35.82 13.57
N ASP D 172 -39.41 36.44 12.82
CA ASP D 172 -40.64 35.81 12.38
C ASP D 172 -40.65 35.50 10.88
N SER D 173 -39.54 35.73 10.18
CA SER D 173 -39.35 35.31 8.78
C SER D 173 -40.45 35.84 7.86
N THR D 174 -40.68 37.15 7.92
CA THR D 174 -41.71 37.79 7.11
C THR D 174 -41.13 38.98 6.38
N TYR D 175 -41.99 39.63 5.59
CA TYR D 175 -41.62 40.80 4.83
C TYR D 175 -42.47 42.01 5.26
N SER D 176 -42.00 43.20 4.91
CA SER D 176 -42.80 44.40 4.98
C SER D 176 -42.58 45.20 3.71
N LEU D 177 -43.64 45.92 3.31
CA LEU D 177 -43.71 46.66 2.06
C LEU D 177 -44.18 48.05 2.37
N SER D 178 -43.87 48.99 1.49
CA SER D 178 -44.33 50.36 1.72
C SER D 178 -44.46 51.07 0.38
N SER D 179 -45.68 51.12 -0.13
CA SER D 179 -45.95 51.90 -1.34
C SER D 179 -46.26 53.33 -0.92
N THR D 180 -45.93 54.27 -1.79
CA THR D 180 -46.01 55.70 -1.47
C THR D 180 -46.51 56.42 -2.71
N LEU D 181 -47.69 57.00 -2.59
CA LEU D 181 -48.25 57.80 -3.67
C LEU D 181 -47.83 59.23 -3.40
N THR D 182 -47.25 59.88 -4.39
CA THR D 182 -46.66 61.19 -4.18
C THR D 182 -47.31 62.21 -5.12
N LEU D 183 -47.68 63.37 -4.57
CA LEU D 183 -48.51 64.34 -5.29
C LEU D 183 -48.06 65.76 -5.02
N SER D 184 -48.18 66.61 -6.05
CA SER D 184 -48.07 68.05 -5.83
C SER D 184 -49.18 68.53 -4.90
N LYS D 185 -48.88 69.59 -4.12
CA LYS D 185 -49.91 70.14 -3.22
C LYS D 185 -51.14 70.57 -4.00
N ALA D 186 -50.96 71.09 -5.23
CA ALA D 186 -52.08 71.39 -6.11
C ALA D 186 -52.95 70.16 -6.36
N ASP D 187 -52.39 69.15 -7.05
CA ASP D 187 -53.15 67.95 -7.41
C ASP D 187 -53.77 67.23 -6.22
N TYR D 188 -53.27 67.48 -5.01
CA TYR D 188 -53.77 66.77 -3.85
C TYR D 188 -55.03 67.45 -3.27
N GLU D 189 -55.14 68.77 -3.32
CA GLU D 189 -56.40 69.38 -2.96
C GLU D 189 -57.36 69.56 -4.16
N LYS D 190 -57.08 68.93 -5.31
CA LYS D 190 -58.03 68.81 -6.42
C LYS D 190 -58.84 67.51 -6.35
N HIS D 191 -58.76 66.79 -5.23
CA HIS D 191 -59.47 65.53 -5.05
C HIS D 191 -59.71 65.35 -3.56
N LYS D 192 -60.54 64.38 -3.18
CA LYS D 192 -61.00 64.31 -1.80
C LYS D 192 -60.60 63.02 -1.08
N VAL D 193 -61.06 61.85 -1.53
CA VAL D 193 -60.86 60.63 -0.74
C VAL D 193 -59.67 59.84 -1.30
N TYR D 194 -58.77 59.41 -0.43
CA TYR D 194 -57.55 58.74 -0.86
C TYR D 194 -57.55 57.29 -0.41
N ALA D 195 -57.29 56.39 -1.38
CA ALA D 195 -57.55 54.97 -1.19
C ALA D 195 -56.36 54.08 -1.58
N CYS D 196 -55.97 53.22 -0.64
CA CYS D 196 -54.93 52.21 -0.85
C CYS D 196 -55.57 50.82 -0.80
N GLU D 197 -55.55 50.07 -1.91
CA GLU D 197 -56.13 48.72 -1.96
C GLU D 197 -55.05 47.64 -2.02
N VAL D 198 -55.16 46.65 -1.14
CA VAL D 198 -54.10 45.66 -0.94
C VAL D 198 -54.64 44.25 -1.20
N THR D 199 -53.96 43.51 -2.08
CA THR D 199 -54.25 42.09 -2.36
C THR D 199 -53.08 41.21 -1.89
N HIS D 200 -53.38 40.18 -1.10
CA HIS D 200 -52.36 39.23 -0.64
C HIS D 200 -52.98 37.85 -0.47
N GLN D 201 -52.15 36.81 -0.63
CA GLN D 201 -52.69 35.45 -0.57
C GLN D 201 -53.31 35.15 0.79
N GLY D 202 -52.69 35.62 1.87
CA GLY D 202 -53.26 35.43 3.20
C GLY D 202 -54.60 36.14 3.45
N LEU D 203 -55.11 36.91 2.48
CA LEU D 203 -56.36 37.66 2.63
C LEU D 203 -57.51 36.96 1.94
N SER D 204 -58.69 36.98 2.58
CA SER D 204 -59.90 36.43 1.93
C SER D 204 -60.28 37.24 0.71
N SER D 205 -60.62 38.51 0.90
CA SER D 205 -60.91 39.45 -0.19
C SER D 205 -60.01 40.67 -0.03
N PRO D 206 -59.83 41.46 -1.08
CA PRO D 206 -58.90 42.60 -1.01
C PRO D 206 -59.29 43.65 0.03
N VAL D 207 -58.31 44.01 0.89
CA VAL D 207 -58.47 44.96 1.98
C VAL D 207 -58.23 46.38 1.48
N THR D 208 -59.14 47.33 1.82
CA THR D 208 -58.95 48.74 1.53
C THR D 208 -58.94 49.57 2.80
N LYS D 209 -58.06 50.57 2.79
CA LYS D 209 -57.72 51.49 3.88
C LYS D 209 -57.69 52.85 3.21
N SER D 210 -58.47 53.78 3.76
CA SER D 210 -58.80 55.04 3.09
C SER D 210 -58.92 56.15 4.12
N PHE D 211 -58.76 57.38 3.63
CA PHE D 211 -58.92 58.55 4.49
C PHE D 211 -59.53 59.66 3.63
N ASN D 212 -59.34 60.92 4.07
CA ASN D 212 -60.31 62.00 3.96
C ASN D 212 -59.79 63.26 3.26
N ARG D 213 -58.74 63.94 3.80
CA ARG D 213 -58.44 65.38 3.65
C ARG D 213 -59.38 66.17 4.55
N GLY D 214 -59.20 66.03 5.86
CA GLY D 214 -60.18 66.40 6.88
C GLY D 214 -60.11 65.42 8.06
N GLN E 1 -0.97 36.15 -4.20
CA GLN E 1 -0.89 37.28 -3.29
C GLN E 1 -0.91 38.61 -4.08
N VAL E 2 -1.37 38.52 -5.34
CA VAL E 2 -1.66 39.69 -6.15
C VAL E 2 -3.13 40.12 -5.98
N GLN E 3 -3.33 41.40 -5.61
CA GLN E 3 -4.65 41.94 -5.38
C GLN E 3 -5.15 42.67 -6.61
N LEU E 4 -6.45 42.85 -6.67
CA LEU E 4 -7.02 43.76 -7.65
C LEU E 4 -7.38 45.04 -6.89
N VAL E 5 -6.65 46.11 -7.18
CA VAL E 5 -6.80 47.39 -6.49
C VAL E 5 -7.62 48.30 -7.40
N GLN E 6 -8.89 48.50 -7.05
CA GLN E 6 -9.76 49.30 -7.88
C GLN E 6 -9.75 50.76 -7.42
N SER E 7 -9.94 51.67 -8.38
CA SER E 7 -10.11 53.07 -8.01
C SER E 7 -11.43 53.26 -7.25
N GLY E 8 -11.62 54.49 -6.75
CA GLY E 8 -12.60 54.75 -5.72
C GLY E 8 -13.97 55.12 -6.26
N ALA E 9 -14.93 55.21 -5.34
CA ALA E 9 -16.30 55.56 -5.72
C ALA E 9 -16.38 56.85 -6.53
N GLU E 10 -17.46 57.01 -7.33
CA GLU E 10 -17.68 58.22 -8.13
C GLU E 10 -19.18 58.55 -8.19
N MET E 11 -19.46 59.84 -8.53
CA MET E 11 -20.81 60.32 -8.81
C MET E 11 -20.80 61.14 -10.08
N LYS E 12 -21.45 60.66 -11.14
CA LYS E 12 -21.37 61.37 -12.41
C LYS E 12 -22.70 61.99 -12.81
N LYS E 13 -22.61 63.15 -13.56
CA LYS E 13 -23.88 63.69 -14.08
C LYS E 13 -24.35 62.88 -15.28
N PRO E 14 -25.65 62.84 -15.55
CA PRO E 14 -26.15 62.12 -16.73
C PRO E 14 -25.50 62.63 -18.03
N GLY E 15 -25.04 61.69 -18.87
CA GLY E 15 -24.50 62.02 -20.17
C GLY E 15 -22.99 62.23 -20.23
N SER E 16 -22.29 62.05 -19.12
CA SER E 16 -20.84 62.19 -19.07
C SER E 16 -20.18 60.83 -19.29
N SER E 17 -18.98 60.60 -18.74
CA SER E 17 -18.39 59.27 -18.79
C SER E 17 -17.44 59.06 -17.62
N VAL E 18 -17.54 57.88 -17.01
CA VAL E 18 -16.64 57.52 -15.93
C VAL E 18 -15.66 56.48 -16.46
N LYS E 19 -14.43 56.50 -15.91
CA LYS E 19 -13.36 55.56 -16.27
C LYS E 19 -12.84 54.92 -14.98
N VAL E 20 -13.30 53.73 -14.67
CA VAL E 20 -12.82 53.03 -13.49
C VAL E 20 -11.50 52.32 -13.80
N SER E 21 -10.59 52.29 -12.83
CA SER E 21 -9.41 51.47 -13.07
C SER E 21 -9.36 50.32 -12.07
N CYS E 22 -8.27 49.57 -12.19
CA CYS E 22 -8.10 48.24 -11.63
C CYS E 22 -6.65 47.83 -11.83
N GLN E 23 -5.82 47.98 -10.81
CA GLN E 23 -4.41 47.62 -10.89
C GLN E 23 -4.19 46.23 -10.31
N ALA E 24 -3.44 45.39 -11.01
CA ALA E 24 -2.92 44.13 -10.48
C ALA E 24 -1.41 44.09 -10.74
N SER E 25 -0.62 44.50 -9.76
CA SER E 25 0.79 44.77 -10.06
C SER E 25 1.75 43.61 -9.75
N GLY E 26 1.27 42.50 -9.17
CA GLY E 26 2.22 41.48 -8.74
C GLY E 26 2.63 40.33 -9.66
N GLY E 27 2.84 40.58 -10.95
CA GLY E 27 3.42 39.57 -11.83
C GLY E 27 2.46 38.85 -12.75
N THR E 28 2.86 38.67 -14.03
CA THR E 28 2.07 38.09 -15.16
C THR E 28 0.73 38.82 -15.42
N PHE E 29 0.74 40.16 -15.37
CA PHE E 29 -0.43 40.94 -15.79
C PHE E 29 -0.67 40.81 -17.27
N SER E 30 0.39 40.67 -18.06
CA SER E 30 0.23 40.67 -19.51
C SER E 30 -0.69 39.54 -19.98
N THR E 31 -0.78 38.43 -19.23
CA THR E 31 -1.48 37.26 -19.74
C THR E 31 -2.60 36.80 -18.83
N TYR E 32 -3.02 37.66 -17.89
CA TYR E 32 -4.31 37.48 -17.27
C TYR E 32 -5.41 37.68 -18.30
N VAL E 33 -6.61 37.29 -17.93
CA VAL E 33 -7.80 37.86 -18.51
C VAL E 33 -8.48 38.70 -17.43
N ILE E 34 -8.55 40.01 -17.67
CA ILE E 34 -9.29 40.94 -16.82
C ILE E 34 -10.69 41.14 -17.38
N SER E 35 -11.69 40.95 -16.54
CA SER E 35 -13.05 41.27 -16.89
C SER E 35 -13.63 42.33 -15.96
N TRP E 36 -14.73 42.93 -16.42
CA TRP E 36 -15.55 43.83 -15.61
C TRP E 36 -16.94 43.25 -15.47
N VAL E 37 -17.44 43.22 -14.25
CA VAL E 37 -18.80 42.83 -13.92
C VAL E 37 -19.48 43.97 -13.17
N ARG E 38 -20.71 44.29 -13.53
CA ARG E 38 -21.46 45.29 -12.77
C ARG E 38 -22.68 44.66 -12.13
N GLN E 39 -23.20 45.35 -11.12
CA GLN E 39 -24.47 44.98 -10.48
C GLN E 39 -25.25 46.24 -10.10
N ALA E 40 -26.34 46.52 -10.82
CA ALA E 40 -27.28 47.55 -10.40
C ALA E 40 -28.03 47.08 -9.14
N PRO E 41 -28.64 47.98 -8.39
CA PRO E 41 -29.37 47.54 -7.18
C PRO E 41 -30.66 46.77 -7.49
N GLY E 42 -30.95 45.79 -6.62
CA GLY E 42 -32.00 44.80 -6.91
C GLY E 42 -31.83 44.09 -8.24
N GLN E 43 -30.59 43.71 -8.58
CA GLN E 43 -30.23 43.22 -9.89
C GLN E 43 -29.19 42.14 -9.69
N GLY E 44 -29.15 41.18 -10.60
CA GLY E 44 -28.14 40.15 -10.52
C GLY E 44 -26.84 40.67 -11.08
N LEU E 45 -25.91 39.72 -11.30
CA LEU E 45 -24.58 40.01 -11.81
C LEU E 45 -24.57 39.99 -13.33
N GLU E 46 -23.91 40.97 -13.94
CA GLU E 46 -23.88 41.13 -15.40
C GLU E 46 -22.44 41.22 -15.89
N TRP E 47 -22.05 40.28 -16.73
CA TRP E 47 -20.74 40.39 -17.35
C TRP E 47 -20.78 41.52 -18.34
N MET E 48 -19.77 42.38 -18.31
CA MET E 48 -19.75 43.50 -19.24
C MET E 48 -18.78 43.26 -20.38
N GLY E 49 -17.56 42.86 -20.08
CA GLY E 49 -16.54 42.68 -21.10
C GLY E 49 -15.26 42.22 -20.46
N GLY E 50 -14.25 42.07 -21.32
CA GLY E 50 -12.97 41.59 -20.84
C GLY E 50 -11.85 41.82 -21.81
N ILE E 51 -10.63 41.79 -21.31
CA ILE E 51 -9.44 41.97 -22.17
C ILE E 51 -8.32 41.06 -21.71
N ILE E 52 -7.51 40.55 -22.63
CA ILE E 52 -6.28 39.80 -22.29
C ILE E 52 -5.22 40.76 -22.76
N PRO E 53 -4.53 41.46 -21.85
CA PRO E 53 -3.61 42.50 -22.26
C PRO E 53 -2.64 42.22 -23.41
N ILE E 54 -2.00 41.05 -23.45
CA ILE E 54 -0.96 40.73 -24.47
C ILE E 54 -1.57 40.79 -25.87
N PHE E 55 -2.84 40.45 -26.00
CA PHE E 55 -3.50 40.43 -27.33
C PHE E 55 -4.15 41.78 -27.60
N ASN E 56 -4.60 42.48 -26.55
CA ASN E 56 -5.22 43.82 -26.66
C ASN E 56 -6.40 43.77 -27.61
N THR E 57 -7.06 42.63 -27.69
CA THR E 57 -8.30 42.58 -28.49
C THR E 57 -9.42 42.49 -27.47
N PRO E 58 -10.09 43.61 -27.16
CA PRO E 58 -11.08 43.60 -26.13
C PRO E 58 -12.39 42.99 -26.63
N HIS E 59 -13.10 42.29 -25.75
CA HIS E 59 -14.42 41.76 -26.15
C HIS E 59 -15.48 42.23 -25.18
N TYR E 60 -16.64 42.62 -25.70
CA TYR E 60 -17.70 43.17 -24.84
C TYR E 60 -19.00 42.43 -25.09
N ALA E 61 -19.88 42.33 -24.09
CA ALA E 61 -21.26 41.77 -24.32
C ALA E 61 -22.09 42.70 -25.21
N GLN E 62 -23.19 42.17 -25.74
CA GLN E 62 -24.22 42.93 -26.51
C GLN E 62 -24.87 44.02 -25.79
N LYS E 63 -25.13 43.85 -24.47
CA LYS E 63 -25.88 44.89 -23.75
C LYS E 63 -25.08 46.17 -23.49
N PHE E 64 -23.78 46.18 -23.78
CA PHE E 64 -22.90 47.28 -23.40
C PHE E 64 -22.10 47.66 -24.65
N GLN E 65 -22.68 47.39 -25.80
CA GLN E 65 -21.97 47.04 -26.96
C GLN E 65 -21.26 48.23 -27.60
N GLY E 66 -21.91 49.38 -27.67
CA GLY E 66 -21.19 50.60 -28.07
C GLY E 66 -20.90 51.59 -26.96
N ARG E 67 -21.33 51.30 -25.73
CA ARG E 67 -21.08 52.20 -24.59
C ARG E 67 -19.68 52.02 -23.98
N VAL E 68 -19.29 50.75 -23.69
CA VAL E 68 -18.06 50.46 -22.94
C VAL E 68 -16.87 50.52 -23.87
N THR E 69 -15.75 50.92 -23.32
CA THR E 69 -14.47 50.75 -23.97
C THR E 69 -13.44 50.29 -22.94
N ILE E 70 -12.95 49.02 -23.10
CA ILE E 70 -11.99 48.39 -22.21
C ILE E 70 -10.59 48.47 -22.80
N THR E 71 -9.62 48.62 -21.92
CA THR E 71 -8.25 48.91 -22.29
C THR E 71 -7.34 48.49 -21.14
N ALA E 72 -6.08 48.19 -21.48
CA ALA E 72 -5.13 47.82 -20.46
C ALA E 72 -3.78 48.47 -20.77
N ASP E 73 -3.02 48.75 -19.71
CA ASP E 73 -1.67 49.30 -19.78
C ASP E 73 -0.62 48.31 -19.25
N GLU E 74 0.30 47.86 -20.12
CA GLU E 74 1.32 46.89 -19.74
C GLU E 74 2.27 47.43 -18.65
N SER E 75 2.75 48.68 -18.83
CA SER E 75 3.78 49.21 -17.96
C SER E 75 3.29 49.41 -16.53
N THR E 76 2.18 50.15 -16.35
CA THR E 76 1.64 50.25 -15.01
C THR E 76 0.76 49.08 -14.62
N SER E 77 0.59 48.10 -15.52
CA SER E 77 -0.18 46.89 -15.30
C SER E 77 -1.54 47.21 -14.62
N THR E 78 -2.24 48.20 -15.21
CA THR E 78 -3.60 48.59 -14.83
C THR E 78 -4.56 48.30 -15.98
N ALA E 79 -5.79 47.97 -15.62
CA ALA E 79 -6.89 47.82 -16.56
C ALA E 79 -7.89 48.95 -16.38
N TYR E 80 -8.46 49.41 -17.50
CA TYR E 80 -9.37 50.53 -17.50
C TYR E 80 -10.68 50.12 -18.16
N MET E 81 -11.79 50.41 -17.48
CA MET E 81 -13.13 50.29 -18.03
C MET E 81 -13.74 51.69 -18.14
N GLU E 82 -14.12 52.10 -19.36
CA GLU E 82 -14.62 53.45 -19.63
C GLU E 82 -16.04 53.37 -20.17
N LEU E 83 -17.02 53.71 -19.36
CA LEU E 83 -18.43 53.60 -19.71
C LEU E 83 -18.99 55.00 -19.94
N SER E 84 -19.46 55.27 -21.16
CA SER E 84 -19.83 56.63 -21.56
C SER E 84 -21.31 56.69 -21.88
N SER E 85 -21.82 57.94 -21.96
CA SER E 85 -23.24 58.23 -22.22
C SER E 85 -24.14 57.77 -21.06
N LEU E 86 -23.80 58.21 -19.84
CA LEU E 86 -24.36 57.57 -18.65
C LEU E 86 -25.79 57.97 -18.39
N THR E 87 -26.55 57.04 -17.81
CA THR E 87 -27.91 57.33 -17.36
C THR E 87 -28.09 56.79 -15.94
N SER E 88 -29.06 57.34 -15.21
CA SER E 88 -29.67 56.59 -14.11
C SER E 88 -29.81 55.16 -14.57
N GLY E 89 -29.42 54.22 -13.73
CA GLY E 89 -29.47 52.83 -14.13
C GLY E 89 -28.16 52.30 -14.65
N ASP E 90 -27.21 53.19 -14.94
CA ASP E 90 -25.83 52.77 -14.84
C ASP E 90 -25.34 52.86 -13.40
N THR E 91 -26.23 53.03 -12.45
CA THR E 91 -25.85 53.17 -11.06
C THR E 91 -25.67 51.75 -10.55
N ALA E 92 -24.42 51.39 -10.25
CA ALA E 92 -24.09 50.00 -10.02
C ALA E 92 -22.74 49.94 -9.33
N VAL E 93 -22.50 48.83 -8.62
CA VAL E 93 -21.14 48.49 -8.23
C VAL E 93 -20.45 47.82 -9.39
N TYR E 94 -19.30 48.33 -9.77
CA TYR E 94 -18.55 47.77 -10.88
C TYR E 94 -17.36 47.00 -10.34
N TYR E 95 -17.31 45.69 -10.60
CA TYR E 95 -16.12 44.94 -10.22
C TYR E 95 -15.25 44.66 -11.42
N CYS E 96 -13.95 44.60 -11.17
CA CYS E 96 -13.07 43.86 -12.08
C CYS E 96 -12.78 42.48 -11.48
N ALA E 97 -12.54 41.51 -12.37
CA ALA E 97 -12.27 40.16 -11.96
C ALA E 97 -11.19 39.58 -12.86
N ARG E 98 -10.50 38.60 -12.34
CA ARG E 98 -9.30 38.05 -12.98
C ARG E 98 -9.39 36.52 -13.00
N VAL E 99 -8.99 35.88 -14.11
CA VAL E 99 -8.52 34.50 -13.99
C VAL E 99 -7.16 34.45 -14.64
N SER E 100 -6.32 33.52 -14.19
CA SER E 100 -5.09 33.29 -14.92
C SER E 100 -5.15 31.93 -15.60
N GLN E 101 -4.30 31.78 -16.62
CA GLN E 101 -4.14 30.51 -17.31
C GLN E 101 -3.59 29.38 -16.43
N TRP E 102 -3.24 29.58 -15.16
CA TRP E 102 -2.68 28.47 -14.39
C TRP E 102 -3.58 27.96 -13.29
N GLU E 103 -4.69 28.63 -12.98
CA GLU E 103 -5.62 28.16 -11.98
C GLU E 103 -7.03 28.21 -12.53
N LEU E 104 -7.92 27.49 -11.85
CA LEU E 104 -9.32 27.35 -12.24
C LEU E 104 -10.23 28.27 -11.42
N LEU E 105 -9.67 29.26 -10.78
CA LEU E 105 -10.41 30.03 -9.81
C LEU E 105 -10.46 31.48 -10.27
N VAL E 106 -11.48 32.21 -9.82
CA VAL E 106 -11.80 33.56 -10.30
C VAL E 106 -11.59 34.53 -9.14
N TYR E 107 -10.74 35.51 -9.35
CA TYR E 107 -10.35 36.48 -8.34
C TYR E 107 -11.09 37.79 -8.57
N TRP E 108 -11.55 38.43 -7.49
CA TRP E 108 -12.45 39.58 -7.61
C TRP E 108 -11.94 40.83 -6.89
N GLY E 109 -12.07 41.97 -7.55
CA GLY E 109 -11.81 43.23 -6.88
C GLY E 109 -12.81 43.54 -5.76
N GLN E 110 -12.43 44.56 -4.98
CA GLN E 110 -13.32 45.33 -4.11
C GLN E 110 -14.66 45.78 -4.70
N GLY E 111 -14.69 46.41 -5.87
CA GLY E 111 -15.91 47.10 -6.18
C GLY E 111 -15.70 48.60 -6.16
N THR E 112 -16.32 49.25 -7.13
CA THR E 112 -16.30 50.67 -7.32
C THR E 112 -17.73 51.05 -7.55
N LEU E 113 -18.29 51.80 -6.62
CA LEU E 113 -19.65 52.30 -6.77
C LEU E 113 -19.68 53.50 -7.71
N VAL E 114 -20.72 53.56 -8.55
CA VAL E 114 -20.86 54.66 -9.49
C VAL E 114 -22.31 55.11 -9.43
N THR E 115 -22.56 56.32 -8.94
CA THR E 115 -23.90 56.82 -8.67
C THR E 115 -24.14 57.91 -9.70
N VAL E 116 -25.21 57.81 -10.47
CA VAL E 116 -25.40 58.73 -11.60
C VAL E 116 -26.71 59.49 -11.43
N SER E 117 -26.61 60.82 -11.35
CA SER E 117 -27.81 61.59 -11.02
C SER E 117 -27.63 63.03 -11.43
N SER E 118 -28.69 63.65 -11.95
CA SER E 118 -28.67 65.10 -12.14
C SER E 118 -28.74 65.88 -10.81
N ALA E 119 -28.89 65.17 -9.72
CA ALA E 119 -29.04 65.84 -8.42
C ALA E 119 -27.71 66.24 -7.82
N SER E 120 -27.79 67.14 -6.87
CA SER E 120 -26.59 67.60 -6.16
C SER E 120 -26.80 67.21 -4.70
N THR E 121 -25.72 67.11 -3.94
CA THR E 121 -25.84 66.64 -2.55
C THR E 121 -26.87 67.49 -1.81
N LYS E 122 -27.92 66.83 -1.33
CA LYS E 122 -28.98 67.47 -0.52
C LYS E 122 -29.23 66.63 0.70
N GLY E 123 -29.52 67.30 1.79
CA GLY E 123 -29.81 66.63 3.05
C GLY E 123 -31.30 66.36 3.18
N PRO E 124 -31.77 65.31 3.88
CA PRO E 124 -33.20 64.98 3.90
C PRO E 124 -34.10 66.02 4.60
N SER E 125 -35.33 66.13 4.10
CA SER E 125 -36.47 66.57 4.92
C SER E 125 -37.02 65.38 5.67
N VAL E 126 -37.25 65.51 6.96
CA VAL E 126 -37.87 64.41 7.70
C VAL E 126 -39.18 64.88 8.26
N PHE E 127 -40.28 64.31 7.77
CA PHE E 127 -41.70 64.48 8.00
C PHE E 127 -42.27 63.37 8.86
N PRO E 128 -43.21 63.71 9.74
CA PRO E 128 -43.77 62.69 10.63
C PRO E 128 -44.82 61.87 9.91
N LEU E 129 -44.98 60.64 10.37
CA LEU E 129 -46.03 59.72 9.95
C LEU E 129 -46.68 59.39 11.29
N ALA E 130 -47.69 60.19 11.64
CA ALA E 130 -48.28 60.29 12.96
C ALA E 130 -49.25 59.14 13.21
N PRO E 131 -49.31 58.62 14.43
CA PRO E 131 -50.22 57.53 14.74
C PRO E 131 -51.64 58.04 14.80
N SER E 132 -52.58 57.14 14.52
CA SER E 132 -54.00 57.47 14.56
C SER E 132 -54.74 56.25 15.11
N SER E 133 -56.03 56.15 14.78
CA SER E 133 -56.76 54.89 14.87
C SER E 133 -55.98 53.74 14.21
N LYS E 134 -55.27 52.94 15.04
CA LYS E 134 -54.49 51.77 14.60
C LYS E 134 -54.69 50.54 15.48
N SER E 135 -55.48 50.65 16.55
CA SER E 135 -55.79 49.54 17.45
C SER E 135 -56.86 48.65 16.80
N THR E 136 -57.39 47.67 17.56
CA THR E 136 -58.17 46.52 17.09
C THR E 136 -57.31 45.60 16.23
N SER E 137 -56.05 45.98 16.00
CA SER E 137 -55.00 45.07 15.54
C SER E 137 -54.20 44.53 16.72
N GLY E 138 -54.85 44.42 17.89
CA GLY E 138 -54.16 44.08 19.12
C GLY E 138 -53.69 45.26 19.93
N GLY E 139 -54.34 46.42 19.81
CA GLY E 139 -53.82 47.61 20.45
C GLY E 139 -52.39 47.92 20.07
N THR E 140 -52.03 47.65 18.82
CA THR E 140 -50.69 47.91 18.30
C THR E 140 -50.77 49.09 17.35
N ALA E 141 -49.95 50.10 17.59
CA ALA E 141 -49.94 51.29 16.74
C ALA E 141 -48.72 51.30 15.83
N ALA E 142 -48.79 52.12 14.80
CA ALA E 142 -47.71 52.29 13.84
C ALA E 142 -47.50 53.77 13.58
N LEU E 143 -46.30 54.25 13.83
CA LEU E 143 -45.93 55.63 13.57
C LEU E 143 -44.59 55.61 12.83
N GLY E 144 -44.12 56.76 12.36
CA GLY E 144 -42.93 56.72 11.54
C GLY E 144 -42.37 58.05 11.13
N CYS E 145 -41.39 57.98 10.21
CA CYS E 145 -40.69 59.13 9.62
C CYS E 145 -40.53 58.92 8.13
N LEU E 146 -40.96 59.92 7.38
CA LEU E 146 -40.74 59.97 5.95
C LEU E 146 -39.50 60.82 5.72
N VAL E 147 -38.37 60.18 5.48
CA VAL E 147 -37.13 60.86 5.12
C VAL E 147 -37.14 61.08 3.61
N LYS E 148 -37.35 62.34 3.20
CA LYS E 148 -37.68 62.66 1.82
C LYS E 148 -36.57 63.49 1.18
N ASP E 149 -36.34 63.25 -0.11
CA ASP E 149 -35.60 64.13 -1.01
C ASP E 149 -34.12 64.34 -0.67
N TYR E 150 -33.32 63.26 -0.65
CA TYR E 150 -31.92 63.32 -0.25
C TYR E 150 -31.04 62.61 -1.27
N PHE E 151 -29.72 62.89 -1.19
CA PHE E 151 -28.76 62.45 -2.19
C PHE E 151 -27.35 62.80 -1.75
N PRO E 152 -26.39 61.86 -1.88
CA PRO E 152 -26.57 60.51 -2.45
C PRO E 152 -26.81 59.53 -1.32
N GLU E 153 -26.82 58.24 -1.50
CA GLU E 153 -27.20 57.51 -0.30
C GLU E 153 -25.91 57.23 0.45
N PRO E 154 -25.94 56.70 1.69
CA PRO E 154 -26.94 56.15 2.59
C PRO E 154 -27.48 57.21 3.58
N VAL E 155 -28.42 56.79 4.40
CA VAL E 155 -28.97 57.63 5.43
C VAL E 155 -29.18 56.66 6.58
N THR E 156 -29.02 57.10 7.81
CA THR E 156 -29.10 56.24 8.98
C THR E 156 -30.26 56.66 9.85
N VAL E 157 -31.11 55.71 10.23
CA VAL E 157 -32.25 56.02 11.08
C VAL E 157 -32.21 55.11 12.29
N SER E 158 -32.43 55.70 13.47
CA SER E 158 -32.70 54.94 14.68
C SER E 158 -33.76 55.70 15.45
N TRP E 159 -34.37 55.05 16.42
CA TRP E 159 -35.43 55.66 17.20
C TRP E 159 -34.99 55.81 18.65
N ASN E 160 -35.30 56.98 19.21
CA ASN E 160 -34.92 57.33 20.58
C ASN E 160 -33.45 56.96 20.82
N SER E 161 -32.58 57.52 19.98
CA SER E 161 -31.13 57.37 20.11
C SER E 161 -30.69 55.92 20.04
N GLY E 162 -31.42 55.07 19.32
CA GLY E 162 -31.09 53.65 19.31
C GLY E 162 -31.54 52.87 20.53
N ALA E 163 -32.44 53.46 21.34
CA ALA E 163 -32.98 52.80 22.54
C ALA E 163 -34.12 51.85 22.19
N LEU E 164 -35.12 52.38 21.49
CA LEU E 164 -36.19 51.57 20.94
C LEU E 164 -35.70 50.95 19.65
N THR E 165 -35.53 49.61 19.64
CA THR E 165 -35.09 48.88 18.45
C THR E 165 -36.04 47.76 18.05
N SER E 166 -36.95 47.36 18.94
CA SER E 166 -37.86 46.24 18.70
C SER E 166 -38.99 46.66 17.78
N GLY E 167 -39.17 45.90 16.71
CA GLY E 167 -40.25 46.18 15.79
C GLY E 167 -40.05 47.46 14.98
N VAL E 168 -38.81 47.80 14.64
CA VAL E 168 -38.55 48.85 13.67
C VAL E 168 -38.30 48.18 12.32
N HIS E 169 -38.93 48.73 11.29
CA HIS E 169 -38.65 48.43 9.90
C HIS E 169 -38.20 49.72 9.20
N THR E 170 -37.12 49.64 8.46
CA THR E 170 -36.64 50.78 7.67
C THR E 170 -36.53 50.36 6.21
N PHE E 171 -37.06 51.13 5.36
CA PHE E 171 -37.14 50.50 4.06
C PHE E 171 -35.96 50.91 3.18
N PRO E 172 -35.57 50.05 2.23
CA PRO E 172 -34.62 50.50 1.21
C PRO E 172 -35.16 51.77 0.59
N ALA E 173 -34.26 52.65 0.17
CA ALA E 173 -34.63 53.88 -0.53
C ALA E 173 -35.15 53.60 -1.96
N VAL E 174 -36.08 54.45 -2.44
CA VAL E 174 -36.46 54.48 -3.86
C VAL E 174 -35.79 55.69 -4.49
N LEU E 175 -35.25 55.52 -5.71
CA LEU E 175 -34.76 56.65 -6.49
C LEU E 175 -35.94 57.29 -7.18
N GLN E 176 -36.25 58.53 -6.83
CA GLN E 176 -37.33 59.21 -7.51
C GLN E 176 -36.87 59.72 -8.90
N SER E 177 -37.85 60.11 -9.70
CA SER E 177 -37.59 60.62 -11.05
C SER E 177 -36.88 61.97 -11.04
N SER E 178 -37.02 62.73 -9.96
CA SER E 178 -36.24 63.93 -9.64
C SER E 178 -34.75 63.69 -9.56
N GLY E 179 -34.31 62.43 -9.47
CA GLY E 179 -32.92 62.13 -9.18
C GLY E 179 -32.58 62.02 -7.70
N LEU E 180 -33.53 62.17 -6.80
CA LEU E 180 -33.30 62.08 -5.36
C LEU E 180 -33.92 60.82 -4.78
N TYR E 181 -33.46 60.45 -3.59
CA TYR E 181 -33.97 59.27 -2.92
C TYR E 181 -34.94 59.64 -1.80
N SER E 182 -35.74 58.67 -1.38
CA SER E 182 -36.57 58.82 -0.20
C SER E 182 -36.82 57.45 0.41
N LEU E 183 -37.23 57.49 1.66
CA LEU E 183 -37.06 56.34 2.51
C LEU E 183 -38.10 56.45 3.61
N SER E 184 -38.20 55.41 4.42
CA SER E 184 -39.31 55.35 5.34
C SER E 184 -38.95 54.44 6.49
N SER E 185 -39.08 54.92 7.71
CA SER E 185 -38.87 54.07 8.86
C SER E 185 -40.15 54.11 9.67
N VAL E 186 -40.61 52.94 10.11
CA VAL E 186 -41.86 52.84 10.84
C VAL E 186 -41.62 51.93 12.02
N VAL E 187 -42.51 52.00 13.00
CA VAL E 187 -42.29 51.26 14.23
C VAL E 187 -43.64 50.91 14.84
N THR E 188 -43.71 49.76 15.52
CA THR E 188 -44.94 49.27 16.14
C THR E 188 -44.81 49.22 17.65
N VAL E 189 -45.74 49.89 18.33
CA VAL E 189 -45.74 50.15 19.77
C VAL E 189 -47.13 49.89 20.31
N PRO E 190 -47.27 49.69 21.63
CA PRO E 190 -48.64 49.62 22.23
C PRO E 190 -49.37 50.88 21.92
N SER E 191 -50.68 50.76 21.64
CA SER E 191 -51.49 51.97 21.57
C SER E 191 -51.70 52.59 22.94
N SER E 192 -51.43 51.83 24.00
CA SER E 192 -51.48 52.24 25.38
C SER E 192 -50.30 53.11 25.79
N SER E 193 -49.35 53.37 24.91
CA SER E 193 -48.25 54.25 25.27
C SER E 193 -48.03 55.32 24.20
N LEU E 194 -49.12 55.80 23.59
CA LEU E 194 -48.99 56.94 22.68
C LEU E 194 -48.79 58.24 23.46
N GLY E 195 -49.58 58.45 24.52
CA GLY E 195 -49.44 59.66 25.31
C GLY E 195 -48.28 59.68 26.27
N THR E 196 -47.94 58.52 26.87
CA THR E 196 -46.94 58.52 27.94
C THR E 196 -45.50 58.60 27.41
N GLN E 197 -45.16 57.78 26.41
CA GLN E 197 -43.78 57.60 25.94
C GLN E 197 -43.50 58.49 24.72
N THR E 198 -42.24 58.88 24.58
CA THR E 198 -41.86 59.89 23.59
C THR E 198 -41.21 59.18 22.41
N TYR E 199 -41.65 59.51 21.20
CA TYR E 199 -41.21 58.79 20.00
C TYR E 199 -40.51 59.76 19.06
N ILE E 200 -39.22 59.51 18.88
CA ILE E 200 -38.30 60.45 18.25
C ILE E 200 -37.34 59.67 17.36
N CYS E 201 -37.41 59.93 16.04
CA CYS E 201 -36.57 59.22 15.10
C CYS E 201 -35.40 60.11 14.80
N ASN E 202 -34.21 59.50 14.77
CA ASN E 202 -32.96 60.21 14.55
C ASN E 202 -32.59 59.91 13.09
N VAL E 203 -32.21 60.92 12.31
CA VAL E 203 -31.74 60.70 10.94
C VAL E 203 -30.37 61.32 10.78
N ASN E 204 -29.40 60.52 10.36
CA ASN E 204 -28.05 60.96 10.02
C ASN E 204 -27.83 60.83 8.52
N HIS E 205 -27.41 61.91 7.86
CA HIS E 205 -26.97 61.84 6.45
C HIS E 205 -25.52 62.28 6.36
N LYS E 206 -24.59 61.33 6.50
CA LYS E 206 -23.18 61.69 6.54
C LYS E 206 -22.68 62.39 5.27
N PRO E 207 -23.18 62.11 4.05
CA PRO E 207 -22.64 62.78 2.85
C PRO E 207 -22.78 64.28 2.87
N SER E 208 -23.43 64.81 3.91
CA SER E 208 -24.01 66.14 3.89
C SER E 208 -23.71 66.97 5.14
N ASN E 209 -23.34 66.33 6.27
CA ASN E 209 -23.24 66.96 7.58
C ASN E 209 -24.57 67.34 8.19
N THR E 210 -25.54 66.45 8.07
CA THR E 210 -26.90 66.76 8.48
C THR E 210 -27.38 65.68 9.43
N LYS E 211 -27.67 66.08 10.67
CA LYS E 211 -28.55 65.33 11.54
C LYS E 211 -29.85 66.10 11.68
N VAL E 212 -30.97 65.40 11.58
CA VAL E 212 -32.23 65.96 12.06
C VAL E 212 -32.83 64.93 13.00
N ASP E 213 -33.46 65.39 14.07
CA ASP E 213 -34.38 64.56 14.84
C ASP E 213 -35.77 65.15 14.68
N LYS E 214 -36.79 64.35 14.42
CA LYS E 214 -38.08 65.02 14.52
C LYS E 214 -38.93 64.15 15.43
N LYS E 215 -39.86 64.76 16.12
CA LYS E 215 -40.63 64.12 17.16
C LYS E 215 -41.96 63.67 16.55
N VAL E 216 -42.45 62.51 16.93
CA VAL E 216 -43.67 62.01 16.33
C VAL E 216 -44.72 61.92 17.43
N GLU E 217 -45.94 62.36 17.11
CA GLU E 217 -46.99 62.58 18.11
C GLU E 217 -48.32 62.85 17.41
N PRO E 218 -49.44 62.35 17.97
CA PRO E 218 -50.78 62.25 17.30
C PRO E 218 -51.65 63.52 17.13
N ILE F 3 -3.24 -39.26 27.01
CA ILE F 3 -4.41 -39.95 26.49
C ILE F 3 -3.95 -40.61 25.20
N THR F 4 -2.62 -40.84 25.13
CA THR F 4 -1.94 -41.71 24.17
C THR F 4 -1.48 -40.93 22.92
N ASN F 5 -1.68 -39.62 22.91
CA ASN F 5 -1.10 -38.81 21.85
C ASN F 5 -0.60 -37.52 22.44
N LEU F 6 0.22 -36.85 21.65
CA LEU F 6 0.81 -35.58 22.03
C LEU F 6 0.45 -34.57 20.96
N CYS F 7 0.20 -33.36 21.37
CA CYS F 7 -0.58 -32.44 20.57
C CYS F 7 0.21 -31.95 19.37
N PRO F 8 -0.29 -32.09 18.14
CA PRO F 8 0.43 -31.59 16.96
C PRO F 8 0.52 -30.07 16.82
N PHE F 9 0.98 -29.38 17.86
CA PHE F 9 1.09 -27.92 17.82
C PHE F 9 2.09 -27.47 16.76
N ASP F 10 3.04 -28.35 16.45
CA ASP F 10 4.10 -28.05 15.50
C ASP F 10 3.55 -27.85 14.11
N GLU F 11 2.43 -28.50 13.83
CA GLU F 11 1.84 -28.37 12.53
C GLU F 11 1.26 -26.97 12.36
N VAL F 12 1.16 -26.21 13.46
CA VAL F 12 0.59 -24.87 13.47
C VAL F 12 1.64 -23.80 13.71
N PHE F 13 2.64 -24.05 14.59
CA PHE F 13 3.65 -23.02 14.88
C PHE F 13 4.76 -22.93 13.82
N ASN F 14 5.13 -24.04 13.22
CA ASN F 14 6.38 -24.10 12.50
C ASN F 14 6.13 -24.47 11.04
N ALA F 15 4.88 -24.31 10.61
CA ALA F 15 4.52 -24.68 9.25
C ALA F 15 5.13 -23.70 8.25
N THR F 16 5.48 -24.24 7.10
CA THR F 16 6.20 -23.47 6.10
C THR F 16 5.47 -22.17 5.72
N ARG F 17 4.14 -22.19 5.63
CA ARG F 17 3.36 -21.01 5.22
C ARG F 17 2.17 -20.76 6.16
N PHE F 18 1.88 -19.49 6.46
CA PHE F 18 0.73 -19.12 7.29
C PHE F 18 -0.37 -18.53 6.44
N ALA F 19 -1.56 -18.49 7.01
CA ALA F 19 -2.73 -17.94 6.35
C ALA F 19 -2.79 -16.43 6.47
N SER F 20 -3.47 -15.79 5.50
CA SER F 20 -3.84 -14.37 5.61
C SER F 20 -4.83 -14.11 6.75
N VAL F 21 -4.66 -12.98 7.44
CA VAL F 21 -5.55 -12.73 8.58
C VAL F 21 -7.05 -12.66 8.20
N TYR F 22 -7.40 -12.18 7.01
CA TYR F 22 -8.83 -12.16 6.72
C TYR F 22 -9.37 -13.57 6.62
N ALA F 23 -8.56 -14.50 6.12
CA ALA F 23 -8.89 -15.91 6.04
C ALA F 23 -8.13 -16.76 7.05
N TRP F 24 -8.08 -16.33 8.31
CA TRP F 24 -7.28 -17.02 9.29
C TRP F 24 -7.68 -18.48 9.46
N ASN F 25 -6.67 -19.32 9.78
CA ASN F 25 -6.83 -20.75 10.03
C ASN F 25 -7.26 -21.02 11.47
N ARG F 26 -7.94 -22.13 11.69
CA ARG F 26 -8.22 -22.63 13.03
C ARG F 26 -7.93 -24.12 13.07
N LYS F 27 -7.12 -24.56 14.02
CA LYS F 27 -6.89 -25.99 14.28
C LYS F 27 -7.60 -26.35 15.57
N ARG F 28 -8.34 -27.44 15.55
CA ARG F 28 -8.99 -27.90 16.76
C ARG F 28 -8.14 -29.05 17.32
N ILE F 29 -7.78 -28.96 18.60
CA ILE F 29 -6.88 -29.89 19.28
C ILE F 29 -7.66 -30.75 20.27
N SER F 30 -7.43 -32.07 20.24
CA SER F 30 -8.14 -32.96 21.14
C SER F 30 -7.29 -34.19 21.50
N ASN F 31 -7.67 -34.85 22.61
CA ASN F 31 -7.14 -36.14 23.06
C ASN F 31 -5.63 -36.21 22.97
N CYS F 32 -4.95 -35.31 23.66
CA CYS F 32 -3.50 -35.31 23.57
C CYS F 32 -2.92 -34.63 24.80
N VAL F 33 -1.58 -34.65 24.89
CA VAL F 33 -0.81 -34.05 25.98
C VAL F 33 0.20 -33.07 25.40
N ALA F 34 0.56 -32.07 26.19
CA ALA F 34 1.46 -31.04 25.70
C ALA F 34 2.18 -30.32 26.84
N ASP F 35 3.39 -29.91 26.58
CA ASP F 35 4.19 -29.15 27.52
C ASP F 35 4.19 -27.71 27.05
N TYR F 36 3.53 -26.84 27.81
CA TYR F 36 3.54 -25.42 27.52
C TYR F 36 4.75 -24.73 28.12
N SER F 37 5.57 -25.48 28.89
CA SER F 37 6.91 -25.05 29.28
C SER F 37 7.43 -24.12 28.21
N VAL F 38 7.44 -24.63 26.97
CA VAL F 38 8.17 -24.05 25.86
C VAL F 38 7.82 -22.59 25.66
N LEU F 39 6.61 -22.20 26.01
CA LEU F 39 6.19 -20.87 25.65
C LEU F 39 6.88 -19.80 26.50
N TYR F 40 7.55 -20.16 27.61
CA TYR F 40 8.13 -19.11 28.46
C TYR F 40 9.55 -18.85 27.94
N ASN F 41 10.45 -19.83 28.13
CA ASN F 41 11.78 -19.87 27.50
C ASN F 41 11.67 -20.05 25.98
N LEU F 42 11.79 -18.97 25.23
CA LEU F 42 11.87 -19.14 23.76
C LEU F 42 12.60 -17.96 23.12
N ALA F 43 12.54 -17.94 21.77
CA ALA F 43 13.33 -17.32 20.71
C ALA F 43 13.19 -15.81 20.80
N PRO F 44 13.89 -15.00 19.99
CA PRO F 44 13.75 -13.54 20.16
C PRO F 44 12.41 -13.05 19.65
N PHE F 45 12.03 -11.85 20.08
CA PHE F 45 10.85 -11.18 19.51
C PHE F 45 9.48 -11.80 19.86
N PHE F 46 9.42 -13.03 20.39
CA PHE F 46 8.29 -13.50 21.21
C PHE F 46 7.62 -12.44 22.08
N THR F 47 6.30 -12.27 21.87
CA THR F 47 5.38 -11.56 22.73
C THR F 47 4.46 -12.67 23.23
N PHE F 48 3.95 -12.58 24.45
CA PHE F 48 3.24 -13.76 24.98
C PHE F 48 2.32 -13.37 26.13
N LYS F 49 1.58 -12.29 25.92
CA LYS F 49 0.46 -11.91 26.78
C LYS F 49 -0.49 -13.11 27.02
N CYS F 50 -1.04 -13.25 28.24
CA CYS F 50 -2.08 -14.24 28.52
C CYS F 50 -3.22 -13.61 29.30
N TYR F 51 -4.34 -14.34 29.39
CA TYR F 51 -5.56 -13.68 29.79
C TYR F 51 -6.36 -14.48 30.81
N GLY F 52 -6.91 -15.61 30.40
CA GLY F 52 -7.78 -16.32 31.31
C GLY F 52 -7.01 -17.05 32.38
N VAL F 53 -5.85 -17.59 32.01
CA VAL F 53 -5.05 -18.44 32.88
C VAL F 53 -3.75 -17.71 33.19
N SER F 54 -3.10 -18.12 34.27
CA SER F 54 -1.73 -17.65 34.47
C SER F 54 -0.77 -18.49 33.62
N PRO F 55 0.22 -17.86 32.96
CA PRO F 55 1.15 -18.64 32.12
C PRO F 55 1.80 -19.80 32.85
N THR F 56 2.08 -19.63 34.16
CA THR F 56 2.86 -20.55 34.97
C THR F 56 2.15 -21.88 35.21
N LYS F 57 0.82 -21.93 35.06
CA LYS F 57 0.01 -23.05 35.51
C LYS F 57 -0.48 -23.94 34.37
N LEU F 58 -0.18 -23.61 33.11
CA LEU F 58 -0.81 -24.30 32.01
C LEU F 58 -0.54 -25.80 32.04
N ASN F 59 0.69 -26.21 32.41
CA ASN F 59 1.11 -27.61 32.42
C ASN F 59 0.32 -28.46 33.42
N ASP F 60 -0.45 -27.82 34.32
CA ASP F 60 -1.25 -28.45 35.37
C ASP F 60 -2.70 -28.68 34.97
N LEU F 61 -3.33 -27.70 34.30
CA LEU F 61 -4.76 -27.66 34.02
C LEU F 61 -5.15 -28.58 32.85
N CYS F 62 -6.46 -28.76 32.72
CA CYS F 62 -7.04 -29.56 31.65
C CYS F 62 -8.26 -28.87 31.07
N PHE F 63 -8.45 -29.07 29.77
CA PHE F 63 -9.51 -28.41 29.01
C PHE F 63 -10.15 -29.40 28.06
N THR F 64 -11.36 -29.05 27.60
CA THR F 64 -12.12 -29.92 26.70
C THR F 64 -11.51 -29.98 25.31
N ASN F 65 -10.88 -28.88 24.90
CA ASN F 65 -10.66 -28.55 23.50
C ASN F 65 -9.88 -27.27 23.46
N VAL F 66 -8.80 -27.24 22.70
CA VAL F 66 -8.02 -26.03 22.48
C VAL F 66 -8.12 -25.69 21.02
N TYR F 67 -8.20 -24.40 20.72
CA TYR F 67 -8.28 -23.93 19.34
C TYR F 67 -6.98 -23.20 19.06
N ALA F 68 -6.38 -23.44 17.89
CA ALA F 68 -5.23 -22.67 17.42
C ALA F 68 -5.61 -21.92 16.13
N ASP F 69 -5.84 -20.62 16.28
CA ASP F 69 -6.03 -19.69 15.18
C ASP F 69 -4.67 -19.12 14.85
N SER F 70 -4.39 -18.90 13.56
CA SER F 70 -3.07 -18.42 13.17
C SER F 70 -3.16 -17.62 11.89
N PHE F 71 -2.36 -16.57 11.81
CA PHE F 71 -2.39 -15.67 10.65
C PHE F 71 -1.13 -14.83 10.67
N VAL F 72 -0.96 -14.02 9.63
CA VAL F 72 0.10 -13.04 9.56
C VAL F 72 -0.54 -11.68 9.60
N ILE F 73 -0.05 -10.84 10.50
CA ILE F 73 -0.38 -9.43 10.53
C ILE F 73 0.91 -8.66 10.62
N ARG F 74 0.79 -7.38 10.79
CA ARG F 74 1.93 -6.52 10.61
C ARG F 74 2.38 -6.16 12.02
N GLY F 75 3.68 -5.93 12.21
CA GLY F 75 4.21 -5.79 13.57
C GLY F 75 3.49 -4.83 14.51
N ASP F 76 3.32 -3.57 14.09
CA ASP F 76 2.69 -2.58 14.97
C ASP F 76 1.21 -2.84 15.18
N GLU F 77 0.64 -3.82 14.48
CA GLU F 77 -0.76 -4.20 14.64
C GLU F 77 -0.94 -5.36 15.60
N VAL F 78 0.14 -5.85 16.22
CA VAL F 78 0.03 -7.03 17.08
C VAL F 78 -0.71 -6.70 18.37
N ARG F 79 -0.80 -5.43 18.73
CA ARG F 79 -1.55 -5.05 19.92
C ARG F 79 -3.07 -4.96 19.72
N GLN F 80 -3.61 -4.91 18.47
CA GLN F 80 -5.02 -5.24 18.26
C GLN F 80 -5.42 -6.63 18.80
N ILE F 81 -4.49 -7.59 18.88
CA ILE F 81 -4.86 -8.98 19.16
C ILE F 81 -4.94 -9.20 20.67
N ALA F 82 -5.99 -8.64 21.28
CA ALA F 82 -6.21 -8.67 22.73
C ALA F 82 -7.63 -8.19 23.02
N PRO F 83 -8.27 -8.70 24.09
CA PRO F 83 -9.67 -8.37 24.34
C PRO F 83 -9.94 -6.87 24.30
N GLY F 84 -11.16 -6.51 23.89
CA GLY F 84 -11.60 -5.13 23.88
C GLY F 84 -10.57 -4.19 23.30
N GLN F 85 -10.40 -4.24 22.00
CA GLN F 85 -9.34 -3.52 21.34
C GLN F 85 -9.88 -3.03 20.01
N THR F 86 -9.31 -1.95 19.49
CA THR F 86 -9.84 -1.37 18.25
C THR F 86 -8.74 -1.19 17.22
N GLY F 87 -9.18 -1.01 15.97
CA GLY F 87 -8.30 -0.91 14.81
C GLY F 87 -8.81 -1.71 13.62
N ASN F 88 -8.21 -1.53 12.44
CA ASN F 88 -8.74 -2.23 11.27
C ASN F 88 -8.44 -3.72 11.30
N ILE F 89 -7.72 -4.22 12.29
CA ILE F 89 -7.61 -5.68 12.43
C ILE F 89 -8.71 -6.20 13.37
N ALA F 90 -8.79 -5.64 14.59
CA ALA F 90 -9.76 -6.16 15.53
C ALA F 90 -11.19 -5.93 15.06
N ASP F 91 -11.44 -4.84 14.34
CA ASP F 91 -12.80 -4.56 13.91
C ASP F 91 -13.17 -5.39 12.68
N TYR F 92 -12.25 -5.54 11.72
CA TYR F 92 -12.58 -6.05 10.39
C TYR F 92 -12.01 -7.43 10.03
N ASN F 93 -11.05 -7.96 10.80
CA ASN F 93 -10.33 -9.18 10.41
C ASN F 93 -10.41 -10.28 11.47
N TYR F 94 -9.94 -9.99 12.69
CA TYR F 94 -9.85 -11.03 13.72
C TYR F 94 -10.15 -10.39 15.06
N LYS F 95 -11.15 -10.89 15.77
CA LYS F 95 -11.69 -10.20 16.94
C LYS F 95 -11.74 -11.14 18.12
N LEU F 96 -11.04 -10.80 19.18
CA LEU F 96 -11.16 -11.58 20.39
C LEU F 96 -12.33 -11.06 21.23
N PRO F 97 -12.86 -11.87 22.16
CA PRO F 97 -14.01 -11.42 22.95
C PRO F 97 -13.57 -10.54 24.09
N ASP F 98 -14.32 -10.59 25.19
CA ASP F 98 -13.82 -10.03 26.43
C ASP F 98 -13.51 -11.15 27.41
N ASP F 99 -14.38 -12.13 27.49
CA ASP F 99 -14.21 -13.31 28.31
C ASP F 99 -13.22 -14.30 27.61
N PHE F 100 -12.06 -13.78 27.23
CA PHE F 100 -11.10 -14.56 26.48
C PHE F 100 -10.22 -15.32 27.47
N THR F 101 -10.48 -16.62 27.61
CA THR F 101 -9.54 -17.55 28.20
C THR F 101 -8.62 -18.08 27.10
N GLY F 102 -7.39 -17.60 27.05
CA GLY F 102 -6.43 -18.13 26.10
C GLY F 102 -5.14 -17.33 26.14
N CYS F 103 -4.29 -17.61 25.17
CA CYS F 103 -2.99 -16.97 25.10
C CYS F 103 -2.77 -16.48 23.68
N VAL F 104 -1.90 -15.49 23.55
CA VAL F 104 -1.65 -14.87 22.27
C VAL F 104 -0.15 -14.81 22.07
N ILE F 105 0.36 -15.67 21.19
CA ILE F 105 1.78 -15.81 20.90
C ILE F 105 2.08 -15.12 19.56
N ALA F 106 3.25 -14.51 19.44
CA ALA F 106 3.51 -13.76 18.20
C ALA F 106 4.99 -13.41 18.05
N TRP F 107 5.59 -13.78 16.92
CA TRP F 107 7.02 -13.59 16.72
C TRP F 107 7.26 -12.91 15.38
N ASN F 108 8.34 -12.14 15.32
CA ASN F 108 8.77 -11.59 14.05
C ASN F 108 9.02 -12.73 13.05
N SER F 109 8.77 -12.47 11.77
CA SER F 109 9.04 -13.46 10.74
C SER F 109 9.51 -12.77 9.47
N ASN F 110 10.34 -11.73 9.62
CA ASN F 110 10.92 -11.09 8.45
C ASN F 110 11.67 -12.08 7.57
N LYS F 111 12.27 -13.13 8.18
CA LYS F 111 13.11 -14.03 7.40
C LYS F 111 12.27 -15.06 6.65
N LEU F 112 11.11 -15.39 7.19
CA LEU F 112 10.19 -16.31 6.56
C LEU F 112 9.33 -15.61 5.49
N ASP F 113 8.76 -14.44 5.79
CA ASP F 113 7.60 -13.95 5.05
C ASP F 113 7.88 -12.78 4.13
N SER F 114 8.70 -11.83 4.53
CA SER F 114 9.15 -10.81 3.62
C SER F 114 9.80 -11.42 2.38
N LYS F 115 9.97 -10.61 1.33
CA LYS F 115 10.60 -11.04 0.09
C LYS F 115 11.35 -9.86 -0.49
N VAL F 116 12.15 -10.11 -1.52
CA VAL F 116 13.07 -9.05 -1.90
C VAL F 116 12.48 -8.18 -3.00
N SER F 117 11.35 -8.60 -3.64
CA SER F 117 10.49 -7.75 -4.46
C SER F 117 9.20 -7.29 -3.76
N GLY F 118 8.93 -7.76 -2.55
CA GLY F 118 7.63 -7.59 -1.96
C GLY F 118 6.92 -8.92 -1.89
N ASN F 119 6.36 -9.24 -0.73
CA ASN F 119 5.52 -10.41 -0.61
C ASN F 119 4.08 -9.93 -0.58
N TYR F 120 3.42 -10.02 -1.72
CA TYR F 120 2.11 -9.44 -1.87
C TYR F 120 0.99 -10.44 -1.69
N ASN F 121 1.22 -11.61 -1.09
CA ASN F 121 0.11 -12.55 -1.03
C ASN F 121 -0.34 -12.85 0.39
N TYR F 122 0.03 -12.00 1.32
CA TYR F 122 -0.67 -11.91 2.60
C TYR F 122 -1.69 -10.75 2.54
N LEU F 123 -2.95 -11.02 2.87
CA LEU F 123 -4.00 -10.05 2.63
C LEU F 123 -4.78 -9.70 3.89
N TYR F 124 -5.27 -8.45 3.96
CA TYR F 124 -6.12 -8.00 5.05
C TYR F 124 -7.37 -7.34 4.47
N ARG F 125 -8.38 -7.19 5.34
CA ARG F 125 -9.65 -6.55 4.98
C ARG F 125 -9.65 -5.08 5.39
N LEU F 126 -9.80 -4.22 4.39
CA LEU F 126 -9.86 -2.77 4.58
C LEU F 126 -11.14 -2.34 5.28
N PHE F 127 -12.28 -2.79 4.76
CA PHE F 127 -13.55 -2.17 5.09
C PHE F 127 -14.66 -3.20 5.19
N ARG F 128 -15.52 -2.97 6.18
CA ARG F 128 -16.71 -3.79 6.43
C ARG F 128 -17.86 -2.91 6.93
N LYS F 129 -19.06 -3.10 6.36
CA LYS F 129 -20.24 -2.39 6.84
C LYS F 129 -20.32 -2.45 8.38
N SER F 130 -20.16 -3.63 8.96
CA SER F 130 -20.25 -3.84 10.40
C SER F 130 -18.94 -4.39 10.96
N ASN F 131 -18.74 -4.18 12.26
CA ASN F 131 -17.62 -4.81 12.96
C ASN F 131 -17.88 -6.30 13.10
N LEU F 132 -16.77 -7.07 13.06
CA LEU F 132 -16.84 -8.53 13.20
C LEU F 132 -17.21 -8.92 14.61
N LYS F 133 -18.09 -9.90 14.70
CA LYS F 133 -18.36 -10.55 15.97
C LYS F 133 -17.18 -11.47 16.32
N PRO F 134 -16.96 -11.72 17.62
CA PRO F 134 -15.77 -12.49 18.04
C PRO F 134 -15.67 -13.83 17.33
N PHE F 135 -14.44 -14.18 16.91
CA PHE F 135 -14.18 -15.43 16.21
C PHE F 135 -15.01 -15.60 14.93
N GLU F 136 -15.20 -14.55 14.17
CA GLU F 136 -15.92 -14.67 12.90
C GLU F 136 -14.87 -14.51 11.83
N ARG F 137 -15.13 -15.05 10.65
CA ARG F 137 -14.10 -15.16 9.64
C ARG F 137 -14.76 -14.75 8.34
N ASP F 138 -14.58 -13.50 7.95
CA ASP F 138 -15.31 -12.98 6.80
C ASP F 138 -14.44 -13.22 5.58
N ILE F 139 -14.83 -14.21 4.78
CA ILE F 139 -14.02 -14.64 3.66
C ILE F 139 -14.47 -13.92 2.39
N SER F 140 -15.62 -13.25 2.43
CA SER F 140 -16.23 -12.41 1.41
C SER F 140 -15.27 -11.65 0.50
N THR F 141 -15.27 -11.95 -0.78
CA THR F 141 -15.14 -10.83 -1.69
C THR F 141 -16.49 -10.14 -1.80
N GLU F 142 -16.49 -8.96 -2.38
CA GLU F 142 -17.59 -8.00 -2.24
C GLU F 142 -17.27 -6.84 -3.18
N ILE F 143 -17.98 -5.74 -3.05
CA ILE F 143 -17.46 -4.43 -3.36
C ILE F 143 -18.02 -3.53 -2.28
N TYR F 144 -17.17 -2.74 -1.65
CA TYR F 144 -17.59 -1.84 -0.60
C TYR F 144 -17.78 -0.45 -1.19
N GLN F 145 -18.96 0.13 -0.99
CA GLN F 145 -19.17 1.52 -1.40
C GLN F 145 -18.73 2.41 -0.25
N ALA F 146 -17.74 3.27 -0.51
CA ALA F 146 -17.32 4.25 0.46
C ALA F 146 -17.84 5.63 0.11
N GLY F 147 -19.06 5.68 -0.40
CA GLY F 147 -19.62 6.90 -0.90
C GLY F 147 -21.12 6.82 -1.00
N ASN F 148 -21.64 7.17 -2.15
CA ASN F 148 -22.96 7.74 -2.30
C ASN F 148 -23.68 7.00 -3.40
N LYS F 149 -23.20 7.25 -4.65
CA LYS F 149 -23.50 6.43 -5.80
C LYS F 149 -23.35 4.98 -5.39
N PRO F 150 -24.32 4.14 -5.70
CA PRO F 150 -24.03 2.71 -5.70
C PRO F 150 -23.07 2.41 -6.85
N CYS F 151 -22.10 1.59 -6.56
CA CYS F 151 -21.60 0.66 -7.53
C CYS F 151 -22.32 -0.65 -7.35
N ASN F 152 -22.88 -1.12 -8.45
CA ASN F 152 -23.49 -2.43 -8.53
C ASN F 152 -22.29 -3.31 -8.86
N GLY F 153 -21.72 -3.91 -7.82
CA GLY F 153 -20.59 -4.83 -7.89
C GLY F 153 -19.42 -4.63 -8.87
N VAL F 154 -19.08 -3.41 -9.26
CA VAL F 154 -17.85 -3.17 -10.01
C VAL F 154 -16.91 -2.31 -9.16
N ALA F 155 -15.61 -2.42 -9.44
CA ALA F 155 -14.60 -1.67 -8.71
C ALA F 155 -14.37 -0.32 -9.38
N GLY F 156 -14.50 0.76 -8.63
CA GLY F 156 -14.31 2.06 -9.21
C GLY F 156 -14.02 3.11 -8.18
N PHE F 157 -14.22 4.36 -8.58
CA PHE F 157 -14.10 5.47 -7.65
C PHE F 157 -15.03 5.26 -6.47
N ASN F 158 -14.49 5.39 -5.25
CA ASN F 158 -15.18 5.13 -3.98
C ASN F 158 -15.84 3.76 -3.97
N CYS F 159 -15.40 2.87 -4.84
CA CYS F 159 -16.00 1.55 -5.01
C CYS F 159 -14.91 0.51 -4.94
N TYR F 160 -14.58 0.20 -3.69
CA TYR F 160 -13.38 -0.47 -3.28
C TYR F 160 -13.53 -1.97 -3.28
N PHE F 161 -12.60 -2.68 -3.93
CA PHE F 161 -12.50 -4.12 -3.69
C PHE F 161 -12.03 -4.30 -2.24
N PRO F 162 -12.71 -5.13 -1.44
CA PRO F 162 -12.56 -4.97 0.01
C PRO F 162 -11.26 -5.48 0.58
N LEU F 163 -10.44 -6.24 -0.16
CA LEU F 163 -9.21 -6.77 0.42
C LEU F 163 -8.00 -6.08 -0.20
N ARG F 164 -6.96 -5.89 0.63
CA ARG F 164 -5.71 -5.32 0.16
C ARG F 164 -4.51 -6.17 0.58
N SER F 165 -3.48 -6.12 -0.25
CA SER F 165 -2.26 -6.90 -0.02
C SER F 165 -1.28 -6.11 0.83
N TYR F 166 -0.88 -6.70 1.96
CA TYR F 166 0.35 -6.29 2.65
C TYR F 166 1.53 -6.27 1.68
N SER F 167 2.57 -5.54 2.03
CA SER F 167 3.72 -5.42 1.16
C SER F 167 4.91 -5.63 2.08
N PHE F 168 5.63 -6.74 1.93
CA PHE F 168 6.61 -7.12 2.93
C PHE F 168 7.98 -7.12 2.29
N ARG F 169 8.76 -6.08 2.54
CA ARG F 169 10.17 -6.03 2.18
C ARG F 169 10.99 -6.17 3.47
N PRO F 170 12.20 -6.76 3.42
CA PRO F 170 12.93 -7.07 4.66
C PRO F 170 13.76 -5.91 5.19
N THR F 171 13.72 -4.77 4.51
CA THR F 171 14.29 -3.50 4.93
C THR F 171 13.26 -2.58 5.62
N TYR F 172 12.07 -3.08 5.98
CA TYR F 172 10.99 -2.18 6.37
C TYR F 172 11.12 -1.68 7.80
N GLY F 173 11.76 -2.41 8.67
CA GLY F 173 11.83 -1.85 9.99
C GLY F 173 10.62 -2.21 10.83
N VAL F 174 10.91 -2.46 12.10
CA VAL F 174 10.34 -3.59 12.80
C VAL F 174 8.81 -3.59 12.75
N GLY F 175 8.20 -2.41 12.58
CA GLY F 175 6.76 -2.25 12.69
C GLY F 175 5.96 -2.54 11.45
N HIS F 176 6.54 -2.27 10.27
CA HIS F 176 5.98 -2.69 8.99
C HIS F 176 6.47 -4.08 8.57
N GLN F 177 6.99 -4.90 9.53
CA GLN F 177 7.53 -6.23 9.24
C GLN F 177 6.57 -7.33 9.67
N PRO F 178 6.52 -8.41 8.88
CA PRO F 178 5.51 -9.45 9.07
C PRO F 178 5.72 -10.17 10.36
N TYR F 179 4.64 -10.39 11.10
CA TYR F 179 4.70 -11.12 12.37
C TYR F 179 3.71 -12.25 12.34
N ARG F 180 4.18 -13.48 12.53
CA ARG F 180 3.26 -14.61 12.66
C ARG F 180 2.64 -14.62 14.04
N VAL F 181 1.33 -14.91 14.11
CA VAL F 181 0.56 -14.82 15.34
C VAL F 181 -0.28 -16.07 15.50
N VAL F 182 -0.37 -16.59 16.72
CA VAL F 182 -1.16 -17.76 17.04
C VAL F 182 -1.97 -17.47 18.30
N VAL F 183 -3.28 -17.64 18.24
CA VAL F 183 -4.12 -17.46 19.40
C VAL F 183 -4.53 -18.84 19.87
N LEU F 184 -4.06 -19.24 21.04
CA LEU F 184 -4.52 -20.46 21.68
C LEU F 184 -5.74 -20.12 22.54
N SER F 185 -6.75 -20.98 22.47
CA SER F 185 -8.01 -20.73 23.18
C SER F 185 -8.33 -21.98 23.98
N PHE F 186 -8.55 -21.81 25.29
CA PHE F 186 -8.71 -22.94 26.20
C PHE F 186 -10.16 -23.02 26.64
N GLU F 187 -10.84 -24.08 26.22
CA GLU F 187 -12.29 -24.17 26.26
C GLU F 187 -12.66 -25.25 27.27
N LEU F 188 -13.41 -24.86 28.28
CA LEU F 188 -13.84 -25.75 29.33
C LEU F 188 -15.37 -25.88 29.21
N LEU F 189 -15.86 -27.09 28.92
CA LEU F 189 -17.23 -27.28 28.43
C LEU F 189 -18.07 -28.37 29.10
N HIS F 190 -18.08 -29.58 28.54
CA HIS F 190 -18.79 -30.73 29.10
C HIS F 190 -17.73 -31.71 29.60
N ALA F 191 -18.17 -32.92 30.02
CA ALA F 191 -17.41 -33.75 30.94
C ALA F 191 -16.21 -34.52 30.34
N PRO F 192 -15.99 -34.56 29.02
CA PRO F 192 -14.62 -34.89 28.57
C PRO F 192 -13.71 -33.68 28.67
N ALA F 193 -12.59 -33.80 29.38
CA ALA F 193 -11.54 -32.79 29.40
C ALA F 193 -10.26 -33.48 28.91
N THR F 194 -9.97 -33.41 27.61
CA THR F 194 -9.04 -34.34 26.96
C THR F 194 -7.79 -33.71 26.34
N VAL F 195 -7.47 -32.46 26.68
CA VAL F 195 -6.23 -31.84 26.24
C VAL F 195 -5.47 -31.40 27.49
N CYS F 196 -4.76 -32.34 28.11
CA CYS F 196 -4.09 -32.06 29.40
C CYS F 196 -2.60 -31.87 29.21
N GLY F 197 -1.91 -31.50 30.28
CA GLY F 197 -0.46 -31.31 30.24
C GLY F 197 0.27 -32.44 30.92
N PRO F 198 1.60 -32.35 31.10
CA PRO F 198 2.39 -33.44 31.62
C PRO F 198 1.82 -33.93 32.96
N LYS F 199 1.85 -33.08 33.99
CA LYS F 199 1.29 -33.42 35.33
C LYS F 199 1.48 -34.90 35.64
C1 NAG G . -5.96 25.88 -7.28
C2 NAG G . -5.94 24.87 -6.11
C3 NAG G . -6.34 25.54 -4.81
C4 NAG G . -5.44 26.73 -4.55
C5 NAG G . -5.61 27.64 -5.75
C6 NAG G . -4.88 28.94 -5.61
C7 NAG G . -6.38 22.51 -6.64
C8 NAG G . -7.45 21.48 -6.86
N2 NAG G . -6.82 23.75 -6.37
O3 NAG G . -6.38 24.64 -3.71
O4 NAG G . -5.89 27.44 -3.41
O5 NAG G . -5.17 27.00 -6.95
O6 NAG G . -3.50 28.74 -5.84
O7 NAG G . -5.17 22.23 -6.72
C1 NAG G . -5.11 27.51 -2.27
C2 NAG G . -5.59 28.70 -1.53
C3 NAG G . -4.80 28.86 -0.24
C4 NAG G . -4.93 27.60 0.60
C5 NAG G . -4.57 26.37 -0.21
C6 NAG G . -4.92 25.07 0.50
C7 NAG G . -6.57 30.58 -2.82
C8 NAG G . -6.23 31.81 -3.62
N2 NAG G . -5.51 29.92 -2.32
O3 NAG G . -5.23 30.01 0.49
O4 NAG G . -4.02 27.69 1.70
O5 NAG G . -5.25 26.36 -1.49
O6 NAG G . -6.00 24.38 -0.13
O7 NAG G . -7.74 30.21 -2.66
C1 BMA G . -4.64 27.87 3.00
C2 BMA G . -3.57 27.36 4.07
C3 BMA G . -4.20 27.44 5.44
C4 BMA G . -4.66 28.91 5.72
C5 BMA G . -5.54 29.54 4.54
C6 BMA G . -5.72 31.07 4.64
O2 BMA G . -2.35 28.19 4.04
O3 BMA G . -3.34 26.88 6.47
O4 BMA G . -5.36 28.99 6.96
O5 BMA G . -4.97 29.24 3.24
O6 BMA G . -6.45 31.60 3.51
C1 FUC G . -2.88 29.56 -4.88
C2 FUC G . -1.49 29.07 -4.84
C3 FUC G . -1.11 28.95 -6.32
C4 FUC G . -1.01 30.38 -6.92
C5 FUC G . -2.38 31.20 -6.65
C6 FUC G . -2.36 32.75 -6.75
O2 FUC G . -1.40 27.81 -4.11
O3 FUC G . 0.08 28.25 -6.54
O4 FUC G . 0.11 31.02 -6.34
O5 FUC G . -2.99 30.89 -5.34
C1 NAG H . 10.91 -23.79 12.85
C2 NAG H . 11.18 -22.56 12.01
C3 NAG H . 12.68 -22.33 11.82
C4 NAG H . 13.44 -22.42 13.14
C5 NAG H . 13.06 -23.73 13.81
C6 NAG H . 13.76 -23.98 15.12
C7 NAG H . 9.31 -22.22 10.43
C8 NAG H . 8.81 -22.53 9.04
N2 NAG H . 10.52 -22.73 10.72
O3 NAG H . 12.92 -21.07 11.20
O4 NAG H . 14.85 -22.47 12.89
O5 NAG H . 11.65 -23.73 14.04
O6 NAG H . 13.22 -23.14 16.15
O7 NAG H . 8.67 -21.54 11.22
C1 NAG H . 15.73 -21.47 13.48
C2 NAG H . 17.17 -22.02 13.50
C3 NAG H . 18.15 -20.96 13.99
C4 NAG H . 18.05 -19.70 13.14
C5 NAG H . 16.58 -19.23 12.99
C6 NAG H . 16.41 -18.26 11.85
C7 NAG H . 17.35 -24.44 13.81
C8 NAG H . 17.45 -25.57 14.80
N2 NAG H . 17.28 -23.21 14.34
O3 NAG H . 19.45 -21.49 13.82
O4 NAG H . 18.87 -18.68 13.69
O5 NAG H . 15.71 -20.33 12.66
O6 NAG H . 15.80 -18.91 10.75
O7 NAG H . 17.33 -24.62 12.59
C1 FUC H . 14.22 -22.63 17.03
C2 FUC H . 13.59 -21.50 17.75
C3 FUC H . 12.33 -22.11 18.46
C4 FUC H . 12.77 -23.24 19.48
C5 FUC H . 13.65 -24.28 18.74
C6 FUC H . 14.39 -25.30 19.63
O2 FUC H . 13.28 -20.45 16.82
O3 FUC H . 11.52 -21.13 19.12
O4 FUC H . 13.48 -22.70 20.58
O5 FUC H . 14.69 -23.63 17.93
#